data_8YS8
#
_entry.id   8YS8
#
_cell.length_a   1.00
_cell.length_b   1.00
_cell.length_c   1.00
_cell.angle_alpha   90.00
_cell.angle_beta   90.00
_cell.angle_gamma   90.00
#
_symmetry.space_group_name_H-M   'P 1'
#
loop_
_entity.id
_entity.type
_entity.pdbx_description
1 polymer 'Chloride anion exchanger'
2 non-polymer 5-chloranyl-2-oxidanyl-3-thiophen-2-ylcarbonyl-indole-1-carboxamide
3 non-polymer 'CHOLESTEROL HEMISUCCINATE'
#
_entity_poly.entity_id   1
_entity_poly.type   'polypeptide(L)'
_entity_poly.pdbx_seq_one_letter_code
;MIEPFGNQYIVARPVYSTNAFEENHKKTGRHHKTFLDHLKVCCSCSPQKAKRIVLSLFPIASWLPAYRLKEWLLSDIVSG
ISTGIVAVLQGLAFALLVDIPPVYGLYASFFPAIIYLFFGTSRHISVGPFPILSMMVGLAVSGAVSKAVPDRNATTLGLP
NNSNNSSLLDDERVRVAAAASVTVLSGIIQLAFGILRIGFVVIYLSESLISGFTTAAAVHVLVSQLKFIFQLTVPSHTDP
VSIFKVLYSVFSQIEKTNIADLVTALIVLLVVSIVKEINQRFKDKLPVPIPIEFIMTVIAAGVSYGCDFKNRFKVAVVGD
MNPGFQPPITPDVETFQNTVGDCFGIAMVAFAVAFSVASVYSLKYDYPLDGNQELIALGLGNIVCGVFRGFAGSTALSRS
AVQESTGGKTQIAGLIGAIIVLIVVLAIGFLLAPLQKSVLAALALGNLKGMLMQFAEIGRLWRKDKYDCLIWIMTFIFTI
VLGLGLGLAASVAFQLLTIVFRTQFPKCSTLANIGRTNIYKNKKDYYDMYEPEGVKIFRCPSPIYFANIGFFRRKLIDAV
GFSPLRILRKRNKALRKIRKLQKQGLLQVTPKGFICTVDTIKDSDEELDNNQIEVLDQPINTTDLPFHIDWNDDLPLNIE
VPKISLHSLILDFSAVSFLDVSSVRGLKSILQEFIRIKVDVYIVGTDDDFIEKLNRYEFFDGEVKSSIFFLTIHDAVLHI
LMKKDYSTSKFNPSQEKDGKIDFTINTNGGLRNRVYEVPVETKF
;
_entity_poly.pdbx_strand_id   A,B
#
# COMPACT_ATOMS: atom_id res chain seq x y z
N GLN A 8 -25.27 37.73 -9.16
CA GLN A 8 -25.37 37.18 -7.81
C GLN A 8 -25.83 35.72 -7.85
N TYR A 9 -25.58 35.00 -6.76
CA TYR A 9 -25.89 33.58 -6.68
C TYR A 9 -27.36 33.42 -6.28
N ILE A 10 -28.21 33.13 -7.25
CA ILE A 10 -29.65 32.95 -7.03
C ILE A 10 -30.05 31.60 -7.57
N VAL A 11 -30.72 30.81 -6.74
CA VAL A 11 -31.18 29.47 -7.11
C VAL A 11 -32.62 29.31 -6.64
N ALA A 12 -33.48 28.78 -7.52
CA ALA A 12 -34.90 28.59 -7.24
C ALA A 12 -35.35 27.21 -7.68
N ARG A 13 -34.58 26.19 -7.32
CA ARG A 13 -34.89 24.81 -7.65
C ARG A 13 -35.63 24.14 -6.51
N PRO A 14 -36.38 23.07 -6.80
CA PRO A 14 -37.02 22.31 -5.72
C PRO A 14 -36.00 21.46 -4.96
N VAL A 15 -36.43 20.96 -3.82
CA VAL A 15 -35.59 20.14 -2.97
C VAL A 15 -35.63 18.69 -3.47
N TYR A 16 -34.46 18.13 -3.73
CA TYR A 16 -34.35 16.78 -4.25
C TYR A 16 -33.76 15.84 -3.21
N SER A 17 -33.98 14.54 -3.42
CA SER A 17 -33.51 13.52 -2.50
C SER A 17 -32.94 12.30 -3.23
N THR A 18 -32.33 12.52 -4.39
CA THR A 18 -31.62 11.49 -5.16
C THR A 18 -32.56 10.36 -5.57
N ASN A 19 -33.84 10.46 -5.19
CA ASN A 19 -34.87 9.54 -5.65
C ASN A 19 -36.07 10.25 -6.24
N ALA A 20 -36.30 11.52 -5.93
CA ALA A 20 -37.19 12.37 -6.69
C ALA A 20 -36.47 13.05 -7.86
N PHE A 21 -35.15 12.90 -7.94
CA PHE A 21 -34.34 13.46 -9.01
C PHE A 21 -34.33 12.55 -10.24
N GLU A 22 -34.11 11.25 -10.04
CA GLU A 22 -34.15 10.32 -11.15
C GLU A 22 -35.55 10.23 -11.76
N GLU A 23 -36.59 10.45 -10.96
CA GLU A 23 -37.96 10.46 -11.45
C GLU A 23 -38.37 11.80 -12.04
N ASN A 24 -37.48 12.81 -12.00
CA ASN A 24 -37.73 14.09 -12.64
C ASN A 24 -36.82 14.34 -13.83
N HIS A 25 -35.77 13.54 -14.01
CA HIS A 25 -34.86 13.67 -15.15
C HIS A 25 -34.53 12.28 -15.65
N LYS A 26 -34.84 12.01 -16.91
CA LYS A 26 -34.60 10.70 -17.49
C LYS A 26 -33.10 10.43 -17.62
N LYS A 27 -32.71 9.19 -17.37
CA LYS A 27 -31.32 8.79 -17.47
C LYS A 27 -30.99 8.44 -18.93
N THR A 28 -29.83 7.83 -19.15
CA THR A 28 -29.37 7.45 -20.48
C THR A 28 -29.26 5.93 -20.56
N GLY A 29 -28.69 5.45 -21.66
CA GLY A 29 -28.64 4.03 -21.94
C GLY A 29 -27.93 3.19 -20.89
N ARG A 30 -26.61 3.32 -20.79
CA ARG A 30 -25.80 2.48 -19.91
C ARG A 30 -26.10 1.01 -20.13
N HIS A 31 -26.19 0.63 -21.41
CA HIS A 31 -26.77 -0.64 -21.82
C HIS A 31 -25.76 -1.79 -21.90
N HIS A 32 -24.48 -1.53 -21.64
CA HIS A 32 -23.46 -2.55 -21.79
C HIS A 32 -22.53 -2.54 -20.59
N LYS A 33 -22.01 -3.72 -20.25
CA LYS A 33 -21.06 -3.88 -19.17
C LYS A 33 -19.63 -3.77 -19.71
N THR A 34 -18.64 -4.11 -18.90
CA THR A 34 -17.25 -3.99 -19.32
C THR A 34 -16.39 -5.19 -18.90
N PHE A 35 -17.01 -6.31 -18.55
CA PHE A 35 -16.26 -7.50 -18.17
C PHE A 35 -16.53 -8.70 -19.07
N LEU A 36 -17.79 -9.07 -19.25
CA LEU A 36 -18.11 -10.27 -20.02
C LEU A 36 -18.34 -10.00 -21.49
N ASP A 37 -18.67 -8.75 -21.86
CA ASP A 37 -18.90 -8.39 -23.25
C ASP A 37 -17.71 -7.66 -23.88
N HIS A 38 -16.58 -7.58 -23.19
CA HIS A 38 -15.45 -6.81 -23.70
C HIS A 38 -14.76 -7.48 -24.88
N LEU A 39 -15.11 -8.72 -25.23
CA LEU A 39 -14.51 -9.38 -26.37
C LEU A 39 -15.12 -8.83 -27.67
N LYS A 40 -14.76 -9.48 -28.78
CA LYS A 40 -15.25 -9.18 -30.13
C LYS A 40 -14.77 -7.82 -30.64
N VAL A 41 -14.00 -7.08 -29.85
CA VAL A 41 -13.42 -5.82 -30.29
C VAL A 41 -11.90 -5.92 -30.16
N CYS A 42 -11.44 -6.79 -29.26
CA CYS A 42 -10.02 -7.07 -29.10
C CYS A 42 -9.55 -8.19 -30.02
N CYS A 43 -10.39 -9.20 -30.22
CA CYS A 43 -10.09 -10.31 -31.12
C CYS A 43 -10.61 -10.08 -32.53
N SER A 44 -11.25 -8.95 -32.79
CA SER A 44 -11.79 -8.65 -34.12
C SER A 44 -10.67 -8.33 -35.08
N CYS A 45 -10.20 -9.33 -35.82
CA CYS A 45 -9.11 -9.13 -36.76
C CYS A 45 -9.57 -8.25 -37.93
N SER A 46 -8.79 -7.23 -38.24
CA SER A 46 -9.06 -6.31 -39.32
C SER A 46 -7.78 -6.03 -40.07
N PRO A 47 -7.87 -5.71 -41.37
CA PRO A 47 -6.64 -5.39 -42.12
C PRO A 47 -5.94 -4.14 -41.61
N GLN A 48 -6.68 -3.04 -41.44
CA GLN A 48 -6.07 -1.82 -40.93
C GLN A 48 -5.59 -2.00 -39.50
N LYS A 49 -6.30 -2.80 -38.71
CA LYS A 49 -5.84 -3.08 -37.34
C LYS A 49 -4.53 -3.85 -37.36
N ALA A 50 -4.40 -4.83 -38.26
CA ALA A 50 -3.16 -5.58 -38.37
C ALA A 50 -2.01 -4.68 -38.81
N LYS A 51 -2.27 -3.81 -39.79
CA LYS A 51 -1.23 -2.88 -40.22
C LYS A 51 -0.80 -1.96 -39.08
N ARG A 52 -1.77 -1.43 -38.32
CA ARG A 52 -1.45 -0.56 -37.21
C ARG A 52 -0.64 -1.28 -36.15
N ILE A 53 -1.04 -2.52 -35.81
CA ILE A 53 -0.34 -3.24 -34.76
C ILE A 53 1.07 -3.63 -35.21
N VAL A 54 1.24 -3.97 -36.48
CA VAL A 54 2.57 -4.31 -36.96
C VAL A 54 3.46 -3.06 -37.01
N LEU A 55 2.89 -1.92 -37.37
CA LEU A 55 3.66 -0.68 -37.36
C LEU A 55 4.07 -0.29 -35.94
N SER A 56 3.16 -0.51 -34.97
CA SER A 56 3.49 -0.22 -33.58
C SER A 56 4.56 -1.16 -33.05
N LEU A 57 4.47 -2.45 -33.39
CA LEU A 57 5.47 -3.40 -32.94
C LEU A 57 6.80 -3.25 -33.65
N PHE A 58 6.81 -2.61 -34.82
CA PHE A 58 8.04 -2.30 -35.55
C PHE A 58 8.08 -0.81 -35.83
N PRO A 59 8.42 0.00 -34.82
CA PRO A 59 8.40 1.46 -35.01
C PRO A 59 9.39 1.97 -36.03
N ILE A 60 10.37 1.15 -36.43
CA ILE A 60 11.36 1.58 -37.42
C ILE A 60 10.67 1.98 -38.73
N ALA A 61 9.72 1.17 -39.18
CA ALA A 61 9.01 1.48 -40.42
C ALA A 61 8.14 2.72 -40.29
N SER A 62 7.87 3.18 -39.07
CA SER A 62 7.03 4.37 -38.89
C SER A 62 7.81 5.64 -39.22
N TRP A 63 9.08 5.72 -38.81
CA TRP A 63 9.83 6.96 -38.95
C TRP A 63 10.98 6.90 -39.94
N LEU A 64 11.36 5.72 -40.42
CA LEU A 64 12.38 5.66 -41.47
C LEU A 64 11.95 6.37 -42.75
N PRO A 65 10.77 6.10 -43.33
CA PRO A 65 10.39 6.84 -44.55
C PRO A 65 10.28 8.35 -44.34
N ALA A 66 9.82 8.78 -43.17
CA ALA A 66 9.64 10.20 -42.89
C ALA A 66 10.94 10.78 -42.33
N TYR A 67 11.92 10.93 -43.22
CA TYR A 67 13.24 11.43 -42.88
C TYR A 67 13.55 12.65 -43.72
N ARG A 68 13.97 13.73 -43.06
CA ARG A 68 14.39 14.96 -43.74
C ARG A 68 15.92 14.99 -43.69
N LEU A 69 16.53 14.33 -44.67
CA LEU A 69 17.98 14.11 -44.64
C LEU A 69 18.74 15.42 -44.70
N LYS A 70 18.39 16.30 -45.65
CA LYS A 70 19.18 17.50 -45.90
C LYS A 70 19.23 18.43 -44.69
N GLU A 71 18.31 18.28 -43.74
CA GLU A 71 18.32 19.08 -42.54
C GLU A 71 18.58 18.30 -41.27
N TRP A 72 18.67 16.97 -41.34
CA TRP A 72 18.90 16.15 -40.16
C TRP A 72 20.22 15.41 -40.14
N LEU A 73 20.81 15.14 -41.30
CA LEU A 73 21.88 14.15 -41.39
C LEU A 73 23.16 14.61 -40.68
N LEU A 74 23.58 15.86 -40.94
CA LEU A 74 24.83 16.34 -40.35
C LEU A 74 24.73 16.42 -38.83
N SER A 75 23.62 16.97 -38.32
CA SER A 75 23.44 17.04 -36.87
C SER A 75 23.38 15.65 -36.26
N ASP A 76 22.68 14.72 -36.91
CA ASP A 76 22.61 13.36 -36.40
C ASP A 76 23.98 12.71 -36.40
N ILE A 77 24.78 12.96 -37.44
CA ILE A 77 26.12 12.36 -37.51
C ILE A 77 27.00 12.90 -36.38
N VAL A 78 26.96 14.21 -36.16
CA VAL A 78 27.79 14.80 -35.10
C VAL A 78 27.37 14.26 -33.75
N SER A 79 26.06 14.23 -33.49
CA SER A 79 25.57 13.71 -32.21
C SER A 79 25.92 12.23 -32.06
N GLY A 80 25.88 11.48 -33.15
CA GLY A 80 26.22 10.07 -33.09
C GLY A 80 27.69 9.84 -32.76
N ILE A 81 28.59 10.62 -33.36
CA ILE A 81 30.00 10.50 -33.03
C ILE A 81 30.23 10.85 -31.57
N SER A 82 29.61 11.94 -31.10
CA SER A 82 29.79 12.34 -29.71
C SER A 82 29.29 11.26 -28.76
N THR A 83 28.07 10.76 -29.00
CA THR A 83 27.51 9.76 -28.11
C THR A 83 28.26 8.43 -28.22
N GLY A 84 28.85 8.14 -29.38
CA GLY A 84 29.66 6.94 -29.51
C GLY A 84 30.94 7.01 -28.71
N ILE A 85 31.62 8.16 -28.76
CA ILE A 85 32.84 8.30 -27.97
C ILE A 85 32.50 8.27 -26.48
N VAL A 86 31.37 8.88 -26.09
CA VAL A 86 31.00 8.85 -24.68
C VAL A 86 30.60 7.44 -24.26
N ALA A 87 29.93 6.70 -25.15
CA ALA A 87 29.51 5.34 -24.82
C ALA A 87 30.70 4.40 -24.71
N VAL A 88 31.70 4.55 -25.59
CA VAL A 88 32.89 3.72 -25.44
C VAL A 88 33.66 4.11 -24.19
N LEU A 89 33.63 5.39 -23.81
CA LEU A 89 34.31 5.80 -22.58
C LEU A 89 33.56 5.29 -21.34
N GLN A 90 32.26 5.08 -21.46
CA GLN A 90 31.41 4.73 -20.32
C GLN A 90 31.19 3.24 -20.15
N GLY A 91 31.22 2.46 -21.24
CA GLY A 91 30.99 1.04 -21.13
C GLY A 91 32.08 0.33 -20.36
N LEU A 92 33.34 0.60 -20.70
CA LEU A 92 34.47 0.03 -19.98
C LEU A 92 34.79 0.80 -18.72
N ALA A 93 33.86 1.63 -18.25
CA ALA A 93 33.92 2.25 -16.93
C ALA A 93 32.87 1.69 -15.99
N PHE A 94 31.62 1.59 -16.47
CA PHE A 94 30.60 0.86 -15.73
C PHE A 94 30.87 -0.63 -15.70
N ALA A 95 31.72 -1.13 -16.60
CA ALA A 95 32.10 -2.53 -16.61
C ALA A 95 32.95 -2.92 -15.41
N LEU A 96 33.47 -1.95 -14.66
CA LEU A 96 34.20 -2.27 -13.43
C LEU A 96 33.30 -2.43 -12.22
N LEU A 97 32.12 -1.82 -12.22
CA LEU A 97 31.19 -2.02 -11.11
C LEU A 97 30.80 -3.48 -11.00
N VAL A 98 30.54 -4.13 -12.13
CA VAL A 98 30.55 -5.59 -12.19
C VAL A 98 31.99 -6.05 -12.22
N ASP A 99 32.30 -7.13 -11.51
CA ASP A 99 33.67 -7.62 -11.45
C ASP A 99 33.94 -8.52 -12.66
N ILE A 100 33.95 -7.88 -13.83
CA ILE A 100 34.21 -8.55 -15.09
C ILE A 100 35.27 -7.75 -15.84
N PRO A 101 35.98 -8.39 -16.77
CA PRO A 101 36.92 -7.66 -17.60
C PRO A 101 36.20 -6.57 -18.38
N PRO A 102 36.85 -5.43 -18.60
CA PRO A 102 36.19 -4.31 -19.29
C PRO A 102 36.00 -4.53 -20.78
N VAL A 103 36.45 -5.67 -21.33
CA VAL A 103 36.19 -5.96 -22.74
C VAL A 103 34.70 -6.10 -22.98
N TYR A 104 34.00 -6.81 -22.09
CA TYR A 104 32.57 -7.05 -22.23
C TYR A 104 31.74 -5.81 -21.99
N GLY A 105 32.30 -4.77 -21.39
CA GLY A 105 31.54 -3.54 -21.18
C GLY A 105 31.13 -2.89 -22.49
N LEU A 106 32.02 -2.89 -23.48
CA LEU A 106 31.68 -2.35 -24.79
C LEU A 106 30.55 -3.14 -25.45
N TYR A 107 30.44 -4.44 -25.14
CA TYR A 107 29.36 -5.24 -25.71
C TYR A 107 28.01 -4.74 -25.22
N ALA A 108 27.91 -4.35 -23.95
CA ALA A 108 26.65 -3.88 -23.40
C ALA A 108 26.18 -2.57 -24.02
N SER A 109 27.05 -1.87 -24.75
CA SER A 109 26.70 -0.60 -25.36
C SER A 109 26.46 -0.70 -26.87
N PHE A 110 26.50 -1.89 -27.44
CA PHE A 110 26.36 -2.06 -28.88
C PHE A 110 25.10 -2.82 -29.28
N PHE A 111 24.93 -4.05 -28.78
CA PHE A 111 23.75 -4.83 -29.14
C PHE A 111 22.45 -4.22 -28.65
N PRO A 112 22.33 -3.73 -27.40
CA PRO A 112 21.09 -3.02 -27.04
C PRO A 112 20.80 -1.84 -27.94
N ALA A 113 21.82 -1.09 -28.34
CA ALA A 113 21.60 0.02 -29.25
C ALA A 113 21.08 -0.45 -30.60
N ILE A 114 21.68 -1.51 -31.14
CA ILE A 114 21.26 -2.01 -32.45
C ILE A 114 19.83 -2.52 -32.39
N ILE A 115 19.48 -3.26 -31.34
CA ILE A 115 18.11 -3.78 -31.22
C ILE A 115 17.12 -2.63 -31.02
N TYR A 116 17.47 -1.66 -30.18
CA TYR A 116 16.58 -0.53 -29.93
C TYR A 116 16.39 0.33 -31.17
N LEU A 117 17.38 0.35 -32.08
CA LEU A 117 17.19 1.05 -33.33
C LEU A 117 15.94 0.54 -34.05
N PHE A 118 15.79 -0.77 -34.14
CA PHE A 118 14.63 -1.35 -34.81
C PHE A 118 13.38 -1.26 -33.95
N PHE A 119 13.49 -1.50 -32.65
CA PHE A 119 12.32 -1.79 -31.83
C PHE A 119 11.88 -0.65 -30.92
N GLY A 120 12.55 0.49 -30.94
CA GLY A 120 12.30 1.55 -29.98
C GLY A 120 11.49 2.70 -30.55
N THR A 121 10.78 3.40 -29.66
CA THR A 121 9.96 4.55 -30.03
C THR A 121 10.66 5.88 -29.83
N SER A 122 11.37 6.05 -28.72
CA SER A 122 12.04 7.32 -28.45
C SER A 122 13.15 7.56 -29.47
N ARG A 123 13.36 8.84 -29.79
CA ARG A 123 14.37 9.24 -30.76
C ARG A 123 15.47 10.09 -30.15
N HIS A 124 15.58 10.11 -28.81
CA HIS A 124 16.58 10.94 -28.16
C HIS A 124 17.28 10.24 -27.00
N ILE A 125 17.25 8.92 -26.96
CA ILE A 125 17.95 8.18 -25.90
C ILE A 125 18.97 7.25 -26.54
N SER A 126 20.08 7.06 -25.84
CA SER A 126 21.17 6.20 -26.29
C SER A 126 21.27 5.05 -25.28
N VAL A 127 20.59 3.95 -25.59
CA VAL A 127 20.50 2.83 -24.66
C VAL A 127 21.87 2.18 -24.51
N GLY A 128 22.25 1.91 -23.26
CA GLY A 128 23.50 1.25 -22.94
C GLY A 128 23.53 0.87 -21.48
N PRO A 129 24.72 0.77 -20.89
CA PRO A 129 24.82 0.53 -19.46
C PRO A 129 24.89 1.81 -18.66
N PHE A 130 24.26 1.80 -17.48
CA PHE A 130 24.33 2.93 -16.57
C PHE A 130 24.61 2.43 -15.16
N PRO A 131 25.24 3.27 -14.32
CA PRO A 131 25.85 2.74 -13.08
C PRO A 131 24.89 2.03 -12.14
N ILE A 132 23.65 2.51 -12.03
CA ILE A 132 22.71 1.90 -11.09
C ILE A 132 22.44 0.44 -11.49
N LEU A 133 22.08 0.23 -12.76
CA LEU A 133 21.84 -1.13 -13.22
C LEU A 133 23.11 -1.96 -13.25
N SER A 134 24.25 -1.33 -13.54
CA SER A 134 25.51 -2.06 -13.49
C SER A 134 25.77 -2.61 -12.09
N MET A 135 25.53 -1.81 -11.06
CA MET A 135 25.73 -2.29 -9.70
C MET A 135 24.68 -3.32 -9.30
N MET A 136 23.44 -3.16 -9.77
CA MET A 136 22.44 -4.19 -9.52
C MET A 136 22.88 -5.52 -10.13
N VAL A 137 23.38 -5.48 -11.37
CA VAL A 137 23.87 -6.70 -12.02
C VAL A 137 25.07 -7.25 -11.27
N GLY A 138 25.93 -6.39 -10.76
CA GLY A 138 27.08 -6.85 -10.00
C GLY A 138 26.68 -7.56 -8.73
N LEU A 139 25.73 -6.98 -7.99
CA LEU A 139 25.24 -7.65 -6.79
C LEU A 139 24.57 -8.97 -7.12
N ALA A 140 23.78 -9.00 -8.20
CA ALA A 140 23.11 -10.23 -8.59
C ALA A 140 24.12 -11.32 -8.97
N VAL A 141 25.16 -10.94 -9.72
CA VAL A 141 26.14 -11.93 -10.17
C VAL A 141 27.00 -12.40 -8.99
N SER A 142 27.27 -11.51 -8.03
CA SER A 142 27.98 -11.93 -6.83
C SER A 142 27.14 -12.93 -6.03
N GLY A 143 25.85 -12.65 -5.88
CA GLY A 143 24.97 -13.60 -5.22
C GLY A 143 24.91 -14.93 -5.95
N ALA A 144 24.87 -14.88 -7.29
CA ALA A 144 24.84 -16.10 -8.08
C ALA A 144 26.10 -16.94 -7.89
N VAL A 145 27.27 -16.29 -7.92
CA VAL A 145 28.51 -17.02 -7.77
C VAL A 145 28.66 -17.53 -6.34
N SER A 146 28.07 -16.84 -5.36
CA SER A 146 28.10 -17.33 -3.99
C SER A 146 27.15 -18.50 -3.78
N LYS A 147 26.02 -18.53 -4.48
CA LYS A 147 25.00 -19.55 -4.29
C LYS A 147 25.15 -20.73 -5.24
N ALA A 148 26.19 -20.76 -6.07
CA ALA A 148 26.37 -21.83 -7.03
C ALA A 148 27.04 -23.03 -6.39
N VAL A 149 26.44 -24.21 -6.54
CA VAL A 149 27.01 -25.45 -6.03
C VAL A 149 28.22 -25.82 -6.87
N PRO A 150 29.23 -26.50 -6.31
CA PRO A 150 30.41 -26.89 -7.09
C PRO A 150 30.25 -28.24 -7.77
N LEU A 168 42.75 -16.63 -10.58
CA LEU A 168 42.92 -15.49 -11.47
C LEU A 168 41.99 -15.60 -12.68
N LEU A 169 42.43 -16.35 -13.69
CA LEU A 169 41.64 -16.55 -14.90
C LEU A 169 40.40 -17.41 -14.66
N ASP A 170 40.32 -18.09 -13.52
CA ASP A 170 39.23 -19.02 -13.24
C ASP A 170 38.01 -18.37 -12.59
N ASP A 171 38.07 -17.06 -12.29
CA ASP A 171 36.98 -16.38 -11.61
C ASP A 171 36.18 -15.49 -12.53
N GLU A 172 36.84 -14.66 -13.34
CA GLU A 172 36.11 -13.76 -14.22
C GLU A 172 35.31 -14.52 -15.28
N ARG A 173 35.71 -15.75 -15.63
CA ARG A 173 34.93 -16.52 -16.59
C ARG A 173 33.55 -16.85 -16.04
N VAL A 174 33.49 -17.39 -14.82
CA VAL A 174 32.19 -17.69 -14.23
C VAL A 174 31.44 -16.40 -13.91
N ARG A 175 32.17 -15.34 -13.53
CA ARG A 175 31.51 -14.05 -13.30
C ARG A 175 30.81 -13.56 -14.57
N VAL A 176 31.50 -13.64 -15.70
CA VAL A 176 30.92 -13.18 -16.96
C VAL A 176 29.76 -14.07 -17.38
N ALA A 177 29.90 -15.38 -17.21
CA ALA A 177 28.80 -16.28 -17.57
C ALA A 177 27.56 -15.99 -16.73
N ALA A 178 27.74 -15.80 -15.42
CA ALA A 178 26.60 -15.53 -14.56
C ALA A 178 26.00 -14.17 -14.84
N ALA A 179 26.83 -13.17 -15.17
CA ALA A 179 26.31 -11.86 -15.54
C ALA A 179 25.50 -11.94 -16.83
N ALA A 180 25.99 -12.70 -17.82
CA ALA A 180 25.24 -12.86 -19.06
C ALA A 180 23.91 -13.54 -18.80
N SER A 181 23.89 -14.57 -17.95
CA SER A 181 22.64 -15.26 -17.64
C SER A 181 21.66 -14.37 -16.89
N VAL A 182 22.16 -13.59 -15.94
CA VAL A 182 21.26 -12.70 -15.18
C VAL A 182 20.72 -11.61 -16.09
N THR A 183 21.53 -11.13 -17.04
CA THR A 183 21.03 -10.18 -18.03
C THR A 183 19.97 -10.82 -18.91
N VAL A 184 20.18 -12.08 -19.31
CA VAL A 184 19.19 -12.78 -20.12
C VAL A 184 17.87 -12.91 -19.36
N LEU A 185 17.94 -13.25 -18.08
CA LEU A 185 16.70 -13.39 -17.31
C LEU A 185 16.00 -12.05 -17.13
N SER A 186 16.77 -10.99 -16.88
CA SER A 186 16.17 -9.66 -16.79
C SER A 186 15.49 -9.27 -18.09
N GLY A 187 16.14 -9.56 -19.22
CA GLY A 187 15.53 -9.27 -20.51
C GLY A 187 14.27 -10.08 -20.75
N ILE A 188 14.28 -11.35 -20.32
CA ILE A 188 13.08 -12.19 -20.47
C ILE A 188 11.94 -11.62 -19.65
N ILE A 189 12.23 -11.19 -18.42
CA ILE A 189 11.20 -10.61 -17.57
C ILE A 189 10.65 -9.33 -18.20
N GLN A 190 11.55 -8.48 -18.72
CA GLN A 190 11.10 -7.24 -19.36
C GLN A 190 10.25 -7.53 -20.59
N LEU A 191 10.65 -8.51 -21.40
CA LEU A 191 9.88 -8.85 -22.59
C LEU A 191 8.51 -9.41 -22.21
N ALA A 192 8.45 -10.24 -21.17
CA ALA A 192 7.16 -10.76 -20.73
C ALA A 192 6.26 -9.65 -20.22
N PHE A 193 6.83 -8.70 -19.47
CA PHE A 193 6.04 -7.57 -18.99
C PHE A 193 5.53 -6.73 -20.15
N GLY A 194 6.37 -6.50 -21.16
CA GLY A 194 5.93 -5.74 -22.32
C GLY A 194 4.85 -6.46 -23.12
N ILE A 195 4.99 -7.78 -23.28
CA ILE A 195 3.99 -8.56 -23.99
C ILE A 195 2.65 -8.53 -23.25
N LEU A 196 2.69 -8.66 -21.93
CA LEU A 196 1.48 -8.59 -21.13
C LEU A 196 0.88 -7.19 -21.08
N ARG A 197 1.53 -6.21 -21.70
CA ARG A 197 1.05 -4.83 -21.80
C ARG A 197 0.89 -4.16 -20.44
N ILE A 198 1.62 -4.64 -19.44
CA ILE A 198 1.66 -3.96 -18.13
C ILE A 198 2.82 -2.97 -18.19
N GLY A 199 2.55 -1.82 -18.77
CA GLY A 199 3.53 -0.75 -18.87
C GLY A 199 3.29 0.32 -17.84
N PHE A 200 2.18 0.19 -17.11
CA PHE A 200 1.82 1.12 -16.05
C PHE A 200 2.48 0.79 -14.72
N VAL A 201 3.53 -0.04 -14.74
CA VAL A 201 4.27 -0.30 -13.51
C VAL A 201 5.04 0.94 -13.07
N VAL A 202 5.47 1.77 -14.02
CA VAL A 202 6.31 2.93 -13.73
C VAL A 202 5.61 3.94 -12.82
N ILE A 203 4.28 3.92 -12.74
CA ILE A 203 3.58 4.91 -11.91
C ILE A 203 3.47 4.46 -10.46
N TYR A 204 4.10 3.36 -10.09
CA TYR A 204 4.25 2.97 -8.69
C TYR A 204 5.58 3.45 -8.11
N LEU A 205 6.16 4.50 -8.69
CA LEU A 205 7.53 4.92 -8.41
C LEU A 205 7.57 6.43 -8.19
N SER A 206 6.76 6.90 -7.25
CA SER A 206 6.63 8.31 -6.91
C SER A 206 7.96 9.03 -6.93
N GLU A 207 7.93 10.30 -7.37
CA GLU A 207 9.14 11.09 -7.53
C GLU A 207 9.95 11.17 -6.24
N SER A 208 9.29 11.17 -5.08
CA SER A 208 10.03 11.17 -3.83
C SER A 208 10.85 9.90 -3.66
N LEU A 209 10.23 8.74 -3.90
CA LEU A 209 10.94 7.47 -3.83
C LEU A 209 12.06 7.42 -4.87
N ILE A 210 11.79 7.91 -6.07
CA ILE A 210 12.80 7.85 -7.12
C ILE A 210 13.98 8.74 -6.78
N SER A 211 13.73 9.89 -6.15
CA SER A 211 14.82 10.76 -5.72
C SER A 211 15.63 10.12 -4.60
N GLY A 212 14.96 9.53 -3.62
CA GLY A 212 15.68 8.87 -2.55
C GLY A 212 16.53 7.71 -3.06
N PHE A 213 15.95 6.90 -3.94
CA PHE A 213 16.68 5.77 -4.51
C PHE A 213 17.84 6.25 -5.37
N THR A 214 17.66 7.36 -6.10
CA THR A 214 18.73 7.93 -6.89
C THR A 214 19.88 8.39 -5.99
N THR A 215 19.57 9.07 -4.89
CA THR A 215 20.61 9.51 -3.98
C THR A 215 21.35 8.33 -3.35
N ALA A 216 20.60 7.30 -2.95
CA ALA A 216 21.22 6.13 -2.34
C ALA A 216 22.11 5.41 -3.36
N ALA A 217 21.66 5.30 -4.61
CA ALA A 217 22.49 4.69 -5.64
C ALA A 217 23.73 5.53 -5.93
N ALA A 218 23.63 6.86 -5.82
CA ALA A 218 24.80 7.70 -5.96
C ALA A 218 25.82 7.41 -4.85
N VAL A 219 25.34 7.28 -3.61
CA VAL A 219 26.23 6.94 -2.51
C VAL A 219 26.84 5.57 -2.74
N HIS A 220 26.06 4.63 -3.27
CA HIS A 220 26.57 3.30 -3.59
C HIS A 220 27.68 3.38 -4.63
N VAL A 221 27.50 4.21 -5.66
CA VAL A 221 28.53 4.40 -6.67
C VAL A 221 29.79 4.96 -6.04
N LEU A 222 29.64 5.97 -5.18
CA LEU A 222 30.79 6.60 -4.55
C LEU A 222 31.56 5.59 -3.72
N VAL A 223 30.86 4.74 -2.95
CA VAL A 223 31.54 3.76 -2.14
C VAL A 223 32.19 2.68 -2.99
N SER A 224 31.47 2.18 -4.00
CA SER A 224 31.95 1.05 -4.79
C SER A 224 33.12 1.43 -5.69
N GLN A 225 33.26 2.70 -6.06
CA GLN A 225 34.40 3.08 -6.89
C GLN A 225 35.66 3.31 -6.08
N LEU A 226 35.60 3.21 -4.75
CA LEU A 226 36.78 3.40 -3.93
C LEU A 226 37.82 2.31 -4.16
N LYS A 227 37.36 1.06 -4.35
CA LYS A 227 38.30 -0.03 -4.54
C LYS A 227 39.11 0.11 -5.83
N PHE A 228 38.62 0.89 -6.79
CA PHE A 228 39.38 1.20 -8.00
C PHE A 228 40.11 2.53 -7.92
N ILE A 229 39.58 3.49 -7.15
CA ILE A 229 40.31 4.74 -6.97
C ILE A 229 41.52 4.55 -6.07
N PHE A 230 41.56 3.47 -5.29
CA PHE A 230 42.69 3.16 -4.43
C PHE A 230 43.57 2.04 -4.96
N GLN A 231 43.12 1.29 -5.96
CA GLN A 231 43.84 0.16 -6.53
C GLN A 231 44.13 -0.90 -5.47
N LEU A 232 43.05 -1.42 -4.89
CA LEU A 232 43.09 -2.52 -3.93
C LEU A 232 42.30 -3.71 -4.46
N THR A 233 42.28 -4.77 -3.67
CA THR A 233 41.44 -5.93 -3.93
C THR A 233 40.41 -6.05 -2.82
N VAL A 234 39.19 -6.39 -3.19
CA VAL A 234 38.08 -6.47 -2.24
C VAL A 234 37.23 -7.69 -2.57
N PRO A 235 36.93 -8.56 -1.60
CA PRO A 235 36.01 -9.67 -1.86
C PRO A 235 34.62 -9.16 -2.21
N SER A 236 33.96 -9.86 -3.12
CA SER A 236 32.63 -9.47 -3.56
C SER A 236 31.61 -9.77 -2.48
N HIS A 237 30.87 -8.75 -2.05
CA HIS A 237 29.88 -8.88 -1.00
C HIS A 237 28.48 -8.82 -1.62
N THR A 238 27.48 -9.27 -0.86
CA THR A 238 26.15 -9.48 -1.43
C THR A 238 25.07 -9.09 -0.43
N ASP A 239 24.12 -8.28 -0.88
CA ASP A 239 22.85 -7.95 -0.23
C ASP A 239 23.10 -7.38 1.17
N PRO A 240 22.58 -7.97 2.30
CA PRO A 240 22.29 -7.12 3.47
C PRO A 240 23.50 -6.35 3.97
N VAL A 241 23.35 -5.04 4.07
CA VAL A 241 24.45 -4.12 4.39
C VAL A 241 25.62 -4.40 3.44
N SER A 242 25.54 -3.86 2.23
CA SER A 242 26.57 -4.08 1.23
C SER A 242 27.47 -2.87 1.02
N ILE A 243 27.19 -1.74 1.66
CA ILE A 243 28.03 -0.57 1.56
C ILE A 243 29.07 -0.61 2.69
N PHE A 244 28.58 -0.79 3.92
CA PHE A 244 29.47 -0.78 5.07
C PHE A 244 30.42 -1.97 5.06
N LYS A 245 29.98 -3.12 4.52
CA LYS A 245 30.89 -4.24 4.33
C LYS A 245 32.01 -3.88 3.36
N VAL A 246 31.66 -3.26 2.23
CA VAL A 246 32.68 -2.79 1.30
C VAL A 246 33.52 -1.69 1.93
N LEU A 247 32.88 -0.86 2.77
CA LEU A 247 33.63 0.19 3.47
C LEU A 247 34.70 -0.42 4.36
N TYR A 248 34.37 -1.47 5.11
CA TYR A 248 35.36 -2.15 5.94
C TYR A 248 36.44 -2.79 5.06
N SER A 249 36.02 -3.53 4.03
CA SER A 249 36.99 -4.22 3.18
C SER A 249 37.93 -3.26 2.46
N VAL A 250 37.52 -2.00 2.30
CA VAL A 250 38.39 -1.00 1.69
C VAL A 250 39.26 -0.33 2.75
N PHE A 251 38.67 0.10 3.87
CA PHE A 251 39.40 0.86 4.87
C PHE A 251 40.35 0.02 5.71
N SER A 252 40.23 -1.31 5.66
CA SER A 252 41.18 -2.15 6.38
C SER A 252 42.53 -2.22 5.71
N GLN A 253 42.68 -1.73 4.49
CA GLN A 253 43.92 -1.86 3.73
C GLN A 253 44.28 -0.55 3.03
N ILE A 254 44.26 0.55 3.78
CA ILE A 254 44.73 1.83 3.23
C ILE A 254 46.22 1.77 2.92
N GLU A 255 47.00 1.08 3.75
CA GLU A 255 48.45 1.06 3.56
C GLU A 255 48.87 0.38 2.27
N LYS A 256 47.97 -0.34 1.60
CA LYS A 256 48.27 -1.05 0.37
C LYS A 256 47.92 -0.25 -0.89
N THR A 257 47.48 1.00 -0.74
CA THR A 257 47.14 1.80 -1.91
C THR A 257 48.40 2.21 -2.66
N ASN A 258 48.21 2.70 -3.88
CA ASN A 258 49.32 3.17 -4.71
C ASN A 258 49.22 4.69 -4.78
N ILE A 259 50.28 5.37 -4.36
CA ILE A 259 50.25 6.82 -4.22
C ILE A 259 50.12 7.50 -5.57
N ALA A 260 50.81 6.97 -6.59
CA ALA A 260 50.74 7.58 -7.92
C ALA A 260 49.33 7.49 -8.50
N ASP A 261 48.70 6.32 -8.37
CA ASP A 261 47.33 6.16 -8.86
C ASP A 261 46.38 7.06 -8.09
N LEU A 262 46.56 7.15 -6.77
CA LEU A 262 45.72 8.06 -5.99
C LEU A 262 45.90 9.50 -6.44
N VAL A 263 47.14 9.91 -6.69
CA VAL A 263 47.41 11.29 -7.07
C VAL A 263 46.77 11.60 -8.42
N THR A 264 46.92 10.70 -9.40
CA THR A 264 46.33 10.97 -10.70
C THR A 264 44.80 10.97 -10.62
N ALA A 265 44.22 10.09 -9.80
CA ALA A 265 42.77 10.10 -9.65
C ALA A 265 42.29 11.41 -9.06
N LEU A 266 42.94 11.90 -8.00
CA LEU A 266 42.52 13.17 -7.42
C LEU A 266 42.71 14.34 -8.36
N ILE A 267 43.87 14.43 -9.04
CA ILE A 267 44.06 15.57 -9.93
C ILE A 267 43.00 15.55 -11.03
N VAL A 268 42.74 14.37 -11.61
CA VAL A 268 41.73 14.30 -12.65
C VAL A 268 40.36 14.67 -12.12
N LEU A 269 40.01 14.24 -10.90
CA LEU A 269 38.71 14.57 -10.32
C LEU A 269 38.55 16.08 -10.16
N LEU A 270 39.53 16.72 -9.51
CA LEU A 270 39.42 18.17 -9.32
C LEU A 270 39.35 18.93 -10.64
N VAL A 271 40.18 18.57 -11.63
CA VAL A 271 40.18 19.37 -12.85
C VAL A 271 38.89 19.15 -13.62
N VAL A 272 38.37 17.91 -13.65
CA VAL A 272 37.16 17.65 -14.42
C VAL A 272 36.02 18.41 -13.76
N SER A 273 35.98 18.41 -12.42
CA SER A 273 34.92 19.16 -11.73
C SER A 273 35.04 20.65 -12.01
N ILE A 274 36.26 21.18 -11.97
CA ILE A 274 36.48 22.62 -12.16
C ILE A 274 36.00 23.03 -13.55
N VAL A 275 36.45 22.31 -14.58
CA VAL A 275 36.10 22.70 -15.94
C VAL A 275 34.65 22.40 -16.24
N LYS A 276 34.05 21.39 -15.59
CA LYS A 276 32.63 21.16 -15.74
C LYS A 276 31.82 22.32 -15.20
N GLU A 277 32.22 22.85 -14.04
CA GLU A 277 31.53 24.03 -13.51
C GLU A 277 31.80 25.26 -14.36
N ILE A 278 32.99 25.36 -14.97
CA ILE A 278 33.27 26.44 -15.91
C ILE A 278 32.31 26.36 -17.10
N ASN A 279 32.13 25.16 -17.64
CA ASN A 279 31.17 24.93 -18.71
C ASN A 279 29.77 25.33 -18.28
N GLN A 280 29.43 25.01 -17.03
CA GLN A 280 28.14 25.35 -16.45
C GLN A 280 27.92 26.86 -16.44
N ARG A 281 28.94 27.62 -16.03
CA ARG A 281 28.75 29.07 -15.83
C ARG A 281 29.13 29.84 -17.08
N PHE A 282 30.27 29.50 -17.70
CA PHE A 282 30.86 30.33 -18.74
C PHE A 282 30.30 29.94 -20.10
N LYS A 283 29.05 29.46 -20.13
CA LYS A 283 28.42 29.01 -21.37
C LYS A 283 28.38 30.12 -22.41
N ASP A 284 28.35 31.37 -21.98
CA ASP A 284 28.39 32.48 -22.93
C ASP A 284 29.73 32.53 -23.63
N LYS A 285 29.68 32.71 -24.95
CA LYS A 285 30.86 32.66 -25.80
C LYS A 285 31.64 31.36 -25.53
N LEU A 286 30.92 30.24 -25.52
CA LEU A 286 31.51 28.92 -25.32
C LEU A 286 30.99 27.99 -26.42
N PRO A 287 31.52 28.10 -27.65
CA PRO A 287 31.06 27.23 -28.74
C PRO A 287 31.32 25.76 -28.44
N VAL A 288 30.25 24.97 -28.35
CA VAL A 288 30.27 23.53 -28.10
C VAL A 288 30.70 23.27 -26.66
N PRO A 289 29.99 22.39 -25.94
CA PRO A 289 30.41 22.07 -24.57
C PRO A 289 31.80 21.43 -24.53
N ILE A 290 32.50 21.65 -23.42
CA ILE A 290 33.90 21.27 -23.28
C ILE A 290 34.03 19.75 -23.34
N PRO A 291 34.98 19.22 -24.13
CA PRO A 291 35.11 17.76 -24.30
C PRO A 291 35.91 17.08 -23.20
N ILE A 292 35.98 17.72 -22.02
CA ILE A 292 36.90 17.38 -20.93
C ILE A 292 37.04 15.88 -20.74
N GLU A 293 35.92 15.15 -20.74
CA GLU A 293 35.96 13.71 -20.47
C GLU A 293 36.89 13.00 -21.45
N PHE A 294 36.55 13.07 -22.75
CA PHE A 294 37.37 12.42 -23.76
C PHE A 294 38.75 13.03 -23.86
N ILE A 295 38.85 14.36 -23.77
CA ILE A 295 40.16 15.02 -23.90
C ILE A 295 41.11 14.49 -22.83
N MET A 296 40.63 14.33 -21.60
CA MET A 296 41.52 13.91 -20.53
C MET A 296 41.71 12.40 -20.49
N THR A 297 40.74 11.63 -20.96
CA THR A 297 41.02 10.21 -21.15
C THR A 297 42.14 10.02 -22.17
N VAL A 298 42.13 10.82 -23.24
CA VAL A 298 43.21 10.81 -24.21
C VAL A 298 44.52 11.21 -23.56
N ILE A 299 44.49 12.26 -22.74
CA ILE A 299 45.69 12.74 -22.06
C ILE A 299 46.26 11.64 -21.17
N ALA A 300 45.40 10.99 -20.39
CA ALA A 300 45.84 9.95 -19.47
C ALA A 300 46.41 8.77 -20.22
N ALA A 301 45.77 8.36 -21.32
CA ALA A 301 46.30 7.27 -22.13
C ALA A 301 47.67 7.63 -22.70
N GLY A 302 47.81 8.88 -23.16
CA GLY A 302 49.06 9.34 -23.71
C GLY A 302 50.19 9.31 -22.70
N VAL A 303 49.95 9.84 -21.49
CA VAL A 303 50.99 9.85 -20.47
C VAL A 303 51.28 8.43 -20.00
N SER A 304 50.25 7.57 -19.98
CA SER A 304 50.45 6.18 -19.60
C SER A 304 51.37 5.46 -20.58
N TYR A 305 51.16 5.70 -21.87
CA TYR A 305 52.05 5.13 -22.88
C TYR A 305 53.43 5.76 -22.82
N GLY A 306 53.50 7.04 -22.46
CA GLY A 306 54.76 7.77 -22.42
C GLY A 306 55.69 7.41 -21.28
N CYS A 307 55.27 7.65 -20.05
CA CYS A 307 56.14 7.49 -18.90
C CYS A 307 56.17 6.06 -18.37
N ASP A 308 55.43 5.14 -18.99
CA ASP A 308 55.41 3.73 -18.61
C ASP A 308 54.99 3.56 -17.15
N PHE A 309 53.73 3.91 -16.90
CA PHE A 309 53.16 3.76 -15.56
C PHE A 309 53.22 2.33 -15.08
N LYS A 310 53.20 1.35 -15.99
CA LYS A 310 53.26 -0.05 -15.58
C LYS A 310 54.65 -0.47 -15.12
N ASN A 311 55.69 0.14 -15.68
CA ASN A 311 57.06 -0.25 -15.37
C ASN A 311 57.62 0.60 -14.22
N ARG A 312 57.61 1.93 -14.39
CA ARG A 312 58.16 2.81 -13.35
C ARG A 312 57.33 2.75 -12.08
N PHE A 313 56.01 2.73 -12.19
CA PHE A 313 55.09 2.55 -11.07
C PHE A 313 54.38 1.22 -11.18
N LYS A 314 53.48 0.97 -10.22
CA LYS A 314 52.63 -0.22 -10.21
C LYS A 314 51.18 0.24 -10.27
N VAL A 315 50.53 0.03 -11.41
CA VAL A 315 49.14 0.47 -11.60
C VAL A 315 48.28 -0.71 -11.98
N ALA A 316 46.99 -0.46 -12.23
CA ALA A 316 46.03 -1.50 -12.54
C ALA A 316 45.44 -1.28 -13.93
N VAL A 317 46.31 -1.02 -14.91
CA VAL A 317 45.93 -0.66 -16.28
C VAL A 317 44.90 -1.64 -16.83
N VAL A 318 43.98 -1.12 -17.65
CA VAL A 318 43.04 -1.99 -18.37
C VAL A 318 43.82 -3.01 -19.17
N GLY A 319 43.42 -4.27 -19.07
CA GLY A 319 44.12 -5.34 -19.75
C GLY A 319 44.01 -5.25 -21.26
N ASP A 320 44.79 -6.09 -21.93
CA ASP A 320 44.81 -6.09 -23.39
C ASP A 320 43.45 -6.46 -23.94
N MET A 321 43.00 -5.70 -24.94
CA MET A 321 41.71 -5.91 -25.57
C MET A 321 41.87 -6.90 -26.72
N ASN A 322 41.23 -8.05 -26.61
CA ASN A 322 41.25 -9.01 -27.72
C ASN A 322 40.37 -8.48 -28.85
N PRO A 323 40.82 -8.57 -30.10
CA PRO A 323 40.00 -8.05 -31.21
C PRO A 323 38.95 -9.07 -31.64
N GLY A 324 37.70 -8.65 -31.63
CA GLY A 324 36.59 -9.48 -32.06
C GLY A 324 35.57 -9.69 -30.96
N PHE A 325 34.45 -10.27 -31.37
CA PHE A 325 33.35 -10.58 -30.47
C PHE A 325 33.60 -11.93 -29.80
N GLN A 326 32.60 -12.46 -29.12
CA GLN A 326 32.66 -13.78 -28.52
C GLN A 326 31.48 -14.60 -28.99
N PRO A 327 31.66 -15.92 -29.11
CA PRO A 327 30.53 -16.77 -29.53
C PRO A 327 29.42 -16.74 -28.49
N PRO A 328 28.17 -16.80 -28.92
CA PRO A 328 27.07 -16.82 -27.96
C PRO A 328 27.08 -18.08 -27.11
N ILE A 329 26.63 -17.94 -25.87
CA ILE A 329 26.55 -19.06 -24.94
C ILE A 329 25.11 -19.19 -24.47
N THR A 330 24.74 -20.43 -24.14
CA THR A 330 23.41 -20.67 -23.60
C THR A 330 23.30 -20.06 -22.21
N PRO A 331 22.14 -19.52 -21.84
CA PRO A 331 21.96 -18.97 -20.49
C PRO A 331 21.95 -20.10 -19.46
N ASP A 332 22.87 -20.01 -18.50
CA ASP A 332 22.99 -21.07 -17.51
C ASP A 332 21.75 -21.18 -16.65
N VAL A 333 21.17 -22.38 -16.59
CA VAL A 333 19.93 -22.59 -15.87
C VAL A 333 20.16 -22.63 -14.36
N GLU A 334 21.35 -23.06 -13.93
CA GLU A 334 21.62 -23.17 -12.50
C GLU A 334 21.48 -21.82 -11.81
N THR A 335 21.99 -20.75 -12.43
CA THR A 335 21.85 -19.41 -11.89
C THR A 335 20.54 -18.74 -12.28
N PHE A 336 19.73 -19.37 -13.15
CA PHE A 336 18.40 -18.87 -13.41
C PHE A 336 17.53 -18.89 -12.16
N GLN A 337 17.61 -19.98 -11.39
CA GLN A 337 16.79 -20.13 -10.21
C GLN A 337 17.27 -19.27 -9.06
N ASN A 338 18.59 -19.17 -8.89
CA ASN A 338 19.15 -18.51 -7.71
C ASN A 338 18.85 -17.02 -7.69
N THR A 339 18.95 -16.35 -8.83
CA THR A 339 18.86 -14.89 -8.89
C THR A 339 17.48 -14.38 -9.28
N VAL A 340 16.49 -15.26 -9.42
CA VAL A 340 15.18 -14.88 -9.93
C VAL A 340 14.55 -13.74 -9.15
N GLY A 341 15.01 -13.48 -7.93
CA GLY A 341 14.53 -12.36 -7.15
C GLY A 341 15.17 -11.05 -7.55
N ASP A 342 16.50 -11.05 -7.69
CA ASP A 342 17.20 -9.82 -8.03
C ASP A 342 16.95 -9.40 -9.48
N CYS A 343 16.63 -10.35 -10.36
CA CYS A 343 16.38 -10.00 -11.75
C CYS A 343 15.10 -9.19 -11.91
N PHE A 344 14.09 -9.43 -11.07
CA PHE A 344 12.90 -8.61 -11.10
C PHE A 344 13.23 -7.16 -10.77
N GLY A 345 14.04 -6.95 -9.73
CA GLY A 345 14.46 -5.61 -9.40
C GLY A 345 15.30 -4.97 -10.49
N ILE A 346 16.20 -5.76 -11.10
CA ILE A 346 17.02 -5.23 -12.19
C ILE A 346 16.15 -4.78 -13.35
N ALA A 347 15.19 -5.62 -13.74
CA ALA A 347 14.32 -5.27 -14.86
C ALA A 347 13.48 -4.05 -14.54
N MET A 348 12.92 -3.98 -13.34
CA MET A 348 12.08 -2.84 -12.98
C MET A 348 12.88 -1.56 -12.93
N VAL A 349 14.10 -1.60 -12.36
CA VAL A 349 14.93 -0.40 -12.31
C VAL A 349 15.32 0.03 -13.72
N ALA A 350 15.67 -0.92 -14.58
CA ALA A 350 16.04 -0.58 -15.96
C ALA A 350 14.87 0.08 -16.68
N PHE A 351 13.68 -0.51 -16.58
CA PHE A 351 12.51 0.04 -17.25
C PHE A 351 12.15 1.42 -16.69
N ALA A 352 12.23 1.58 -15.37
CA ALA A 352 11.91 2.87 -14.78
C ALA A 352 12.90 3.94 -15.21
N VAL A 353 14.19 3.61 -15.24
CA VAL A 353 15.19 4.58 -15.65
C VAL A 353 15.00 4.96 -17.11
N ALA A 354 14.74 3.96 -17.96
CA ALA A 354 14.52 4.24 -19.38
C ALA A 354 13.30 5.14 -19.58
N PHE A 355 12.19 4.80 -18.92
CA PHE A 355 10.97 5.59 -19.08
C PHE A 355 11.15 7.01 -18.55
N SER A 356 11.80 7.15 -17.38
CA SER A 356 12.00 8.48 -16.83
C SER A 356 12.92 9.33 -17.70
N VAL A 357 13.98 8.72 -18.23
CA VAL A 357 14.91 9.45 -19.09
C VAL A 357 14.21 9.89 -20.37
N ALA A 358 13.46 8.97 -20.99
CA ALA A 358 12.78 9.31 -22.23
C ALA A 358 11.56 10.19 -22.03
N SER A 359 11.06 10.32 -20.79
CA SER A 359 9.90 11.16 -20.55
C SER A 359 10.19 12.63 -20.86
N VAL A 360 11.38 13.10 -20.48
CA VAL A 360 11.73 14.50 -20.74
C VAL A 360 11.80 14.76 -22.25
N TYR A 361 12.47 13.88 -22.98
CA TYR A 361 12.65 14.05 -24.41
C TYR A 361 11.41 13.69 -25.21
N SER A 362 10.40 13.09 -24.59
CA SER A 362 9.10 12.96 -25.23
C SER A 362 8.19 14.13 -24.92
N LEU A 363 8.31 14.72 -23.72
CA LEU A 363 7.63 15.97 -23.44
C LEU A 363 8.12 17.08 -24.37
N LYS A 364 9.43 17.12 -24.60
CA LYS A 364 9.96 17.93 -25.69
C LYS A 364 9.78 17.19 -27.01
N TYR A 365 9.66 17.96 -28.09
CA TYR A 365 9.57 17.45 -29.46
C TYR A 365 8.25 16.72 -29.71
N ASP A 366 7.46 16.51 -28.66
CA ASP A 366 6.06 16.08 -28.76
C ASP A 366 5.88 14.86 -29.65
N TYR A 367 6.43 13.73 -29.20
CA TYR A 367 6.10 12.50 -29.91
C TYR A 367 5.51 11.48 -28.95
N PRO A 368 4.63 10.60 -29.44
CA PRO A 368 3.91 9.68 -28.53
C PRO A 368 4.71 8.43 -28.18
N LEU A 369 5.55 8.53 -27.16
CA LEU A 369 6.28 7.35 -26.67
C LEU A 369 5.29 6.34 -26.09
N ASP A 370 5.54 5.05 -26.38
CA ASP A 370 4.69 3.96 -25.91
C ASP A 370 5.48 3.13 -24.90
N GLY A 371 4.92 3.01 -23.69
CA GLY A 371 5.62 2.30 -22.63
C GLY A 371 5.81 0.83 -22.91
N ASN A 372 4.76 0.17 -23.42
CA ASN A 372 4.88 -1.26 -23.73
C ASN A 372 5.89 -1.50 -24.85
N GLN A 373 5.89 -0.64 -25.87
CA GLN A 373 6.88 -0.77 -26.93
C GLN A 373 8.29 -0.57 -26.41
N GLU A 374 8.47 0.42 -25.51
CA GLU A 374 9.78 0.63 -24.91
C GLU A 374 10.21 -0.59 -24.11
N LEU A 375 9.29 -1.18 -23.36
CA LEU A 375 9.60 -2.38 -22.59
C LEU A 375 10.02 -3.53 -23.49
N ILE A 376 9.29 -3.73 -24.60
CA ILE A 376 9.61 -4.80 -25.52
C ILE A 376 10.98 -4.58 -26.15
N ALA A 377 11.27 -3.34 -26.56
CA ALA A 377 12.57 -3.04 -27.16
C ALA A 377 13.70 -3.28 -26.18
N LEU A 378 13.55 -2.80 -24.94
CA LEU A 378 14.60 -2.98 -23.95
C LEU A 378 14.79 -4.45 -23.62
N GLY A 379 13.70 -5.21 -23.53
CA GLY A 379 13.79 -6.63 -23.30
C GLY A 379 14.54 -7.37 -24.40
N LEU A 380 14.20 -7.09 -25.66
CA LEU A 380 14.89 -7.74 -26.76
C LEU A 380 16.37 -7.37 -26.78
N GLY A 381 16.68 -6.09 -26.54
CA GLY A 381 18.07 -5.67 -26.48
C GLY A 381 18.83 -6.38 -25.37
N ASN A 382 18.21 -6.53 -24.20
CA ASN A 382 18.85 -7.23 -23.10
C ASN A 382 19.06 -8.70 -23.42
N ILE A 383 18.08 -9.34 -24.08
CA ILE A 383 18.27 -10.73 -24.49
C ILE A 383 19.46 -10.86 -25.42
N VAL A 384 19.54 -10.00 -26.44
CA VAL A 384 20.63 -10.10 -27.40
C VAL A 384 21.97 -9.87 -26.70
N CYS A 385 22.04 -8.84 -25.86
CA CYS A 385 23.29 -8.51 -25.19
C CYS A 385 23.73 -9.63 -24.24
N GLY A 386 22.79 -10.20 -23.49
CA GLY A 386 23.14 -11.28 -22.58
C GLY A 386 23.55 -12.55 -23.31
N VAL A 387 22.88 -12.84 -24.44
CA VAL A 387 23.26 -14.00 -25.23
C VAL A 387 24.65 -13.82 -25.81
N PHE A 388 25.01 -12.59 -26.20
CA PHE A 388 26.31 -12.31 -26.78
C PHE A 388 27.32 -11.83 -25.75
N ARG A 389 27.22 -12.31 -24.51
CA ARG A 389 28.25 -12.13 -23.48
C ARG A 389 28.42 -10.67 -23.06
N GLY A 390 27.31 -9.94 -22.98
CA GLY A 390 27.34 -8.59 -22.44
C GLY A 390 26.71 -8.54 -21.06
N PHE A 391 26.10 -7.40 -20.72
CA PHE A 391 25.34 -7.31 -19.48
C PHE A 391 24.24 -6.27 -19.65
N ALA A 392 23.21 -6.40 -18.81
CA ALA A 392 21.98 -5.64 -19.00
C ALA A 392 22.21 -4.15 -18.84
N GLY A 393 21.40 -3.36 -19.53
CA GLY A 393 21.53 -1.92 -19.47
C GLY A 393 20.31 -1.22 -20.04
N SER A 394 20.19 0.05 -19.68
CA SER A 394 19.16 0.94 -20.21
C SER A 394 19.78 2.31 -20.41
N THR A 395 19.06 3.19 -21.11
CA THR A 395 19.60 4.49 -21.47
C THR A 395 20.06 5.25 -20.23
N ALA A 396 21.31 5.71 -20.26
CA ALA A 396 21.89 6.45 -19.16
C ALA A 396 21.48 7.91 -19.24
N LEU A 397 21.33 8.54 -18.08
CA LEU A 397 20.88 9.93 -18.04
C LEU A 397 21.88 10.85 -18.72
N SER A 398 23.17 10.72 -18.37
CA SER A 398 24.18 11.61 -18.95
C SER A 398 24.37 11.33 -20.45
N ARG A 399 24.37 10.06 -20.84
CA ARG A 399 24.50 9.74 -22.25
C ARG A 399 23.33 10.29 -23.06
N SER A 400 22.11 10.15 -22.53
CA SER A 400 20.96 10.73 -23.22
C SER A 400 21.07 12.24 -23.29
N ALA A 401 21.53 12.88 -22.21
CA ALA A 401 21.67 14.32 -22.19
C ALA A 401 22.67 14.80 -23.23
N VAL A 402 23.82 14.14 -23.33
CA VAL A 402 24.82 14.57 -24.29
C VAL A 402 24.35 14.28 -25.73
N GLN A 403 23.65 13.17 -25.93
CA GLN A 403 23.11 12.87 -27.26
C GLN A 403 22.09 13.92 -27.68
N GLU A 404 21.22 14.34 -26.77
CA GLU A 404 20.23 15.36 -27.09
C GLU A 404 20.89 16.71 -27.32
N SER A 405 21.83 17.09 -26.45
CA SER A 405 22.45 18.41 -26.55
C SER A 405 23.31 18.53 -27.80
N THR A 406 23.97 17.44 -28.20
CA THR A 406 24.82 17.48 -29.39
C THR A 406 24.01 17.58 -30.68
N GLY A 407 22.69 17.41 -30.62
CA GLY A 407 21.87 17.56 -31.79
C GLY A 407 21.35 16.25 -32.36
N GLY A 408 20.98 15.33 -31.47
CA GLY A 408 20.44 14.06 -31.92
C GLY A 408 18.99 14.18 -32.34
N LYS A 409 18.74 14.16 -33.65
CA LYS A 409 17.38 14.31 -34.16
C LYS A 409 16.60 13.01 -34.16
N THR A 410 17.27 11.87 -34.16
CA THR A 410 16.59 10.57 -34.16
C THR A 410 17.58 9.51 -33.69
N GLN A 411 17.21 8.25 -33.87
CA GLN A 411 18.03 7.12 -33.40
C GLN A 411 19.18 6.79 -34.33
N ILE A 412 19.28 7.45 -35.49
CA ILE A 412 20.44 7.25 -36.34
C ILE A 412 21.71 7.67 -35.62
N ALA A 413 21.60 8.63 -34.71
CA ALA A 413 22.73 8.95 -33.83
C ALA A 413 23.10 7.75 -32.96
N GLY A 414 22.08 7.02 -32.48
CA GLY A 414 22.36 5.79 -31.76
C GLY A 414 23.04 4.75 -32.64
N LEU A 415 22.63 4.68 -33.91
CA LEU A 415 23.31 3.78 -34.84
C LEU A 415 24.77 4.18 -35.04
N ILE A 416 25.04 5.48 -35.14
CA ILE A 416 26.41 5.95 -35.30
C ILE A 416 27.23 5.62 -34.06
N GLY A 417 26.64 5.79 -32.88
CA GLY A 417 27.31 5.36 -31.67
C GLY A 417 27.60 3.87 -31.65
N ALA A 418 26.63 3.08 -32.12
CA ALA A 418 26.83 1.62 -32.16
C ALA A 418 27.95 1.24 -33.10
N ILE A 419 28.02 1.85 -34.28
CA ILE A 419 29.08 1.50 -35.21
C ILE A 419 30.43 2.02 -34.71
N ILE A 420 30.43 3.14 -33.98
CA ILE A 420 31.67 3.59 -33.34
C ILE A 420 32.15 2.57 -32.32
N VAL A 421 31.22 2.03 -31.52
CA VAL A 421 31.57 0.97 -30.57
C VAL A 421 32.08 -0.25 -31.32
N LEU A 422 31.46 -0.59 -32.44
CA LEU A 422 31.88 -1.75 -33.22
C LEU A 422 33.32 -1.57 -33.73
N ILE A 423 33.62 -0.40 -34.28
CA ILE A 423 34.95 -0.19 -34.85
C ILE A 423 36.00 -0.09 -33.75
N VAL A 424 35.65 0.47 -32.59
CA VAL A 424 36.62 0.52 -31.50
C VAL A 424 36.85 -0.87 -30.93
N VAL A 425 35.83 -1.74 -30.97
CA VAL A 425 36.03 -3.11 -30.53
C VAL A 425 36.91 -3.87 -31.52
N LEU A 426 36.67 -3.69 -32.82
CA LEU A 426 37.32 -4.53 -33.82
C LEU A 426 38.73 -4.07 -34.17
N ALA A 427 38.94 -2.76 -34.32
CA ALA A 427 40.17 -2.24 -34.90
C ALA A 427 41.07 -1.55 -33.89
N ILE A 428 40.59 -0.52 -33.20
CA ILE A 428 41.43 0.28 -32.32
C ILE A 428 41.19 -0.19 -30.89
N GLY A 429 42.04 -1.12 -30.45
CA GLY A 429 42.03 -1.59 -29.09
C GLY A 429 43.34 -1.30 -28.39
N PHE A 430 44.43 -1.28 -29.16
CA PHE A 430 45.74 -1.01 -28.60
C PHE A 430 45.86 0.43 -28.11
N LEU A 431 45.17 1.36 -28.77
CA LEU A 431 45.20 2.76 -28.35
C LEU A 431 44.59 2.92 -26.96
N LEU A 432 43.48 2.25 -26.71
CA LEU A 432 42.76 2.36 -25.45
C LEU A 432 43.23 1.34 -24.41
N ALA A 433 44.09 0.40 -24.81
CA ALA A 433 44.61 -0.58 -23.85
C ALA A 433 45.37 0.06 -22.68
N PRO A 434 46.31 1.00 -22.89
CA PRO A 434 47.01 1.51 -21.70
C PRO A 434 46.25 2.63 -20.99
N LEU A 435 45.10 2.27 -20.44
CA LEU A 435 44.30 3.18 -19.62
C LEU A 435 44.38 2.73 -18.17
N GLN A 436 44.55 3.69 -17.26
CA GLN A 436 44.90 3.38 -15.88
C GLN A 436 43.78 2.64 -15.13
N LYS A 437 42.56 2.64 -15.66
CA LYS A 437 41.43 1.92 -15.09
C LYS A 437 40.97 2.55 -13.77
N SER A 438 41.70 3.57 -13.30
CA SER A 438 41.27 4.37 -12.16
C SER A 438 40.78 5.75 -12.56
N VAL A 439 41.32 6.31 -13.65
CA VAL A 439 40.76 7.54 -14.19
C VAL A 439 39.32 7.31 -14.62
N LEU A 440 38.98 6.10 -15.06
CA LEU A 440 37.60 5.77 -15.37
C LEU A 440 36.72 5.88 -14.12
N ALA A 441 37.19 5.33 -13.01
CA ALA A 441 36.44 5.40 -11.76
C ALA A 441 36.28 6.84 -11.30
N ALA A 442 37.35 7.64 -11.40
CA ALA A 442 37.27 9.04 -11.00
C ALA A 442 36.31 9.82 -11.90
N LEU A 443 36.33 9.54 -13.20
CA LEU A 443 35.36 10.16 -14.10
C LEU A 443 33.94 9.77 -13.71
N ALA A 444 33.73 8.51 -13.34
CA ALA A 444 32.43 8.09 -12.84
C ALA A 444 32.04 8.88 -11.59
N LEU A 445 33.01 9.15 -10.71
CA LEU A 445 32.74 9.94 -9.52
C LEU A 445 32.55 11.43 -9.86
N GLY A 446 33.15 11.89 -10.96
CA GLY A 446 33.08 13.31 -11.27
C GLY A 446 31.69 13.80 -11.58
N ASN A 447 30.94 13.07 -12.41
CA ASN A 447 29.59 13.47 -12.79
C ASN A 447 28.60 13.31 -11.64
N LEU A 448 28.98 12.61 -10.57
CA LEU A 448 28.08 12.31 -9.47
C LEU A 448 27.65 13.56 -8.71
N LYS A 449 28.19 14.72 -9.08
CA LYS A 449 27.82 15.96 -8.40
C LYS A 449 26.35 16.27 -8.56
N GLY A 450 25.87 16.31 -9.81
CA GLY A 450 24.46 16.57 -10.04
C GLY A 450 23.56 15.47 -9.52
N MET A 451 24.03 14.23 -9.59
CA MET A 451 23.24 13.10 -9.09
C MET A 451 23.08 13.17 -7.58
N LEU A 452 24.13 13.60 -6.87
CA LEU A 452 24.13 13.70 -5.41
C LEU A 452 23.58 15.02 -4.90
N MET A 453 23.38 16.01 -5.77
CA MET A 453 22.80 17.28 -5.34
C MET A 453 21.41 17.10 -4.74
N GLN A 454 20.75 15.97 -5.04
CA GLN A 454 19.41 15.71 -4.52
C GLN A 454 19.37 15.57 -3.01
N PHE A 455 20.51 15.44 -2.35
CA PHE A 455 20.53 15.43 -0.88
C PHE A 455 19.91 16.69 -0.31
N ALA A 456 19.97 17.80 -1.04
CA ALA A 456 19.34 19.04 -0.59
C ALA A 456 17.85 19.03 -0.91
N GLU A 457 17.16 17.96 -0.50
CA GLU A 457 15.73 17.85 -0.69
C GLU A 457 14.98 17.43 0.57
N ILE A 458 15.67 16.87 1.57
CA ILE A 458 15.01 16.53 2.84
C ILE A 458 14.47 17.80 3.49
N GLY A 459 15.26 18.87 3.50
CA GLY A 459 14.78 20.11 4.07
C GLY A 459 13.60 20.69 3.31
N ARG A 460 13.62 20.61 1.98
CA ARG A 460 12.51 21.12 1.19
C ARG A 460 11.25 20.31 1.45
N LEU A 461 11.37 18.99 1.54
CA LEU A 461 10.21 18.13 1.74
C LEU A 461 9.68 18.16 3.16
N TRP A 462 10.53 18.47 4.15
CA TRP A 462 10.06 18.55 5.53
C TRP A 462 9.04 19.66 5.72
N ARG A 463 9.17 20.76 4.97
CA ARG A 463 8.22 21.86 5.04
C ARG A 463 7.20 21.82 3.90
N LYS A 464 7.16 20.72 3.14
CA LYS A 464 6.24 20.60 2.02
C LYS A 464 5.07 19.67 2.31
N ASP A 465 5.34 18.44 2.72
CA ASP A 465 4.26 17.48 2.96
C ASP A 465 4.38 16.78 4.31
N LYS A 466 5.61 16.64 4.79
CA LYS A 466 5.98 15.88 6.00
C LYS A 466 5.72 14.39 5.84
N TYR A 467 5.21 13.94 4.70
CA TYR A 467 5.05 12.53 4.38
C TYR A 467 5.94 12.09 3.23
N ASP A 468 6.08 12.93 2.19
CA ASP A 468 7.04 12.65 1.15
C ASP A 468 8.47 12.68 1.68
N CYS A 469 8.74 13.55 2.66
CA CYS A 469 10.05 13.53 3.30
C CYS A 469 10.27 12.22 4.04
N LEU A 470 9.23 11.70 4.71
CA LEU A 470 9.34 10.40 5.35
C LEU A 470 9.61 9.31 4.33
N ILE A 471 8.91 9.37 3.19
CA ILE A 471 9.14 8.39 2.12
C ILE A 471 10.59 8.47 1.65
N TRP A 472 11.10 9.68 1.45
CA TRP A 472 12.48 9.86 1.00
C TRP A 472 13.47 9.30 2.00
N ILE A 473 13.26 9.61 3.29
CA ILE A 473 14.20 9.17 4.32
C ILE A 473 14.20 7.66 4.44
N MET A 474 13.00 7.06 4.46
CA MET A 474 12.91 5.60 4.57
C MET A 474 13.47 4.93 3.32
N THR A 475 13.26 5.53 2.15
CA THR A 475 13.83 4.98 0.92
C THR A 475 15.34 4.99 0.98
N PHE A 476 15.94 6.12 1.40
CA PHE A 476 17.38 6.21 1.49
C PHE A 476 17.93 5.21 2.50
N ILE A 477 17.29 5.08 3.66
CA ILE A 477 17.77 4.15 4.67
C ILE A 477 17.65 2.71 4.19
N PHE A 478 16.53 2.36 3.57
CA PHE A 478 16.32 0.99 3.11
C PHE A 478 17.26 0.64 1.98
N THR A 479 17.55 1.58 1.08
CA THR A 479 18.48 1.30 0.00
C THR A 479 19.93 1.28 0.49
N ILE A 480 20.25 2.02 1.55
CA ILE A 480 21.58 1.95 2.12
C ILE A 480 21.79 0.61 2.83
N VAL A 481 20.80 0.15 3.58
CA VAL A 481 20.96 -1.03 4.42
C VAL A 481 20.68 -2.30 3.64
N LEU A 482 19.44 -2.44 3.14
CA LEU A 482 18.99 -3.68 2.51
C LEU A 482 19.67 -3.94 1.17
N GLY A 483 20.35 -2.95 0.58
CA GLY A 483 20.92 -3.12 -0.73
C GLY A 483 20.13 -2.40 -1.81
N LEU A 484 20.16 -2.91 -3.04
CA LEU A 484 19.49 -2.25 -4.16
C LEU A 484 18.13 -2.88 -4.45
N GLY A 485 18.10 -4.18 -4.75
CA GLY A 485 16.81 -4.81 -5.07
C GLY A 485 15.89 -4.91 -3.87
N LEU A 486 16.39 -5.47 -2.77
CA LEU A 486 15.59 -5.56 -1.56
C LEU A 486 15.23 -4.18 -1.03
N GLY A 487 16.18 -3.24 -1.12
CA GLY A 487 15.88 -1.88 -0.71
C GLY A 487 14.77 -1.26 -1.52
N LEU A 488 14.79 -1.45 -2.85
CA LEU A 488 13.73 -0.92 -3.69
C LEU A 488 12.39 -1.56 -3.36
N ALA A 489 12.38 -2.88 -3.15
CA ALA A 489 11.13 -3.56 -2.84
C ALA A 489 10.54 -3.06 -1.52
N ALA A 490 11.37 -2.97 -0.48
CA ALA A 490 10.88 -2.49 0.81
C ALA A 490 10.45 -1.02 0.72
N SER A 491 11.17 -0.23 -0.07
CA SER A 491 10.80 1.17 -0.25
C SER A 491 9.46 1.30 -0.93
N VAL A 492 9.21 0.48 -1.95
CA VAL A 492 7.91 0.52 -2.63
C VAL A 492 6.80 0.09 -1.69
N ALA A 493 7.06 -0.95 -0.88
CA ALA A 493 6.05 -1.37 0.10
C ALA A 493 5.73 -0.27 1.10
N PHE A 494 6.77 0.41 1.62
CA PHE A 494 6.54 1.49 2.57
C PHE A 494 5.83 2.67 1.90
N GLN A 495 6.17 2.94 0.64
CA GLN A 495 5.47 3.99 -0.10
C GLN A 495 4.00 3.67 -0.24
N LEU A 496 3.66 2.42 -0.53
CA LEU A 496 2.26 2.03 -0.60
C LEU A 496 1.58 2.16 0.76
N LEU A 497 2.31 1.81 1.83
CA LEU A 497 1.77 1.98 3.18
C LEU A 497 1.53 3.46 3.50
N THR A 498 2.31 4.35 2.88
CA THR A 498 2.17 5.78 3.19
C THR A 498 0.79 6.32 2.86
N ILE A 499 0.10 5.72 1.88
CA ILE A 499 -1.26 6.15 1.58
C ILE A 499 -2.19 5.87 2.75
N VAL A 500 -2.09 4.65 3.31
CA VAL A 500 -2.86 4.32 4.51
C VAL A 500 -2.46 5.24 5.66
N PHE A 501 -1.16 5.56 5.76
CA PHE A 501 -0.71 6.51 6.76
C PHE A 501 -1.41 7.85 6.60
N ARG A 502 -1.57 8.30 5.36
CA ARG A 502 -2.20 9.59 5.11
C ARG A 502 -3.69 9.56 5.42
N THR A 503 -4.35 8.42 5.16
CA THR A 503 -5.79 8.31 5.36
C THR A 503 -6.17 7.47 6.58
N GLN A 504 -5.21 7.17 7.46
CA GLN A 504 -5.53 6.38 8.64
C GLN A 504 -6.40 7.15 9.62
N PHE A 505 -6.10 8.42 9.84
CA PHE A 505 -6.80 9.25 10.83
C PHE A 505 -7.29 10.52 10.13
N PRO A 506 -8.43 10.45 9.46
CA PRO A 506 -8.97 11.64 8.81
C PRO A 506 -9.33 12.71 9.82
N LYS A 507 -9.15 13.97 9.40
CA LYS A 507 -9.47 15.12 10.25
C LYS A 507 -10.98 15.38 10.20
N CYS A 508 -11.72 14.45 10.79
CA CYS A 508 -13.18 14.58 10.84
C CYS A 508 -13.57 15.77 11.69
N SER A 509 -14.64 16.45 11.29
CA SER A 509 -15.08 17.66 11.97
C SER A 509 -16.61 17.68 11.98
N THR A 510 -17.17 18.82 12.40
CA THR A 510 -18.60 19.03 12.44
C THR A 510 -18.94 20.26 11.62
N LEU A 511 -20.01 20.17 10.83
CA LEU A 511 -20.40 21.22 9.91
C LEU A 511 -21.68 21.90 10.37
N ALA A 512 -21.75 23.21 10.16
CA ALA A 512 -22.94 23.98 10.47
C ALA A 512 -23.05 25.13 9.48
N ASN A 513 -24.24 25.72 9.40
CA ASN A 513 -24.52 26.72 8.39
C ASN A 513 -23.78 28.03 8.68
N ILE A 514 -23.55 28.80 7.61
CA ILE A 514 -22.93 30.11 7.67
C ILE A 514 -23.80 31.09 6.90
N GLY A 515 -24.17 32.20 7.55
CA GLY A 515 -24.92 33.24 6.89
C GLY A 515 -26.32 32.86 6.47
N ARG A 516 -26.87 31.79 7.04
CA ARG A 516 -28.23 31.34 6.72
C ARG A 516 -28.42 31.12 5.22
N THR A 517 -27.42 30.51 4.58
CA THR A 517 -27.50 30.18 3.16
C THR A 517 -26.95 28.76 2.97
N ASN A 518 -26.73 28.38 1.72
CA ASN A 518 -26.27 27.03 1.39
C ASN A 518 -24.74 26.88 1.45
N ILE A 519 -24.16 27.38 2.53
CA ILE A 519 -22.72 27.30 2.78
C ILE A 519 -22.51 26.65 4.13
N TYR A 520 -21.75 25.55 4.16
CA TYR A 520 -21.47 24.83 5.39
C TYR A 520 -19.97 24.66 5.52
N LYS A 521 -19.42 25.00 6.69
CA LYS A 521 -18.00 24.90 6.96
C LYS A 521 -17.80 24.29 8.34
N ASN A 522 -16.53 24.19 8.76
CA ASN A 522 -16.21 23.57 10.04
C ASN A 522 -16.76 24.41 11.19
N LYS A 523 -17.19 23.72 12.25
CA LYS A 523 -17.83 24.40 13.37
C LYS A 523 -16.84 25.25 14.16
N LYS A 524 -15.57 24.86 14.20
CA LYS A 524 -14.56 25.55 14.99
C LYS A 524 -13.71 26.50 14.16
N ASP A 525 -14.31 27.15 13.16
CA ASP A 525 -13.55 27.99 12.24
C ASP A 525 -14.11 29.40 12.06
N TYR A 526 -15.35 29.65 12.45
CA TYR A 526 -15.97 30.95 12.22
C TYR A 526 -16.81 31.37 13.43
N TYR A 527 -17.04 32.67 13.53
CA TYR A 527 -17.75 33.25 14.66
C TYR A 527 -19.26 33.31 14.48
N ASP A 528 -19.73 33.34 13.22
CA ASP A 528 -21.16 33.35 12.94
C ASP A 528 -21.73 31.95 12.79
N MET A 529 -21.13 30.97 13.46
CA MET A 529 -21.50 29.56 13.31
C MET A 529 -22.93 29.33 13.81
N TYR A 530 -23.84 29.00 12.92
CA TYR A 530 -25.21 28.68 13.28
C TYR A 530 -25.48 27.21 13.01
N GLU A 531 -25.94 26.50 14.03
CA GLU A 531 -26.25 25.08 13.91
C GLU A 531 -27.74 24.85 14.10
N PRO A 532 -28.39 24.12 13.20
CA PRO A 532 -29.82 23.83 13.40
C PRO A 532 -30.04 23.00 14.65
N GLU A 533 -31.20 23.22 15.28
CA GLU A 533 -31.52 22.52 16.52
C GLU A 533 -31.72 21.04 16.25
N GLY A 534 -31.02 20.20 17.01
CA GLY A 534 -31.18 18.76 16.92
C GLY A 534 -30.65 18.12 15.66
N VAL A 535 -29.79 18.82 14.92
CA VAL A 535 -29.20 18.28 13.69
C VAL A 535 -27.69 18.37 13.80
N LYS A 536 -27.00 17.25 13.61
CA LYS A 536 -25.56 17.17 13.71
C LYS A 536 -25.00 16.69 12.37
N ILE A 537 -24.26 17.55 11.69
CA ILE A 537 -23.67 17.21 10.39
C ILE A 537 -22.25 16.73 10.62
N PHE A 538 -21.92 15.58 10.03
CA PHE A 538 -20.61 14.97 10.18
C PHE A 538 -19.99 14.77 8.80
N ARG A 539 -18.73 15.17 8.66
CA ARG A 539 -18.03 15.08 7.38
C ARG A 539 -16.71 14.33 7.59
N CYS A 540 -16.43 13.38 6.71
CA CYS A 540 -15.20 12.61 6.76
C CYS A 540 -14.36 12.94 5.54
N PRO A 541 -13.33 13.80 5.66
CA PRO A 541 -12.54 14.25 4.52
C PRO A 541 -11.47 13.24 4.06
N SER A 542 -11.88 11.99 3.94
CA SER A 542 -10.99 10.93 3.48
C SER A 542 -11.81 9.72 3.08
N PRO A 543 -11.33 8.90 2.15
CA PRO A 543 -12.08 7.68 1.80
C PRO A 543 -12.20 6.76 3.01
N ILE A 544 -13.36 6.13 3.12
CA ILE A 544 -13.68 5.27 4.25
C ILE A 544 -13.47 3.83 3.78
N TYR A 545 -12.33 3.25 4.15
CA TYR A 545 -12.04 1.87 3.79
C TYR A 545 -11.67 1.08 5.03
N PHE A 546 -11.11 -0.12 4.85
CA PHE A 546 -10.93 -1.07 5.94
C PHE A 546 -10.12 -0.48 7.10
N ALA A 547 -9.21 0.45 6.83
CA ALA A 547 -8.23 0.87 7.81
C ALA A 547 -8.64 2.10 8.61
N ASN A 548 -9.83 2.66 8.37
CA ASN A 548 -10.27 3.77 9.20
C ASN A 548 -11.77 3.73 9.51
N ILE A 549 -12.45 2.59 9.32
CA ILE A 549 -13.87 2.53 9.65
C ILE A 549 -14.07 2.61 11.15
N GLY A 550 -13.21 1.96 11.94
CA GLY A 550 -13.31 2.07 13.38
C GLY A 550 -13.06 3.48 13.88
N PHE A 551 -12.05 4.15 13.33
CA PHE A 551 -11.78 5.53 13.70
C PHE A 551 -12.95 6.44 13.30
N PHE A 552 -13.54 6.19 12.13
CA PHE A 552 -14.69 6.97 11.72
C PHE A 552 -15.87 6.77 12.66
N ARG A 553 -16.10 5.52 13.08
CA ARG A 553 -17.18 5.27 14.04
C ARG A 553 -16.92 5.98 15.36
N ARG A 554 -15.68 5.90 15.86
CA ARG A 554 -15.36 6.57 17.11
C ARG A 554 -15.54 8.07 17.01
N LYS A 555 -15.06 8.68 15.92
CA LYS A 555 -15.19 10.12 15.75
C LYS A 555 -16.65 10.52 15.59
N LEU A 556 -17.44 9.74 14.86
CA LEU A 556 -18.86 10.05 14.70
C LEU A 556 -19.58 9.96 16.03
N ILE A 557 -19.29 8.94 16.84
CA ILE A 557 -19.93 8.82 18.15
C ILE A 557 -19.52 9.98 19.04
N ASP A 558 -18.24 10.35 19.02
CA ASP A 558 -17.77 11.46 19.85
C ASP A 558 -18.43 12.78 19.44
N ALA A 559 -18.53 13.03 18.13
CA ALA A 559 -19.16 14.26 17.66
C ALA A 559 -20.65 14.28 17.98
N VAL A 560 -21.32 13.14 17.85
CA VAL A 560 -22.74 13.06 18.17
C VAL A 560 -22.97 13.31 19.65
N GLY A 561 -22.15 12.70 20.50
CA GLY A 561 -22.21 12.93 21.94
C GLY A 561 -22.66 11.74 22.76
N PHE A 562 -23.09 10.65 22.12
CA PHE A 562 -23.56 9.49 22.84
C PHE A 562 -23.32 8.24 22.01
N SER A 563 -23.43 7.09 22.65
CA SER A 563 -23.31 5.81 21.96
C SER A 563 -24.70 5.34 21.57
N PRO A 564 -25.02 5.25 20.27
CA PRO A 564 -26.35 4.78 19.88
C PRO A 564 -26.67 3.39 20.37
N LEU A 565 -25.68 2.49 20.38
CA LEU A 565 -25.90 1.14 20.90
C LEU A 565 -26.20 1.17 22.39
N ARG A 566 -25.49 2.02 23.14
CA ARG A 566 -25.78 2.15 24.56
C ARG A 566 -27.19 2.68 24.80
N ILE A 567 -27.59 3.68 24.01
CA ILE A 567 -28.94 4.23 24.15
C ILE A 567 -29.98 3.17 23.84
N LEU A 568 -29.76 2.40 22.78
CA LEU A 568 -30.69 1.33 22.41
C LEU A 568 -30.78 0.29 23.52
N ARG A 569 -29.64 -0.11 24.08
CA ARG A 569 -29.64 -1.13 25.13
C ARG A 569 -30.39 -0.65 26.36
N LYS A 570 -30.13 0.60 26.78
CA LYS A 570 -30.82 1.13 27.94
C LYS A 570 -32.31 1.26 27.69
N ARG A 571 -32.71 1.72 26.50
CA ARG A 571 -34.12 1.83 26.17
C ARG A 571 -34.79 0.45 26.18
N ASN A 572 -34.12 -0.57 25.64
CA ASN A 572 -34.69 -1.91 25.64
C ASN A 572 -34.81 -2.45 27.05
N LYS A 573 -33.82 -2.20 27.91
CA LYS A 573 -33.91 -2.64 29.29
C LYS A 573 -35.09 -1.97 30.00
N ALA A 574 -35.25 -0.65 29.78
CA ALA A 574 -36.38 0.06 30.39
C ALA A 574 -37.71 -0.48 29.89
N LEU A 575 -37.81 -0.75 28.58
CA LEU A 575 -39.04 -1.29 28.05
C LEU A 575 -39.34 -2.67 28.60
N ARG A 576 -38.30 -3.50 28.77
CA ARG A 576 -38.50 -4.82 29.35
C ARG A 576 -39.00 -4.71 30.80
N LYS A 577 -38.41 -3.80 31.57
CA LYS A 577 -38.88 -3.62 32.95
C LYS A 577 -40.30 -3.09 32.99
N ILE A 578 -40.65 -2.19 32.07
CA ILE A 578 -42.01 -1.67 31.99
C ILE A 578 -43.00 -2.78 31.65
N ARG A 579 -42.63 -3.63 30.70
CA ARG A 579 -43.51 -4.75 30.34
C ARG A 579 -43.66 -5.73 31.50
N LYS A 580 -42.58 -5.97 32.23
CA LYS A 580 -42.68 -6.84 33.42
C LYS A 580 -43.62 -6.24 34.45
N LEU A 581 -43.51 -4.93 34.68
CA LEU A 581 -44.42 -4.27 35.63
C LEU A 581 -45.86 -4.36 35.16
N GLN A 582 -46.09 -4.14 33.86
CA GLN A 582 -47.45 -4.23 33.33
C GLN A 582 -48.02 -5.62 33.48
N LYS A 583 -47.20 -6.65 33.22
CA LYS A 583 -47.65 -8.03 33.42
C LYS A 583 -47.96 -8.30 34.89
N GLN A 584 -47.12 -7.78 35.80
CA GLN A 584 -47.39 -7.92 37.22
C GLN A 584 -48.67 -7.20 37.61
N GLY A 585 -49.04 -6.15 36.89
CA GLY A 585 -50.28 -5.45 37.15
C GLY A 585 -50.11 -4.21 38.01
N LEU A 586 -49.14 -3.36 37.67
CA LEU A 586 -48.89 -2.14 38.41
C LEU A 586 -49.04 -0.87 37.57
N LEU A 587 -48.96 -0.97 36.25
CA LEU A 587 -49.09 0.19 35.36
C LEU A 587 -50.33 0.01 34.50
N GLN A 588 -51.13 1.07 34.39
CA GLN A 588 -52.37 1.04 33.63
C GLN A 588 -52.20 1.85 32.35
N VAL A 589 -52.63 1.27 31.23
CA VAL A 589 -52.57 1.92 29.92
C VAL A 589 -54.00 2.25 29.49
N THR A 590 -54.18 3.45 28.95
CA THR A 590 -55.50 3.90 28.53
C THR A 590 -55.46 4.48 27.12
N GLY A 593 -53.46 7.69 31.43
CA GLY A 593 -52.24 7.61 30.64
C GLY A 593 -51.00 7.35 31.47
N PHE A 594 -50.50 6.10 31.40
CA PHE A 594 -49.38 5.65 32.24
C PHE A 594 -49.65 5.89 33.73
N ILE A 595 -50.79 5.41 34.19
CA ILE A 595 -51.14 5.53 35.60
C ILE A 595 -50.38 4.47 36.39
N CYS A 596 -49.65 4.89 37.41
CA CYS A 596 -48.83 4.02 38.22
C CYS A 596 -49.32 4.03 39.65
N THR A 597 -48.81 3.07 40.43
CA THR A 597 -49.14 2.91 41.83
C THR A 597 -47.86 2.93 42.65
N VAL A 598 -48.03 3.18 43.95
CA VAL A 598 -46.94 3.26 44.94
C VAL A 598 -45.70 3.97 44.40
N ASP A 605 -34.50 -4.72 39.90
CA ASP A 605 -33.41 -4.80 38.95
C ASP A 605 -33.11 -6.24 38.58
N GLU A 606 -33.61 -6.67 37.41
CA GLU A 606 -33.41 -8.04 36.94
C GLU A 606 -32.24 -8.05 35.95
N GLU A 607 -31.05 -8.30 36.48
CA GLU A 607 -29.87 -8.44 35.62
C GLU A 607 -29.99 -9.68 34.76
N LEU A 608 -29.63 -9.56 33.49
CA LEU A 608 -29.77 -10.64 32.53
C LEU A 608 -28.45 -11.38 32.35
N ASP A 609 -28.52 -12.71 32.31
CA ASP A 609 -27.35 -13.54 32.13
C ASP A 609 -26.91 -13.54 30.67
N ASN A 610 -25.75 -14.14 30.40
CA ASN A 610 -25.25 -14.24 29.05
C ASN A 610 -26.14 -15.16 28.22
N ASN A 611 -25.85 -15.21 26.91
CA ASN A 611 -26.57 -15.99 25.91
C ASN A 611 -28.02 -15.52 25.77
N GLN A 612 -28.38 -14.46 26.49
CA GLN A 612 -29.70 -13.85 26.39
C GLN A 612 -29.65 -12.33 26.33
N ILE A 613 -28.49 -11.70 26.52
CA ILE A 613 -28.37 -10.25 26.45
C ILE A 613 -28.57 -9.73 25.03
N GLU A 614 -28.45 -10.61 24.03
CA GLU A 614 -28.63 -10.19 22.64
C GLU A 614 -30.04 -9.67 22.37
N VAL A 615 -31.00 -9.99 23.22
CA VAL A 615 -32.35 -9.47 23.07
C VAL A 615 -32.44 -7.96 23.29
N LEU A 616 -31.39 -7.36 23.86
CA LEU A 616 -31.38 -5.91 24.07
C LEU A 616 -31.04 -5.13 22.81
N ASP A 617 -30.56 -5.79 21.76
CA ASP A 617 -30.25 -5.13 20.50
C ASP A 617 -31.40 -5.19 19.51
N GLN A 618 -32.53 -5.79 19.89
CA GLN A 618 -33.68 -5.87 18.99
C GLN A 618 -34.30 -4.49 18.81
N PRO A 619 -34.91 -4.25 17.64
CA PRO A 619 -35.58 -2.96 17.43
C PRO A 619 -36.73 -2.76 18.39
N ILE A 620 -36.97 -1.49 18.74
CA ILE A 620 -38.01 -1.14 19.71
C ILE A 620 -39.35 -1.11 19.00
N ASN A 621 -40.29 -1.93 19.46
CA ASN A 621 -41.65 -1.94 18.95
C ASN A 621 -42.60 -1.83 20.13
N THR A 622 -43.55 -0.90 20.04
CA THR A 622 -44.51 -0.65 21.10
C THR A 622 -45.95 -0.77 20.61
N THR A 623 -46.16 -1.61 19.58
CA THR A 623 -47.50 -1.80 19.04
C THR A 623 -48.43 -2.43 20.08
N ASP A 624 -47.89 -3.20 21.01
CA ASP A 624 -48.70 -3.78 22.07
C ASP A 624 -49.14 -2.76 23.11
N LEU A 625 -48.57 -1.56 23.08
CA LEU A 625 -48.96 -0.48 23.98
C LEU A 625 -49.72 0.58 23.21
N PRO A 626 -50.88 1.04 23.72
CA PRO A 626 -51.69 1.99 22.95
C PRO A 626 -51.05 3.35 22.74
N PHE A 627 -50.06 3.71 23.55
CA PHE A 627 -49.45 5.03 23.51
C PHE A 627 -48.27 5.08 22.53
N HIS A 628 -47.62 6.23 22.51
CA HIS A 628 -46.54 6.56 21.58
C HIS A 628 -45.36 7.16 22.33
N ILE A 629 -44.95 6.48 23.41
CA ILE A 629 -43.88 6.99 24.27
C ILE A 629 -42.62 7.23 23.44
N ASP A 630 -42.01 8.38 23.66
CA ASP A 630 -40.86 8.82 22.87
C ASP A 630 -39.55 8.85 23.64
N TRP A 631 -39.59 8.60 24.96
CA TRP A 631 -38.39 8.63 25.81
C TRP A 631 -37.73 10.01 25.83
N ASN A 632 -38.53 11.06 25.74
CA ASN A 632 -38.03 12.43 25.86
C ASN A 632 -38.64 13.20 27.02
N ASP A 633 -39.96 13.18 27.17
CA ASP A 633 -40.62 14.06 28.14
C ASP A 633 -40.41 13.55 29.57
N ASP A 634 -40.92 12.36 29.86
CA ASP A 634 -40.81 11.78 31.19
C ASP A 634 -40.97 10.27 31.06
N LEU A 635 -41.16 9.61 32.19
CA LEU A 635 -41.15 8.15 32.25
C LEU A 635 -41.67 7.72 33.62
N PRO A 636 -42.33 6.56 33.71
CA PRO A 636 -42.82 6.10 35.02
C PRO A 636 -41.73 6.02 36.07
N LEU A 637 -42.17 5.83 37.31
CA LEU A 637 -41.33 6.04 38.48
C LEU A 637 -40.16 5.05 38.52
N ASN A 638 -39.10 5.46 39.22
CA ASN A 638 -37.92 4.64 39.52
C ASN A 638 -37.34 3.96 38.27
N ILE A 639 -37.56 4.56 37.10
CA ILE A 639 -36.99 4.08 35.85
C ILE A 639 -36.27 5.24 35.19
N GLU A 640 -34.99 5.05 34.88
CA GLU A 640 -34.14 6.10 34.36
C GLU A 640 -33.66 5.74 32.96
N VAL A 641 -33.81 6.69 32.03
CA VAL A 641 -33.32 6.54 30.66
C VAL A 641 -32.57 7.83 30.29
N PRO A 642 -31.40 7.74 29.69
CA PRO A 642 -30.69 8.95 29.28
C PRO A 642 -31.50 9.76 28.29
N LYS A 643 -31.48 11.07 28.45
CA LYS A 643 -32.21 11.95 27.54
C LYS A 643 -31.48 12.03 26.20
N ILE A 644 -32.22 12.43 25.17
CA ILE A 644 -31.68 12.53 23.81
C ILE A 644 -32.03 13.91 23.27
N SER A 645 -31.21 14.36 22.32
CA SER A 645 -31.42 15.68 21.72
C SER A 645 -31.23 15.69 20.20
N LEU A 646 -31.12 14.53 19.57
CA LEU A 646 -30.92 14.42 18.14
C LEU A 646 -32.14 13.78 17.50
N HIS A 647 -32.68 14.41 16.46
CA HIS A 647 -33.74 13.81 15.67
C HIS A 647 -33.30 13.51 14.25
N SER A 648 -32.12 13.95 13.83
CA SER A 648 -31.52 13.52 12.58
C SER A 648 -30.05 13.92 12.58
N LEU A 649 -29.28 13.25 11.72
CA LEU A 649 -27.89 13.61 11.47
C LEU A 649 -27.60 13.43 9.99
N ILE A 650 -26.67 14.23 9.49
CA ILE A 650 -26.32 14.25 8.07
C ILE A 650 -24.84 13.90 7.94
N LEU A 651 -24.56 12.75 7.34
CA LEU A 651 -23.19 12.33 7.08
C LEU A 651 -22.76 12.88 5.72
N ASP A 652 -21.87 13.87 5.74
CA ASP A 652 -21.34 14.43 4.50
C ASP A 652 -20.35 13.44 3.89
N PHE A 653 -20.65 12.97 2.68
CA PHE A 653 -19.80 12.00 1.99
C PHE A 653 -19.26 12.56 0.69
N SER A 654 -19.13 13.89 0.61
CA SER A 654 -18.59 14.50 -0.60
C SER A 654 -17.15 14.08 -0.85
N ALA A 655 -16.35 14.00 0.21
CA ALA A 655 -14.95 13.61 0.08
C ALA A 655 -14.74 12.10 0.07
N VAL A 656 -15.78 11.32 0.37
CA VAL A 656 -15.65 9.87 0.36
C VAL A 656 -15.58 9.40 -1.09
N SER A 657 -14.48 8.75 -1.45
CA SER A 657 -14.25 8.33 -2.82
C SER A 657 -14.58 6.87 -3.08
N PHE A 658 -14.41 6.00 -2.09
CA PHE A 658 -14.67 4.58 -2.28
C PHE A 658 -14.93 3.92 -0.94
N LEU A 659 -15.57 2.76 -1.00
CA LEU A 659 -15.79 1.91 0.16
C LEU A 659 -15.47 0.47 -0.21
N ASP A 660 -15.13 -0.33 0.81
CA ASP A 660 -14.92 -1.76 0.63
C ASP A 660 -15.93 -2.52 1.49
N VAL A 661 -15.77 -3.84 1.54
CA VAL A 661 -16.73 -4.68 2.26
C VAL A 661 -16.75 -4.33 3.74
N SER A 662 -15.58 -4.15 4.34
CA SER A 662 -15.52 -3.86 5.78
C SER A 662 -16.20 -2.53 6.10
N SER A 663 -15.91 -1.50 5.30
CA SER A 663 -16.51 -0.19 5.54
C SER A 663 -18.01 -0.22 5.29
N VAL A 664 -18.44 -0.95 4.27
CA VAL A 664 -19.88 -1.07 4.01
C VAL A 664 -20.58 -1.75 5.17
N ARG A 665 -19.97 -2.82 5.70
CA ARG A 665 -20.56 -3.51 6.85
C ARG A 665 -20.63 -2.59 8.07
N GLY A 666 -19.56 -1.86 8.34
CA GLY A 666 -19.56 -0.95 9.49
C GLY A 666 -20.58 0.16 9.34
N LEU A 667 -20.66 0.76 8.15
CA LEU A 667 -21.64 1.80 7.91
C LEU A 667 -23.06 1.27 8.01
N LYS A 668 -23.30 0.05 7.52
CA LYS A 668 -24.62 -0.54 7.63
C LYS A 668 -25.00 -0.75 9.09
N SER A 669 -24.07 -1.25 9.90
CA SER A 669 -24.36 -1.42 11.32
C SER A 669 -24.64 -0.08 11.99
N ILE A 670 -23.82 0.94 11.68
CA ILE A 670 -23.99 2.24 12.31
C ILE A 670 -25.36 2.82 11.96
N LEU A 671 -25.69 2.83 10.68
CA LEU A 671 -26.99 3.35 10.26
C LEU A 671 -28.12 2.50 10.83
N GLN A 672 -27.90 1.20 10.99
CA GLN A 672 -28.94 0.34 11.56
C GLN A 672 -29.28 0.75 12.98
N GLU A 673 -28.28 0.86 13.86
CA GLU A 673 -28.65 1.26 15.21
C GLU A 673 -29.09 2.71 15.29
N PHE A 674 -28.56 3.59 14.44
CA PHE A 674 -29.02 4.97 14.45
C PHE A 674 -30.50 5.07 14.08
N ILE A 675 -30.93 4.32 13.07
CA ILE A 675 -32.35 4.29 12.74
C ILE A 675 -33.14 3.62 13.85
N ARG A 676 -32.56 2.59 14.48
CA ARG A 676 -33.28 1.85 15.52
C ARG A 676 -33.53 2.70 16.76
N ILE A 677 -32.67 3.68 17.05
CA ILE A 677 -32.89 4.55 18.20
C ILE A 677 -33.77 5.72 17.81
N LYS A 678 -34.34 5.66 16.60
CA LYS A 678 -35.31 6.63 16.11
C LYS A 678 -34.68 8.03 15.95
N VAL A 679 -33.53 8.07 15.28
CA VAL A 679 -32.95 9.31 14.79
C VAL A 679 -32.61 9.09 13.31
N ASP A 680 -33.20 9.90 12.45
CA ASP A 680 -33.05 9.70 11.02
C ASP A 680 -31.61 9.96 10.59
N VAL A 681 -31.21 9.30 9.51
CA VAL A 681 -29.86 9.42 8.97
C VAL A 681 -29.96 9.79 7.49
N TYR A 682 -29.10 10.71 7.07
CA TYR A 682 -29.06 11.16 5.68
C TYR A 682 -27.62 11.25 5.21
N ILE A 683 -27.39 10.85 3.96
CA ILE A 683 -26.07 10.91 3.34
C ILE A 683 -26.17 11.81 2.13
N VAL A 684 -25.24 12.77 2.02
CA VAL A 684 -25.25 13.76 0.95
C VAL A 684 -23.90 13.80 0.27
N GLY A 685 -23.84 14.48 -0.86
CA GLY A 685 -22.59 14.70 -1.57
C GLY A 685 -22.07 13.50 -2.33
N THR A 686 -22.93 12.56 -2.70
CA THR A 686 -22.53 11.37 -3.42
C THR A 686 -23.10 11.39 -4.83
N ASP A 687 -22.38 10.78 -5.77
CA ASP A 687 -22.76 10.82 -7.17
C ASP A 687 -23.42 9.51 -7.60
N ASP A 688 -23.88 9.51 -8.85
CA ASP A 688 -24.71 8.41 -9.35
C ASP A 688 -23.93 7.10 -9.40
N ASP A 689 -22.66 7.13 -9.79
CA ASP A 689 -21.85 5.93 -9.79
C ASP A 689 -21.62 5.40 -8.38
N PHE A 690 -21.46 6.28 -7.39
CA PHE A 690 -21.35 5.83 -6.01
C PHE A 690 -22.65 5.16 -5.56
N ILE A 691 -23.79 5.74 -5.94
CA ILE A 691 -25.07 5.11 -5.62
C ILE A 691 -25.16 3.73 -6.25
N GLU A 692 -24.76 3.63 -7.52
CA GLU A 692 -24.82 2.35 -8.22
C GLU A 692 -23.92 1.31 -7.56
N LYS A 693 -22.70 1.71 -7.17
CA LYS A 693 -21.81 0.79 -6.49
C LYS A 693 -22.37 0.35 -5.15
N LEU A 694 -22.92 1.29 -4.37
CA LEU A 694 -23.50 0.93 -3.08
C LEU A 694 -24.74 0.05 -3.21
N ASN A 695 -25.45 0.14 -4.34
CA ASN A 695 -26.64 -0.68 -4.51
C ASN A 695 -26.31 -2.17 -4.49
N ARG A 696 -25.23 -2.57 -5.15
CA ARG A 696 -24.84 -3.97 -5.19
C ARG A 696 -23.93 -4.33 -4.02
N TYR A 697 -24.38 -4.01 -2.81
CA TYR A 697 -23.63 -4.30 -1.60
C TYR A 697 -24.45 -4.98 -0.53
N GLU A 698 -25.71 -5.31 -0.81
CA GLU A 698 -26.66 -5.76 0.22
C GLU A 698 -26.72 -4.74 1.36
N PHE A 699 -26.66 -3.46 0.99
CA PHE A 699 -26.66 -2.36 1.94
C PHE A 699 -28.03 -1.76 2.18
N PHE A 700 -28.94 -1.91 1.22
CA PHE A 700 -30.29 -1.36 1.32
C PHE A 700 -31.29 -2.48 1.59
N ASP A 701 -32.13 -2.28 2.59
CA ASP A 701 -33.15 -3.26 2.95
C ASP A 701 -34.33 -2.49 3.53
N GLY A 702 -35.23 -3.21 4.22
CA GLY A 702 -36.41 -2.59 4.79
C GLY A 702 -36.12 -1.54 5.85
N GLU A 703 -34.92 -1.56 6.44
CA GLU A 703 -34.55 -0.59 7.47
C GLU A 703 -33.72 0.55 6.91
N VAL A 704 -32.59 0.25 6.27
CA VAL A 704 -31.75 1.27 5.65
C VAL A 704 -32.25 1.43 4.22
N LYS A 705 -33.27 2.28 4.06
CA LYS A 705 -33.90 2.47 2.77
C LYS A 705 -33.02 3.33 1.86
N SER A 706 -33.40 3.38 0.58
CA SER A 706 -32.68 4.16 -0.41
C SER A 706 -33.10 5.63 -0.43
N SER A 707 -34.06 6.02 0.40
CA SER A 707 -34.51 7.40 0.49
C SER A 707 -33.69 8.23 1.47
N ILE A 708 -32.46 7.79 1.77
CA ILE A 708 -31.61 8.51 2.71
C ILE A 708 -30.54 9.35 2.03
N PHE A 709 -30.36 9.22 0.72
CA PHE A 709 -29.33 9.94 0.00
C PHE A 709 -29.89 11.24 -0.55
N PHE A 710 -29.18 12.34 -0.33
CA PHE A 710 -29.61 13.65 -0.77
C PHE A 710 -28.52 14.31 -1.61
N LEU A 711 -28.92 15.32 -2.38
CA LEU A 711 -28.00 15.96 -3.31
C LEU A 711 -26.90 16.73 -2.59
N THR A 712 -27.28 17.71 -1.77
CA THR A 712 -26.33 18.57 -1.08
C THR A 712 -26.67 18.55 0.41
N ILE A 713 -25.89 19.30 1.21
CA ILE A 713 -26.20 19.42 2.62
C ILE A 713 -27.45 20.29 2.82
N HIS A 714 -27.55 21.39 2.08
CA HIS A 714 -28.56 22.40 2.36
C HIS A 714 -29.97 21.87 2.09
N ASP A 715 -30.17 21.17 0.97
CA ASP A 715 -31.49 20.62 0.71
C ASP A 715 -31.84 19.52 1.69
N ALA A 716 -30.85 18.78 2.19
CA ALA A 716 -31.12 17.81 3.25
C ALA A 716 -31.62 18.51 4.50
N VAL A 717 -30.97 19.61 4.88
CA VAL A 717 -31.41 20.38 6.05
C VAL A 717 -32.80 20.94 5.82
N LEU A 718 -33.07 21.44 4.61
CA LEU A 718 -34.38 21.99 4.30
C LEU A 718 -35.47 20.93 4.37
N HIS A 719 -35.20 19.74 3.83
CA HIS A 719 -36.17 18.65 3.93
C HIS A 719 -36.37 18.24 5.39
N ILE A 720 -35.31 18.27 6.18
CA ILE A 720 -35.42 17.99 7.60
C ILE A 720 -36.39 18.98 8.26
N LEU A 721 -36.22 20.26 7.95
CA LEU A 721 -37.07 21.29 8.53
C LEU A 721 -38.52 21.13 8.09
N MET A 722 -38.73 20.86 6.80
CA MET A 722 -40.10 20.68 6.32
C MET A 722 -40.76 19.46 6.96
N LYS A 723 -40.02 18.36 7.10
CA LYS A 723 -40.58 17.18 7.74
C LYS A 723 -40.91 17.43 9.19
N LYS A 724 -40.03 18.14 9.91
CA LYS A 724 -40.30 18.42 11.32
C LYS A 724 -41.49 19.36 11.48
N ASP A 725 -41.57 20.39 10.65
CA ASP A 725 -42.68 21.34 10.72
C ASP A 725 -42.81 22.12 9.42
N GLN B 8 -39.14 24.77 -0.17
CA GLN B 8 -38.41 24.72 -1.44
C GLN B 8 -36.97 25.22 -1.24
N TYR B 9 -36.09 24.85 -2.15
CA TYR B 9 -34.68 25.21 -2.07
C TYR B 9 -34.49 26.61 -2.66
N ILE B 10 -34.37 27.61 -1.79
CA ILE B 10 -34.19 28.99 -2.19
C ILE B 10 -32.93 29.53 -1.53
N VAL B 11 -32.03 30.11 -2.34
CA VAL B 11 -30.78 30.68 -1.86
C VAL B 11 -30.58 32.04 -2.50
N ALA B 12 -30.21 33.03 -1.69
CA ALA B 12 -30.02 34.40 -2.16
C ALA B 12 -28.72 34.97 -1.60
N ARG B 13 -27.64 34.21 -1.69
CA ARG B 13 -26.33 34.62 -1.20
C ARG B 13 -25.51 35.21 -2.33
N PRO B 14 -24.51 36.03 -2.01
CA PRO B 14 -23.60 36.54 -3.05
C PRO B 14 -22.64 35.45 -3.52
N VAL B 15 -21.97 35.73 -4.63
CA VAL B 15 -21.02 34.81 -5.21
C VAL B 15 -19.67 34.98 -4.53
N TYR B 16 -19.12 33.88 -4.01
CA TYR B 16 -17.87 33.90 -3.27
C TYR B 16 -16.77 33.21 -4.08
N SER B 17 -15.52 33.51 -3.72
CA SER B 17 -14.37 32.95 -4.41
C SER B 17 -13.26 32.54 -3.44
N THR B 18 -13.64 32.11 -2.23
CA THR B 18 -12.72 31.60 -1.22
C THR B 18 -11.69 32.64 -0.81
N ASN B 19 -11.77 33.83 -1.41
CA ASN B 19 -10.96 34.96 -1.02
C ASN B 19 -11.77 36.22 -0.77
N ALA B 20 -13.02 36.28 -1.25
CA ALA B 20 -14.00 37.22 -0.73
C ALA B 20 -14.77 36.66 0.45
N PHE B 21 -14.59 35.37 0.77
CA PHE B 21 -15.28 34.72 1.87
C PHE B 21 -14.56 34.94 3.20
N GLU B 22 -13.24 34.70 3.24
CA GLU B 22 -12.49 34.92 4.47
C GLU B 22 -12.51 36.39 4.89
N GLU B 23 -12.60 37.30 3.92
CA GLU B 23 -12.70 38.73 4.20
C GLU B 23 -14.12 39.17 4.50
N ASN B 24 -15.10 38.26 4.45
CA ASN B 24 -16.45 38.56 4.88
C ASN B 24 -16.85 37.83 6.16
N HIS B 25 -16.07 36.85 6.59
CA HIS B 25 -16.34 36.12 7.83
C HIS B 25 -15.02 35.90 8.56
N LYS B 26 -14.92 36.40 9.79
CA LYS B 26 -13.70 36.28 10.55
C LYS B 26 -13.47 34.83 11.00
N LYS B 27 -12.19 34.46 11.08
CA LYS B 27 -11.81 33.12 11.51
C LYS B 27 -11.58 33.12 13.02
N THR B 28 -11.13 31.96 13.52
CA THR B 28 -10.87 31.77 14.95
C THR B 28 -9.39 31.43 15.15
N GLY B 29 -9.05 31.13 16.40
CA GLY B 29 -7.67 30.77 16.71
C GLY B 29 -7.27 29.46 16.08
N ARG B 30 -6.02 29.39 15.63
CA ARG B 30 -5.47 28.20 14.98
C ARG B 30 -4.08 27.89 15.53
N HIS B 31 -3.95 27.95 16.86
CA HIS B 31 -2.68 27.68 17.52
C HIS B 31 -2.41 26.18 17.59
N PHE B 35 7.22 21.49 18.32
CA PHE B 35 7.22 20.20 19.01
C PHE B 35 7.05 20.38 20.52
N LEU B 36 7.44 21.54 21.02
CA LEU B 36 7.35 21.81 22.46
C LEU B 36 5.91 21.90 22.93
N ASP B 37 4.95 22.10 22.02
CA ASP B 37 3.55 22.14 22.42
C ASP B 37 3.09 20.79 22.96
N HIS B 38 3.36 19.72 22.22
CA HIS B 38 2.95 18.38 22.65
C HIS B 38 3.82 17.85 23.78
N LEU B 39 5.10 18.23 23.81
CA LEU B 39 6.00 17.71 24.83
C LEU B 39 5.57 18.17 26.23
N LYS B 40 5.19 19.44 26.37
CA LYS B 40 4.79 19.94 27.68
C LYS B 40 3.52 19.24 28.17
N VAL B 41 2.55 19.02 27.27
CA VAL B 41 1.32 18.37 27.69
C VAL B 41 1.49 16.86 27.82
N CYS B 42 2.56 16.29 27.30
CA CYS B 42 2.83 14.87 27.45
C CYS B 42 3.67 14.55 28.68
N CYS B 43 4.52 15.49 29.11
CA CYS B 43 5.37 15.30 30.28
C CYS B 43 4.79 15.95 31.53
N SER B 44 3.54 16.42 31.47
CA SER B 44 2.92 17.09 32.60
C SER B 44 2.54 16.08 33.68
N CYS B 45 3.46 15.80 34.59
CA CYS B 45 3.20 14.83 35.65
C CYS B 45 2.21 15.41 36.66
N SER B 46 1.20 14.61 37.01
CA SER B 46 0.18 14.99 37.98
C SER B 46 -0.11 13.80 38.87
N PRO B 47 -0.55 14.04 40.10
CA PRO B 47 -0.88 12.91 41.00
C PRO B 47 -2.06 12.09 40.48
N GLN B 48 -3.13 12.77 40.08
CA GLN B 48 -4.29 12.07 39.54
C GLN B 48 -3.94 11.35 38.24
N LYS B 49 -3.11 11.98 37.40
CA LYS B 49 -2.67 11.32 36.17
C LYS B 49 -1.85 10.08 36.49
N ALA B 50 -0.99 10.13 37.50
CA ALA B 50 -0.21 8.97 37.89
C ALA B 50 -1.11 7.85 38.39
N LYS B 51 -2.11 8.20 39.22
CA LYS B 51 -3.04 7.18 39.68
C LYS B 51 -3.81 6.56 38.52
N ARG B 52 -4.25 7.39 37.57
CA ARG B 52 -4.98 6.87 36.42
C ARG B 52 -4.11 5.94 35.59
N ILE B 53 -2.86 6.33 35.33
CA ILE B 53 -1.99 5.49 34.52
C ILE B 53 -1.64 4.20 35.25
N VAL B 54 -1.49 4.25 36.58
CA VAL B 54 -1.22 3.04 37.33
C VAL B 54 -2.42 2.10 37.27
N LEU B 55 -3.63 2.65 37.42
CA LEU B 55 -4.83 1.82 37.34
C LEU B 55 -4.98 1.21 35.95
N SER B 56 -4.65 1.98 34.90
CA SER B 56 -4.72 1.45 33.54
C SER B 56 -3.70 0.35 33.30
N LEU B 57 -2.47 0.54 33.80
CA LEU B 57 -1.44 -0.48 33.62
C LEU B 57 -1.68 -1.70 34.49
N PHE B 58 -2.49 -1.57 35.55
CA PHE B 58 -2.87 -2.68 36.41
C PHE B 58 -4.39 -2.74 36.46
N PRO B 59 -5.03 -3.24 35.41
CA PRO B 59 -6.50 -3.26 35.38
C PRO B 59 -7.14 -4.13 36.47
N ILE B 60 -6.36 -4.99 37.12
CA ILE B 60 -6.91 -5.84 38.18
C ILE B 60 -7.52 -4.99 39.28
N ALA B 61 -6.82 -3.93 39.70
CA ALA B 61 -7.31 -3.07 40.76
C ALA B 61 -8.54 -2.29 40.34
N SER B 62 -8.82 -2.19 39.04
CA SER B 62 -9.99 -1.46 38.58
C SER B 62 -11.27 -2.24 38.85
N TRP B 63 -11.26 -3.56 38.65
CA TRP B 63 -12.49 -4.33 38.72
C TRP B 63 -12.57 -5.33 39.87
N LEU B 64 -11.48 -5.60 40.57
CA LEU B 64 -11.60 -6.46 41.75
C LEU B 64 -12.49 -5.85 42.83
N PRO B 65 -12.32 -4.59 43.25
CA PRO B 65 -13.24 -4.05 44.27
C PRO B 65 -14.69 -4.01 43.83
N ALA B 66 -14.96 -3.77 42.55
CA ALA B 66 -16.33 -3.71 42.04
C ALA B 66 -16.78 -5.10 41.60
N TYR B 67 -17.00 -5.95 42.61
CA TYR B 67 -17.43 -7.32 42.39
C TYR B 67 -18.76 -7.56 43.08
N ARG B 68 -19.72 -8.11 42.36
CA ARG B 68 -21.02 -8.48 42.90
C ARG B 68 -21.03 -9.99 43.07
N LEU B 69 -20.53 -10.44 44.23
CA LEU B 69 -20.28 -11.86 44.45
C LEU B 69 -21.58 -12.66 44.43
N LYS B 70 -22.59 -12.20 45.18
CA LYS B 70 -23.80 -12.99 45.37
C LYS B 70 -24.54 -13.24 44.07
N GLU B 71 -24.26 -12.48 43.02
CA GLU B 71 -24.90 -12.68 41.72
C GLU B 71 -23.92 -13.07 40.62
N TRP B 72 -22.62 -13.12 40.92
CA TRP B 72 -21.64 -13.48 39.90
C TRP B 72 -20.87 -14.77 40.19
N LEU B 73 -20.76 -15.18 41.45
CA LEU B 73 -19.77 -16.18 41.82
C LEU B 73 -20.11 -17.56 41.27
N LEU B 74 -21.38 -17.98 41.39
CA LEU B 74 -21.75 -19.33 40.94
C LEU B 74 -21.60 -19.46 39.43
N SER B 75 -22.08 -18.46 38.68
CA SER B 75 -21.94 -18.48 37.23
C SER B 75 -20.47 -18.47 36.83
N ASP B 76 -19.66 -17.64 37.50
CA ASP B 76 -18.23 -17.59 37.18
C ASP B 76 -17.57 -18.92 37.48
N ILE B 77 -17.95 -19.58 38.58
CA ILE B 77 -17.35 -20.86 38.94
C ILE B 77 -17.70 -21.91 37.88
N VAL B 78 -18.96 -21.96 37.47
CA VAL B 78 -19.38 -22.95 36.49
C VAL B 78 -18.65 -22.73 35.17
N SER B 79 -18.61 -21.46 34.72
CA SER B 79 -17.90 -21.14 33.48
C SER B 79 -16.42 -21.45 33.59
N GLY B 80 -15.84 -21.22 34.77
CA GLY B 80 -14.43 -21.51 34.96
C GLY B 80 -14.12 -22.99 34.89
N ILE B 81 -14.96 -23.82 35.51
CA ILE B 81 -14.76 -25.27 35.42
C ILE B 81 -14.90 -25.73 33.96
N SER B 82 -15.91 -25.23 33.26
CA SER B 82 -16.09 -25.63 31.87
C SER B 82 -14.90 -25.22 31.01
N THR B 83 -14.47 -23.96 31.14
CA THR B 83 -13.35 -23.50 30.33
C THR B 83 -12.04 -24.15 30.74
N GLY B 84 -11.90 -24.54 32.01
CA GLY B 84 -10.71 -25.25 32.43
C GLY B 84 -10.64 -26.65 31.84
N ILE B 85 -11.76 -27.37 31.83
CA ILE B 85 -11.76 -28.69 31.22
C ILE B 85 -11.52 -28.58 29.72
N VAL B 86 -12.09 -27.55 29.08
CA VAL B 86 -11.87 -27.38 27.65
C VAL B 86 -10.42 -27.00 27.38
N ALA B 87 -9.83 -26.17 28.24
CA ALA B 87 -8.44 -25.75 28.07
C ALA B 87 -7.47 -26.90 28.27
N VAL B 88 -7.73 -27.77 29.26
CA VAL B 88 -6.85 -28.93 29.42
C VAL B 88 -7.03 -29.89 28.25
N LEU B 89 -8.24 -30.01 27.71
CA LEU B 89 -8.43 -30.83 26.51
C LEU B 89 -7.75 -30.23 25.29
N GLN B 90 -7.62 -28.92 25.22
CA GLN B 90 -7.11 -28.24 24.03
C GLN B 90 -5.61 -27.98 24.05
N GLY B 91 -5.02 -27.81 25.24
CA GLY B 91 -3.60 -27.54 25.31
C GLY B 91 -2.75 -28.70 24.81
N LEU B 92 -3.06 -29.90 25.28
CA LEU B 92 -2.36 -31.10 24.83
C LEU B 92 -2.88 -31.62 23.50
N ALA B 93 -3.67 -30.82 22.79
CA ALA B 93 -4.05 -31.09 21.40
C ALA B 93 -3.38 -30.13 20.45
N PHE B 94 -3.43 -28.84 20.73
CA PHE B 94 -2.65 -27.85 19.98
C PHE B 94 -1.16 -28.00 20.24
N ALA B 95 -0.76 -28.70 21.31
CA ALA B 95 0.64 -28.95 21.58
C ALA B 95 1.25 -29.97 20.62
N LEU B 96 0.43 -30.63 19.78
CA LEU B 96 0.95 -31.56 18.81
C LEU B 96 1.24 -30.93 17.47
N LEU B 97 0.62 -29.79 17.14
CA LEU B 97 0.99 -29.09 15.93
C LEU B 97 2.45 -28.66 15.99
N VAL B 98 2.89 -28.18 17.15
CA VAL B 98 4.30 -28.12 17.46
C VAL B 98 4.78 -29.53 17.81
N ASP B 99 5.92 -29.93 17.27
CA ASP B 99 6.41 -31.29 17.50
C ASP B 99 7.13 -31.35 18.86
N ILE B 100 6.32 -31.23 19.90
CA ILE B 100 6.81 -31.29 21.28
C ILE B 100 5.91 -32.25 22.06
N PRO B 101 6.42 -32.82 23.15
CA PRO B 101 5.56 -33.66 23.99
C PRO B 101 4.38 -32.87 24.49
N PRO B 102 3.22 -33.52 24.64
CA PRO B 102 2.01 -32.78 25.07
C PRO B 102 2.03 -32.35 26.52
N VAL B 103 3.09 -32.66 27.28
CA VAL B 103 3.19 -32.21 28.66
C VAL B 103 3.23 -30.69 28.71
N TYR B 104 4.03 -30.09 27.83
CA TYR B 104 4.23 -28.64 27.82
C TYR B 104 3.03 -27.87 27.30
N GLY B 105 2.08 -28.54 26.64
CA GLY B 105 0.90 -27.86 26.16
C GLY B 105 0.05 -27.28 27.29
N LEU B 106 -0.08 -28.04 28.38
CA LEU B 106 -0.82 -27.54 29.54
C LEU B 106 -0.14 -26.31 30.15
N TYR B 107 1.20 -26.24 30.05
CA TYR B 107 1.91 -25.07 30.56
C TYR B 107 1.50 -23.81 29.79
N ALA B 108 1.32 -23.94 28.47
CA ALA B 108 0.92 -22.80 27.66
C ALA B 108 -0.49 -22.31 27.97
N SER B 109 -1.30 -23.10 28.68
CA SER B 109 -2.66 -22.72 29.01
C SER B 109 -2.81 -22.25 30.45
N PHE B 110 -1.71 -22.14 31.20
CA PHE B 110 -1.78 -21.77 32.61
C PHE B 110 -1.09 -20.43 32.88
N PHE B 111 0.19 -20.29 32.53
CA PHE B 111 0.91 -19.04 32.79
C PHE B 111 0.31 -17.85 32.06
N PRO B 112 -0.02 -17.91 30.76
CA PRO B 112 -0.70 -16.77 30.14
C PRO B 112 -2.00 -16.41 30.82
N ALA B 113 -2.78 -17.40 31.26
CA ALA B 113 -4.02 -17.11 31.97
C ALA B 113 -3.75 -16.38 33.28
N ILE B 114 -2.76 -16.85 34.04
CA ILE B 114 -2.46 -16.23 35.33
C ILE B 114 -1.99 -14.79 35.13
N ILE B 115 -1.11 -14.57 34.14
CA ILE B 115 -0.61 -13.22 33.90
C ILE B 115 -1.72 -12.30 33.40
N TYR B 116 -2.56 -12.81 32.48
CA TYR B 116 -3.64 -12.01 31.95
C TYR B 116 -4.69 -11.68 33.01
N LEU B 117 -4.82 -12.53 34.03
CA LEU B 117 -5.69 -12.19 35.15
C LEU B 117 -5.33 -10.82 35.72
N PHE B 118 -4.04 -10.61 35.98
CA PHE B 118 -3.59 -9.34 36.54
C PHE B 118 -3.58 -8.23 35.51
N PHE B 119 -3.13 -8.52 34.29
CA PHE B 119 -2.74 -7.46 33.35
C PHE B 119 -3.75 -7.21 32.24
N GLY B 120 -4.88 -7.93 32.21
CA GLY B 120 -5.79 -7.84 31.08
C GLY B 120 -7.05 -7.04 31.38
N THR B 121 -7.63 -6.51 30.31
CA THR B 121 -8.84 -5.69 30.40
C THR B 121 -10.11 -6.48 30.10
N SER B 122 -10.10 -7.32 29.06
CA SER B 122 -11.29 -8.07 28.69
C SER B 122 -11.67 -9.05 29.80
N ARG B 123 -12.98 -9.25 29.99
CA ARG B 123 -13.49 -10.12 31.03
C ARG B 123 -14.22 -11.34 30.46
N HIS B 124 -14.03 -11.63 29.17
CA HIS B 124 -14.74 -12.75 28.56
C HIS B 124 -13.86 -13.58 27.63
N ILE B 125 -12.54 -13.51 27.77
CA ILE B 125 -11.64 -14.31 26.96
C ILE B 125 -10.80 -15.18 27.87
N SER B 126 -10.48 -16.38 27.38
CA SER B 126 -9.66 -17.35 28.09
C SER B 126 -8.39 -17.54 27.29
N VAL B 127 -7.34 -16.79 27.66
CA VAL B 127 -6.09 -16.80 26.91
C VAL B 127 -5.41 -18.15 27.05
N GLY B 128 -4.94 -18.69 25.93
CA GLY B 128 -4.23 -19.94 25.90
C GLY B 128 -3.62 -20.17 24.54
N PRO B 129 -3.44 -21.44 24.15
CA PRO B 129 -2.98 -21.73 22.79
C PRO B 129 -4.13 -21.95 21.83
N PHE B 130 -3.95 -21.49 20.60
CA PHE B 130 -4.92 -21.73 19.55
C PHE B 130 -4.22 -22.22 18.29
N PRO B 131 -4.92 -22.99 17.45
CA PRO B 131 -4.21 -23.76 16.41
C PRO B 131 -3.40 -22.93 15.44
N ILE B 132 -3.87 -21.73 15.07
CA ILE B 132 -3.14 -20.92 14.10
C ILE B 132 -1.77 -20.55 14.65
N LEU B 133 -1.73 -20.01 15.86
CA LEU B 133 -0.45 -19.64 16.46
C LEU B 133 0.37 -20.87 16.80
N SER B 134 -0.28 -21.98 17.15
CA SER B 134 0.47 -23.21 17.40
C SER B 134 1.21 -23.66 16.15
N MET B 135 0.56 -23.60 14.99
CA MET B 135 1.25 -23.96 13.76
C MET B 135 2.30 -22.94 13.36
N MET B 136 2.06 -21.65 13.63
CA MET B 136 3.10 -20.66 13.40
C MET B 136 4.34 -20.96 14.22
N VAL B 137 4.14 -21.29 15.50
CA VAL B 137 5.26 -21.63 16.38
C VAL B 137 5.93 -22.91 15.91
N GLY B 138 5.15 -23.87 15.40
CA GLY B 138 5.74 -25.09 14.88
C GLY B 138 6.63 -24.85 13.68
N LEU B 139 6.15 -24.04 12.74
CA LEU B 139 6.96 -23.71 11.57
C LEU B 139 8.22 -22.93 11.99
N ALA B 140 8.07 -21.99 12.92
CA ALA B 140 9.21 -21.22 13.38
C ALA B 140 10.25 -22.10 14.06
N VAL B 141 9.80 -23.03 14.91
CA VAL B 141 10.73 -23.90 15.62
C VAL B 141 11.38 -24.90 14.66
N SER B 142 10.65 -25.36 13.64
CA SER B 142 11.27 -26.22 12.64
C SER B 142 12.34 -25.46 11.86
N GLY B 143 12.05 -24.21 11.48
CA GLY B 143 13.07 -23.39 10.83
C GLY B 143 14.27 -23.16 11.73
N ALA B 144 14.03 -22.93 13.02
CA ALA B 144 15.13 -22.71 13.96
C ALA B 144 16.02 -23.95 14.07
N VAL B 145 15.39 -25.13 14.20
CA VAL B 145 16.18 -26.34 14.36
C VAL B 145 16.89 -26.69 13.07
N SER B 146 16.33 -26.30 11.91
CA SER B 146 17.02 -26.53 10.65
C SER B 146 18.16 -25.54 10.43
N LYS B 147 18.05 -24.33 10.98
CA LYS B 147 19.04 -23.29 10.79
C LYS B 147 20.08 -23.22 11.88
N ALA B 148 20.04 -24.13 12.85
CA ALA B 148 20.95 -24.10 13.99
C ALA B 148 22.25 -24.83 13.65
N VAL B 149 23.37 -24.16 13.88
CA VAL B 149 24.69 -24.74 13.66
C VAL B 149 24.94 -25.78 14.73
N PRO B 150 25.74 -26.83 14.46
CA PRO B 150 26.02 -27.85 15.47
C PRO B 150 27.24 -27.51 16.33
N LEU B 168 15.86 -40.24 19.42
CA LEU B 168 14.53 -40.31 20.01
C LEU B 168 14.32 -39.19 21.01
N LEU B 169 14.97 -39.31 22.17
CA LEU B 169 14.86 -38.30 23.22
C LEU B 169 15.80 -37.12 23.02
N ASP B 170 16.61 -37.13 21.96
CA ASP B 170 17.56 -36.06 21.70
C ASP B 170 17.01 -34.98 20.78
N ASP B 171 15.76 -35.11 20.33
CA ASP B 171 15.17 -34.16 19.40
C ASP B 171 14.10 -33.28 20.05
N GLU B 172 13.21 -33.86 20.85
CA GLU B 172 12.16 -33.06 21.47
C GLU B 172 12.74 -32.07 22.47
N ARG B 173 13.91 -32.35 23.04
CA ARG B 173 14.53 -31.41 23.96
C ARG B 173 14.90 -30.11 23.25
N VAL B 174 15.61 -30.22 22.13
CA VAL B 174 15.96 -29.01 21.38
C VAL B 174 14.72 -28.37 20.76
N ARG B 175 13.74 -29.17 20.37
CA ARG B 175 12.49 -28.60 19.86
C ARG B 175 11.81 -27.75 20.93
N VAL B 176 11.74 -28.26 22.16
CA VAL B 176 11.09 -27.54 23.24
C VAL B 176 11.89 -26.28 23.60
N ALA B 177 13.22 -26.38 23.63
CA ALA B 177 14.04 -25.22 23.93
C ALA B 177 13.85 -24.12 22.89
N ALA B 178 13.85 -24.51 21.60
CA ALA B 178 13.68 -23.52 20.54
C ALA B 178 12.27 -22.93 20.55
N ALA B 179 11.27 -23.75 20.87
CA ALA B 179 9.90 -23.23 20.98
C ALA B 179 9.79 -22.23 22.13
N ALA B 180 10.43 -22.53 23.26
CA ALA B 180 10.41 -21.60 24.38
C ALA B 180 11.10 -20.29 24.01
N SER B 181 12.23 -20.37 23.31
CA SER B 181 12.93 -19.14 22.91
C SER B 181 12.11 -18.33 21.91
N VAL B 182 11.47 -18.99 20.94
CA VAL B 182 10.67 -18.26 19.97
C VAL B 182 9.46 -17.63 20.63
N THR B 183 8.87 -18.32 21.62
CA THR B 183 7.79 -17.72 22.38
C THR B 183 8.26 -16.51 23.18
N VAL B 184 9.47 -16.62 23.76
CA VAL B 184 10.02 -15.50 24.51
C VAL B 184 10.21 -14.29 23.61
N LEU B 185 10.73 -14.51 22.41
CA LEU B 185 10.95 -13.39 21.50
C LEU B 185 9.63 -12.81 21.00
N SER B 186 8.64 -13.65 20.73
CA SER B 186 7.32 -13.15 20.35
C SER B 186 6.72 -12.30 21.46
N GLY B 187 6.85 -12.76 22.71
CA GLY B 187 6.36 -11.97 23.83
C GLY B 187 7.10 -10.67 24.01
N ILE B 188 8.41 -10.68 23.77
CA ILE B 188 9.20 -9.45 23.88
C ILE B 188 8.75 -8.46 22.81
N ILE B 189 8.53 -8.94 21.59
CA ILE B 189 8.06 -8.06 20.52
C ILE B 189 6.69 -7.48 20.87
N GLN B 190 5.80 -8.33 21.39
CA GLN B 190 4.46 -7.85 21.77
C GLN B 190 4.55 -6.81 22.88
N LEU B 191 5.41 -7.05 23.88
CA LEU B 191 5.55 -6.10 24.97
C LEU B 191 6.13 -4.78 24.49
N ALA B 192 7.11 -4.84 23.57
CA ALA B 192 7.66 -3.60 23.03
C ALA B 192 6.61 -2.84 22.24
N PHE B 193 5.80 -3.55 21.45
CA PHE B 193 4.74 -2.88 20.71
C PHE B 193 3.72 -2.24 21.64
N GLY B 194 3.36 -2.94 22.72
CA GLY B 194 2.43 -2.37 23.68
C GLY B 194 3.00 -1.16 24.40
N ILE B 195 4.28 -1.22 24.76
CA ILE B 195 4.92 -0.10 25.43
C ILE B 195 4.97 1.12 24.52
N LEU B 196 5.33 0.90 23.24
CA LEU B 196 5.35 1.98 22.27
C LEU B 196 3.96 2.50 21.93
N ARG B 197 2.90 1.92 22.51
CA ARG B 197 1.53 2.35 22.32
C ARG B 197 1.07 2.27 20.87
N ILE B 198 1.72 1.42 20.07
CA ILE B 198 1.25 1.16 18.70
C ILE B 198 0.29 -0.02 18.79
N GLY B 199 -0.95 0.28 19.14
CA GLY B 199 -2.02 -0.70 19.21
C GLY B 199 -2.93 -0.71 18.01
N PHE B 200 -2.76 0.24 17.08
CA PHE B 200 -3.55 0.31 15.86
C PHE B 200 -3.00 -0.57 14.75
N VAL B 201 -2.11 -1.52 15.09
CA VAL B 201 -1.60 -2.44 14.08
C VAL B 201 -2.73 -3.37 13.61
N VAL B 202 -3.63 -3.75 14.52
CA VAL B 202 -4.75 -4.61 14.16
C VAL B 202 -5.66 -3.94 13.13
N ILE B 203 -5.52 -2.63 12.93
CA ILE B 203 -6.31 -1.93 11.92
C ILE B 203 -5.96 -2.44 10.53
N TYR B 204 -4.67 -2.61 10.24
CA TYR B 204 -4.24 -2.88 8.88
C TYR B 204 -4.68 -4.25 8.37
N LEU B 205 -5.05 -5.18 9.26
CA LEU B 205 -5.37 -6.53 8.83
C LEU B 205 -6.75 -6.62 8.17
N SER B 206 -7.68 -5.74 8.55
CA SER B 206 -8.98 -5.64 7.89
C SER B 206 -9.84 -6.87 8.08
N GLU B 207 -10.80 -7.07 7.17
CA GLU B 207 -11.80 -8.13 7.26
C GLU B 207 -11.64 -9.20 6.19
N SER B 208 -11.52 -8.79 4.92
CA SER B 208 -11.36 -9.79 3.86
C SER B 208 -10.04 -10.54 4.00
N LEU B 209 -8.96 -9.83 4.32
CA LEU B 209 -7.68 -10.50 4.54
C LEU B 209 -7.75 -11.46 5.73
N ILE B 210 -8.40 -11.04 6.82
CA ILE B 210 -8.48 -11.93 7.97
C ILE B 210 -9.34 -13.15 7.65
N SER B 211 -10.39 -12.99 6.83
CA SER B 211 -11.19 -14.14 6.44
C SER B 211 -10.38 -15.11 5.58
N GLY B 212 -9.67 -14.59 4.58
CA GLY B 212 -8.86 -15.47 3.74
C GLY B 212 -7.75 -16.16 4.52
N PHE B 213 -7.08 -15.42 5.40
CA PHE B 213 -6.02 -15.99 6.20
C PHE B 213 -6.57 -17.04 7.16
N THR B 214 -7.76 -16.80 7.71
CA THR B 214 -8.41 -17.76 8.58
C THR B 214 -8.73 -19.05 7.83
N THR B 215 -9.27 -18.92 6.61
CA THR B 215 -9.57 -20.11 5.82
C THR B 215 -8.29 -20.89 5.48
N ALA B 216 -7.23 -20.17 5.10
CA ALA B 216 -5.97 -20.83 4.79
C ALA B 216 -5.39 -21.53 6.00
N ALA B 217 -5.47 -20.90 7.18
CA ALA B 217 -5.01 -21.54 8.39
C ALA B 217 -5.84 -22.76 8.75
N ALA B 218 -7.15 -22.72 8.46
CA ALA B 218 -7.98 -23.91 8.66
C ALA B 218 -7.53 -25.05 7.76
N VAL B 219 -7.24 -24.75 6.50
CA VAL B 219 -6.73 -25.77 5.59
C VAL B 219 -5.39 -26.31 6.08
N HIS B 220 -4.55 -25.42 6.62
CA HIS B 220 -3.27 -25.83 7.18
C HIS B 220 -3.48 -26.78 8.36
N VAL B 221 -4.44 -26.47 9.22
CA VAL B 221 -4.78 -27.36 10.33
C VAL B 221 -5.19 -28.72 9.81
N LEU B 222 -6.06 -28.73 8.79
CA LEU B 222 -6.58 -29.98 8.25
C LEU B 222 -5.45 -30.83 7.67
N VAL B 223 -4.51 -30.20 6.97
CA VAL B 223 -3.41 -30.97 6.38
C VAL B 223 -2.45 -31.45 7.47
N SER B 224 -2.14 -30.59 8.43
CA SER B 224 -1.15 -30.94 9.45
C SER B 224 -1.63 -32.04 10.38
N GLN B 225 -2.94 -32.08 10.67
CA GLN B 225 -3.44 -33.10 11.60
C GLN B 225 -3.50 -34.48 10.96
N LEU B 226 -3.23 -34.61 9.66
CA LEU B 226 -3.28 -35.91 9.00
C LEU B 226 -2.21 -36.84 9.56
N LYS B 227 -1.02 -36.31 9.83
CA LYS B 227 0.08 -37.14 10.32
C LYS B 227 -0.23 -37.76 11.67
N PHE B 228 -1.15 -37.19 12.43
CA PHE B 228 -1.62 -37.77 13.69
C PHE B 228 -2.88 -38.59 13.52
N ILE B 229 -3.76 -38.21 12.58
CA ILE B 229 -4.95 -39.02 12.35
C ILE B 229 -4.61 -40.34 11.68
N PHE B 230 -3.43 -40.44 11.07
CA PHE B 230 -2.99 -41.68 10.45
C PHE B 230 -1.90 -42.41 11.23
N GLN B 231 -1.31 -41.76 12.23
CA GLN B 231 -0.23 -42.33 13.04
C GLN B 231 0.97 -42.71 12.18
N LEU B 232 1.55 -41.69 11.55
CA LEU B 232 2.76 -41.83 10.74
C LEU B 232 3.85 -40.93 11.29
N THR B 233 5.00 -40.95 10.62
CA THR B 233 6.13 -40.07 10.92
C THR B 233 6.41 -39.20 9.71
N VAL B 234 6.53 -37.90 9.93
CA VAL B 234 6.69 -36.95 8.83
C VAL B 234 7.86 -36.02 9.15
N PRO B 235 8.81 -35.83 8.22
CA PRO B 235 9.88 -34.86 8.46
C PRO B 235 9.32 -33.46 8.58
N SER B 236 9.93 -32.67 9.47
CA SER B 236 9.45 -31.33 9.77
C SER B 236 9.88 -30.38 8.66
N HIS B 237 8.95 -30.03 7.78
CA HIS B 237 9.20 -29.12 6.68
C HIS B 237 9.05 -27.67 7.15
N THR B 238 9.66 -26.76 6.40
CA THR B 238 9.73 -25.36 6.80
C THR B 238 9.34 -24.45 5.65
N ASP B 239 8.74 -23.32 6.00
CA ASP B 239 8.37 -22.16 5.18
C ASP B 239 7.83 -22.56 3.79
N PRO B 240 8.54 -22.36 2.67
CA PRO B 240 7.84 -22.25 1.40
C PRO B 240 7.22 -23.59 0.99
N VAL B 241 5.97 -23.53 0.53
CA VAL B 241 5.20 -24.70 0.14
C VAL B 241 5.23 -25.72 1.26
N SER B 242 4.70 -25.35 2.42
CA SER B 242 4.74 -26.24 3.58
C SER B 242 3.64 -27.29 3.53
N ILE B 243 2.45 -26.91 3.04
CA ILE B 243 1.32 -27.84 3.02
C ILE B 243 1.60 -28.98 2.04
N PHE B 244 2.03 -28.65 0.82
CA PHE B 244 2.20 -29.67 -0.20
C PHE B 244 3.36 -30.60 0.11
N LYS B 245 4.43 -30.08 0.73
CA LYS B 245 5.50 -30.96 1.19
C LYS B 245 4.99 -31.93 2.24
N VAL B 246 4.20 -31.44 3.19
CA VAL B 246 3.59 -32.32 4.18
C VAL B 246 2.60 -33.27 3.51
N LEU B 247 1.90 -32.79 2.48
CA LEU B 247 1.00 -33.66 1.75
C LEU B 247 1.73 -34.84 1.12
N TYR B 248 2.88 -34.57 0.49
CA TYR B 248 3.68 -35.65 -0.08
C TYR B 248 4.18 -36.58 1.03
N SER B 249 4.76 -36.02 2.09
CA SER B 249 5.32 -36.84 3.15
C SER B 249 4.26 -37.68 3.85
N VAL B 250 3.00 -37.29 3.79
CA VAL B 250 1.92 -38.07 4.36
C VAL B 250 1.41 -39.12 3.38
N PHE B 251 1.16 -38.71 2.12
CA PHE B 251 0.56 -39.59 1.14
C PHE B 251 1.53 -40.62 0.57
N SER B 252 2.84 -40.45 0.76
CA SER B 252 3.78 -41.44 0.29
C SER B 252 3.84 -42.70 1.15
N GLN B 253 3.19 -42.70 2.31
CA GLN B 253 3.25 -43.82 3.24
C GLN B 253 1.86 -44.16 3.77
N ILE B 254 0.89 -44.29 2.87
CA ILE B 254 -0.45 -44.71 3.26
C ILE B 254 -0.44 -46.14 3.80
N GLU B 255 0.41 -47.00 3.24
CA GLU B 255 0.42 -48.40 3.65
C GLU B 255 0.85 -48.60 5.10
N LYS B 256 1.41 -47.58 5.74
CA LYS B 256 1.92 -47.70 7.10
C LYS B 256 0.96 -47.14 8.15
N THR B 257 -0.29 -46.85 7.80
CA THR B 257 -1.22 -46.34 8.78
C THR B 257 -1.63 -47.45 9.75
N ASN B 258 -2.43 -47.08 10.74
CA ASN B 258 -3.00 -48.04 11.68
C ASN B 258 -4.51 -48.01 11.49
N ILE B 259 -5.08 -49.17 11.13
CA ILE B 259 -6.49 -49.24 10.77
C ILE B 259 -7.38 -48.91 11.96
N ALA B 260 -7.04 -49.43 13.14
CA ALA B 260 -7.85 -49.17 14.33
C ALA B 260 -7.84 -47.69 14.68
N ASP B 261 -6.66 -47.05 14.63
CA ASP B 261 -6.57 -45.63 14.92
C ASP B 261 -7.38 -44.80 13.91
N LEU B 262 -7.27 -45.15 12.63
CA LEU B 262 -8.06 -44.44 11.63
C LEU B 262 -9.56 -44.63 11.88
N VAL B 263 -9.97 -45.84 12.25
CA VAL B 263 -11.39 -46.13 12.47
C VAL B 263 -11.92 -45.32 13.65
N THR B 264 -11.17 -45.31 14.76
CA THR B 264 -11.66 -44.60 15.94
C THR B 264 -11.66 -43.08 15.71
N ALA B 265 -10.65 -42.57 15.01
CA ALA B 265 -10.65 -41.14 14.68
C ALA B 265 -11.82 -40.79 13.78
N LEU B 266 -12.10 -41.64 12.79
CA LEU B 266 -13.25 -41.39 11.92
C LEU B 266 -14.55 -41.40 12.71
N ILE B 267 -14.73 -42.39 13.59
CA ILE B 267 -15.99 -42.52 14.32
C ILE B 267 -16.19 -41.32 15.24
N VAL B 268 -15.10 -40.87 15.90
CA VAL B 268 -15.24 -39.69 16.73
C VAL B 268 -15.53 -38.46 15.88
N LEU B 269 -14.99 -38.40 14.66
CA LEU B 269 -15.26 -37.27 13.78
C LEU B 269 -16.74 -37.20 13.41
N LEU B 270 -17.30 -38.32 12.91
CA LEU B 270 -18.71 -38.27 12.52
C LEU B 270 -19.62 -38.05 13.72
N VAL B 271 -19.33 -38.68 14.87
CA VAL B 271 -20.22 -38.47 16.01
C VAL B 271 -20.15 -37.03 16.50
N VAL B 272 -18.96 -36.43 16.47
CA VAL B 272 -18.82 -35.04 16.89
C VAL B 272 -19.60 -34.13 15.94
N SER B 273 -19.48 -34.36 14.64
CA SER B 273 -20.21 -33.55 13.68
C SER B 273 -21.73 -33.71 13.86
N ILE B 274 -22.18 -34.95 14.06
CA ILE B 274 -23.62 -35.21 14.20
C ILE B 274 -24.17 -34.50 15.43
N VAL B 275 -23.48 -34.61 16.56
CA VAL B 275 -23.99 -33.97 17.77
C VAL B 275 -23.81 -32.45 17.68
N LYS B 276 -22.81 -31.96 16.95
CA LYS B 276 -22.69 -30.53 16.76
C LYS B 276 -23.88 -29.98 15.98
N GLU B 277 -24.30 -30.71 14.95
CA GLU B 277 -25.52 -30.34 14.22
C GLU B 277 -26.74 -30.41 15.14
N ILE B 278 -26.86 -31.49 15.91
CA ILE B 278 -28.00 -31.67 16.80
C ILE B 278 -27.98 -30.71 17.98
N ASN B 279 -26.87 -30.05 18.23
CA ASN B 279 -26.77 -29.04 19.28
C ASN B 279 -27.00 -27.63 18.78
N GLN B 280 -26.43 -27.27 17.62
CA GLN B 280 -26.79 -25.99 17.02
C GLN B 280 -28.26 -25.95 16.64
N ARG B 281 -28.84 -27.12 16.34
CA ARG B 281 -30.27 -27.29 16.16
C ARG B 281 -30.83 -27.89 17.46
N PHE B 282 -32.16 -27.99 17.55
CA PHE B 282 -32.86 -28.44 18.77
C PHE B 282 -32.45 -27.59 19.98
N LYS B 283 -32.31 -26.28 19.79
CA LYS B 283 -31.93 -25.44 20.92
C LYS B 283 -33.15 -25.05 21.75
N ASP B 284 -33.91 -26.04 22.18
CA ASP B 284 -35.09 -25.82 23.03
C ASP B 284 -35.05 -26.75 24.22
N LYS B 285 -35.20 -26.19 25.42
CA LYS B 285 -35.18 -26.95 26.67
C LYS B 285 -33.92 -27.80 26.78
N LEU B 286 -32.79 -27.24 26.37
CA LEU B 286 -31.50 -27.90 26.41
C LEU B 286 -30.47 -27.00 27.07
N PRO B 287 -30.59 -26.77 28.38
CA PRO B 287 -29.58 -25.99 29.08
C PRO B 287 -28.29 -26.79 29.25
N VAL B 288 -27.19 -26.05 29.34
CA VAL B 288 -25.86 -26.65 29.46
C VAL B 288 -25.65 -27.64 28.31
N PRO B 289 -25.41 -27.17 27.08
CA PRO B 289 -25.33 -28.08 25.95
C PRO B 289 -24.28 -29.16 26.15
N ILE B 290 -24.57 -30.35 25.64
CA ILE B 290 -23.78 -31.54 25.97
C ILE B 290 -22.35 -31.37 25.47
N PRO B 291 -21.35 -31.48 26.34
CA PRO B 291 -19.93 -31.38 25.92
C PRO B 291 -19.37 -32.72 25.45
N ILE B 292 -19.66 -33.05 24.18
CA ILE B 292 -19.18 -34.32 23.64
C ILE B 292 -17.67 -34.37 23.65
N GLU B 293 -17.01 -33.23 23.54
CA GLU B 293 -15.55 -33.21 23.56
C GLU B 293 -15.03 -33.96 24.79
N PHE B 294 -15.37 -33.46 25.97
CA PHE B 294 -14.96 -34.11 27.21
C PHE B 294 -15.60 -35.49 27.36
N ILE B 295 -16.88 -35.63 26.98
CA ILE B 295 -17.57 -36.90 27.18
C ILE B 295 -16.87 -38.02 26.44
N MET B 296 -16.53 -37.79 25.17
CA MET B 296 -15.97 -38.87 24.37
C MET B 296 -14.45 -38.95 24.54
N THR B 297 -13.79 -37.90 25.01
CA THR B 297 -12.42 -38.09 25.47
C THR B 297 -12.39 -39.00 26.69
N VAL B 298 -13.36 -38.83 27.60
CA VAL B 298 -13.48 -39.74 28.73
C VAL B 298 -13.78 -41.16 28.24
N ILE B 299 -14.66 -41.28 27.24
CA ILE B 299 -14.98 -42.59 26.68
C ILE B 299 -13.74 -43.25 26.09
N ALA B 300 -12.95 -42.48 25.33
CA ALA B 300 -11.74 -42.99 24.71
C ALA B 300 -10.71 -43.40 25.75
N ALA B 301 -10.53 -42.57 26.78
CA ALA B 301 -9.60 -42.92 27.86
C ALA B 301 -10.03 -44.19 28.55
N GLY B 302 -11.33 -44.33 28.80
CA GLY B 302 -11.84 -45.53 29.44
C GLY B 302 -11.63 -46.78 28.62
N VAL B 303 -11.95 -46.74 27.33
CA VAL B 303 -11.79 -47.92 26.49
C VAL B 303 -10.30 -48.19 26.30
N SER B 304 -9.47 -47.14 26.36
CA SER B 304 -8.03 -47.33 26.27
C SER B 304 -7.49 -48.08 27.48
N TYR B 305 -7.95 -47.71 28.68
CA TYR B 305 -7.55 -48.45 29.87
C TYR B 305 -8.19 -49.83 29.91
N GLY B 306 -9.33 -50.01 29.24
CA GLY B 306 -10.02 -51.28 29.26
C GLY B 306 -9.45 -52.33 28.32
N CYS B 307 -9.55 -52.09 27.01
CA CYS B 307 -9.22 -53.11 26.03
C CYS B 307 -7.76 -53.07 25.57
N ASP B 308 -6.96 -52.13 26.08
CA ASP B 308 -5.51 -52.11 25.88
C ASP B 308 -5.15 -52.02 24.39
N PHE B 309 -5.46 -50.85 23.80
CA PHE B 309 -5.02 -50.60 22.44
C PHE B 309 -3.51 -50.66 22.30
N LYS B 310 -2.75 -50.35 23.36
CA LYS B 310 -1.30 -50.41 23.26
C LYS B 310 -0.79 -51.84 23.15
N ASN B 311 -1.50 -52.80 23.74
CA ASN B 311 -1.07 -54.19 23.70
C ASN B 311 -1.72 -54.95 22.54
N ARG B 312 -3.06 -54.94 22.48
CA ARG B 312 -3.76 -55.66 21.42
C ARG B 312 -3.46 -55.06 20.05
N PHE B 313 -3.44 -53.72 19.95
CA PHE B 313 -3.11 -53.02 18.73
C PHE B 313 -1.79 -52.27 18.92
N LYS B 314 -1.44 -51.48 17.91
CA LYS B 314 -0.27 -50.60 17.95
C LYS B 314 -0.77 -49.17 17.74
N VAL B 315 -0.76 -48.37 18.81
CA VAL B 315 -1.25 -47.00 18.76
C VAL B 315 -0.15 -46.03 19.19
N ALA B 316 -0.47 -44.74 19.20
CA ALA B 316 0.50 -43.70 19.53
C ALA B 316 0.06 -42.91 20.75
N VAL B 317 -0.33 -43.61 21.81
CA VAL B 317 -0.91 -43.03 23.03
C VAL B 317 -0.05 -41.90 23.56
N VAL B 318 -0.68 -40.88 24.14
CA VAL B 318 0.06 -39.82 24.82
C VAL B 318 0.97 -40.45 25.87
N GLY B 319 2.21 -39.99 25.90
CA GLY B 319 3.18 -40.55 26.83
C GLY B 319 2.86 -40.23 28.28
N ASP B 320 3.62 -40.85 29.17
CA ASP B 320 3.43 -40.65 30.59
C ASP B 320 3.64 -39.18 30.97
N MET B 321 2.71 -38.64 31.75
CA MET B 321 2.77 -37.26 32.19
C MET B 321 3.60 -37.20 33.47
N ASN B 322 4.73 -36.51 33.41
CA ASN B 322 5.53 -36.33 34.62
C ASN B 322 4.79 -35.39 35.56
N PRO B 323 4.78 -35.65 36.87
CA PRO B 323 4.04 -34.78 37.80
C PRO B 323 4.91 -33.61 38.23
N GLY B 324 4.51 -32.40 37.84
CA GLY B 324 5.19 -31.19 38.25
C GLY B 324 5.56 -30.32 37.06
N PHE B 325 5.99 -29.11 37.39
CA PHE B 325 6.45 -28.15 36.41
C PHE B 325 7.90 -28.46 36.04
N GLN B 326 8.54 -27.54 35.32
CA GLN B 326 9.94 -27.66 34.97
C GLN B 326 10.66 -26.37 35.31
N PRO B 327 11.95 -26.45 35.67
CA PRO B 327 12.67 -25.23 36.01
C PRO B 327 12.80 -24.32 34.82
N PRO B 328 12.80 -23.00 35.03
CA PRO B 328 12.93 -22.07 33.90
C PRO B 328 14.29 -22.18 33.25
N ILE B 329 14.31 -21.93 31.94
CA ILE B 329 15.53 -21.96 31.14
C ILE B 329 15.73 -20.60 30.50
N THR B 330 16.98 -20.15 30.45
CA THR B 330 17.28 -18.90 29.79
C THR B 330 16.95 -19.02 28.30
N PRO B 331 16.42 -17.97 27.67
CA PRO B 331 16.10 -18.04 26.24
C PRO B 331 17.38 -18.12 25.41
N ASP B 332 17.46 -19.17 24.58
CA ASP B 332 18.68 -19.38 23.80
C ASP B 332 18.85 -18.26 22.78
N VAL B 333 20.05 -17.68 22.76
CA VAL B 333 20.32 -16.54 21.89
C VAL B 333 20.62 -16.99 20.46
N GLU B 334 21.12 -18.22 20.29
CA GLU B 334 21.43 -18.70 18.95
C GLU B 334 20.20 -18.72 18.06
N THR B 335 19.07 -19.16 18.59
CA THR B 335 17.82 -19.15 17.84
C THR B 335 17.08 -17.83 17.94
N PHE B 336 17.57 -16.88 18.73
CA PHE B 336 16.99 -15.54 18.76
C PHE B 336 17.15 -14.84 17.41
N GLN B 337 18.34 -14.93 16.83
CA GLN B 337 18.63 -14.24 15.58
C GLN B 337 18.00 -14.97 14.38
N ASN B 338 17.95 -16.30 14.44
CA ASN B 338 17.52 -17.08 13.28
C ASN B 338 16.06 -16.84 12.95
N THR B 339 15.20 -16.75 13.96
CA THR B 339 13.76 -16.72 13.76
C THR B 339 13.17 -15.33 13.85
N VAL B 340 13.99 -14.28 13.96
CA VAL B 340 13.51 -12.93 14.25
C VAL B 340 12.50 -12.46 13.20
N GLY B 341 12.46 -13.14 12.06
CA GLY B 341 11.45 -12.85 11.05
C GLY B 341 10.11 -13.47 11.36
N ASP B 342 10.11 -14.76 11.71
CA ASP B 342 8.85 -15.46 11.97
C ASP B 342 8.22 -15.01 13.28
N CYS B 343 9.01 -14.54 14.24
CA CYS B 343 8.44 -14.11 15.52
C CYS B 343 7.61 -12.84 15.38
N PHE B 344 7.97 -11.96 14.44
CA PHE B 344 7.13 -10.79 14.18
C PHE B 344 5.76 -11.22 13.70
N GLY B 345 5.72 -12.17 12.75
CA GLY B 345 4.44 -12.67 12.28
C GLY B 345 3.66 -13.37 13.38
N ILE B 346 4.35 -14.15 14.22
CA ILE B 346 3.69 -14.84 15.32
C ILE B 346 3.04 -13.83 16.26
N ALA B 347 3.80 -12.80 16.65
CA ALA B 347 3.28 -11.79 17.56
C ALA B 347 2.10 -11.04 16.95
N MET B 348 2.22 -10.67 15.67
CA MET B 348 1.13 -9.92 15.03
C MET B 348 -0.13 -10.77 14.91
N VAL B 349 0.02 -12.04 14.54
CA VAL B 349 -1.14 -12.92 14.43
C VAL B 349 -1.77 -13.13 15.80
N ALA B 350 -0.96 -13.32 16.84
CA ALA B 350 -1.50 -13.50 18.18
C ALA B 350 -2.27 -12.26 18.63
N PHE B 351 -1.69 -11.08 18.44
CA PHE B 351 -2.36 -9.85 18.87
C PHE B 351 -3.64 -9.63 18.07
N ALA B 352 -3.60 -9.87 16.76
CA ALA B 352 -4.79 -9.68 15.94
C ALA B 352 -5.90 -10.64 16.34
N VAL B 353 -5.55 -11.91 16.59
CA VAL B 353 -6.56 -12.89 17.00
C VAL B 353 -7.15 -12.51 18.34
N ALA B 354 -6.30 -12.10 19.29
CA ALA B 354 -6.80 -11.71 20.60
C ALA B 354 -7.73 -10.52 20.51
N PHE B 355 -7.33 -9.49 19.75
CA PHE B 355 -8.15 -8.30 19.62
C PHE B 355 -9.47 -8.61 18.92
N SER B 356 -9.43 -9.42 17.86
CA SER B 356 -10.66 -9.75 17.14
C SER B 356 -11.60 -10.57 18.01
N VAL B 357 -11.08 -11.53 18.77
CA VAL B 357 -11.92 -12.34 19.63
C VAL B 357 -12.55 -11.49 20.73
N ALA B 358 -11.74 -10.62 21.36
CA ALA B 358 -12.26 -9.78 22.43
C ALA B 358 -13.13 -8.64 21.92
N SER B 359 -13.08 -8.33 20.63
CA SER B 359 -13.90 -7.24 20.10
C SER B 359 -15.39 -7.55 20.23
N VAL B 360 -15.79 -8.79 19.97
CA VAL B 360 -17.20 -9.15 20.06
C VAL B 360 -17.67 -9.02 21.51
N TYR B 361 -16.89 -9.52 22.45
CA TYR B 361 -17.29 -9.50 23.86
C TYR B 361 -17.06 -8.16 24.52
N SER B 362 -16.40 -7.22 23.83
CA SER B 362 -16.39 -5.83 24.29
C SER B 362 -17.53 -5.03 23.67
N LEU B 363 -17.93 -5.35 22.44
CA LEU B 363 -19.13 -4.76 21.88
C LEU B 363 -20.35 -5.17 22.69
N LYS B 364 -20.41 -6.43 23.10
CA LYS B 364 -21.37 -6.83 24.12
C LYS B 364 -20.85 -6.44 25.50
N TYR B 365 -21.79 -6.19 26.42
CA TYR B 365 -21.51 -5.88 27.82
C TYR B 365 -20.83 -4.52 27.99
N ASP B 366 -20.48 -3.87 26.87
CA ASP B 366 -20.09 -2.46 26.82
C ASP B 366 -19.01 -2.11 27.86
N TYR B 367 -17.83 -2.68 27.67
CA TYR B 367 -16.73 -2.19 28.48
C TYR B 367 -15.58 -1.71 27.60
N PRO B 368 -14.81 -0.71 28.07
CA PRO B 368 -13.78 -0.10 27.21
C PRO B 368 -12.48 -0.87 27.17
N LEU B 369 -12.39 -1.88 26.30
CA LEU B 369 -11.13 -2.59 26.11
C LEU B 369 -10.07 -1.67 25.55
N ASP B 370 -8.84 -1.82 26.04
CA ASP B 370 -7.71 -1.01 25.61
C ASP B 370 -6.72 -1.89 24.85
N GLY B 371 -6.43 -1.51 23.60
CA GLY B 371 -5.57 -2.33 22.77
C GLY B 371 -4.14 -2.41 23.28
N ASN B 372 -3.58 -1.29 23.71
CA ASN B 372 -2.22 -1.30 24.23
C ASN B 372 -2.10 -2.13 25.50
N GLN B 373 -3.10 -2.01 26.38
CA GLN B 373 -3.09 -2.81 27.61
C GLN B 373 -3.22 -4.30 27.28
N GLU B 374 -4.07 -4.64 26.30
CA GLU B 374 -4.18 -6.03 25.87
C GLU B 374 -2.85 -6.55 25.33
N LEU B 375 -2.17 -5.72 24.53
CA LEU B 375 -0.87 -6.11 23.99
C LEU B 375 0.13 -6.34 25.10
N ILE B 376 0.17 -5.45 26.10
CA ILE B 376 1.10 -5.60 27.21
C ILE B 376 0.82 -6.87 27.99
N ALA B 377 -0.46 -7.14 28.25
CA ALA B 377 -0.83 -8.34 29.00
C ALA B 377 -0.43 -9.60 28.25
N LEU B 378 -0.73 -9.64 26.94
CA LEU B 378 -0.36 -10.82 26.15
C LEU B 378 1.14 -11.00 26.08
N GLY B 379 1.87 -9.89 25.95
CA GLY B 379 3.32 -9.99 25.92
C GLY B 379 3.90 -10.53 27.22
N LEU B 380 3.42 -10.01 28.35
CA LEU B 380 3.91 -10.51 29.63
C LEU B 380 3.57 -11.99 29.82
N GLY B 381 2.35 -12.38 29.44
CA GLY B 381 2.00 -13.78 29.53
C GLY B 381 2.88 -14.66 28.67
N ASN B 382 3.20 -14.19 27.46
CA ASN B 382 4.07 -14.97 26.58
C ASN B 382 5.49 -15.07 27.14
N ILE B 383 6.00 -13.98 27.74
CA ILE B 383 7.31 -14.05 28.38
C ILE B 383 7.30 -15.09 29.50
N VAL B 384 6.29 -15.06 30.35
CA VAL B 384 6.25 -15.99 31.47
C VAL B 384 6.15 -17.43 30.96
N CYS B 385 5.28 -17.67 29.98
CA CYS B 385 5.09 -19.02 29.46
C CYS B 385 6.37 -19.53 28.78
N GLY B 386 7.02 -18.67 27.98
CA GLY B 386 8.24 -19.10 27.31
C GLY B 386 9.38 -19.36 28.27
N VAL B 387 9.49 -18.52 29.32
CA VAL B 387 10.52 -18.73 30.32
C VAL B 387 10.28 -20.03 31.08
N PHE B 388 9.01 -20.36 31.34
CA PHE B 388 8.66 -21.57 32.06
C PHE B 388 8.38 -22.75 31.15
N ARG B 389 9.02 -22.80 29.98
CA ARG B 389 9.03 -23.98 29.10
C ARG B 389 7.64 -24.28 28.54
N GLY B 390 6.97 -23.26 28.03
CA GLY B 390 5.72 -23.44 27.33
C GLY B 390 5.82 -23.02 25.89
N PHE B 391 4.73 -22.49 25.32
CA PHE B 391 4.78 -21.91 23.99
C PHE B 391 3.71 -20.84 23.87
N ALA B 392 3.94 -19.91 22.95
CA ALA B 392 3.14 -18.70 22.86
C ALA B 392 1.69 -19.01 22.48
N GLY B 393 0.78 -18.13 22.91
CA GLY B 393 -0.61 -18.30 22.59
C GLY B 393 -1.41 -17.07 22.98
N SER B 394 -2.65 -17.05 22.48
CA SER B 394 -3.63 -16.03 22.83
C SER B 394 -5.01 -16.68 22.85
N THR B 395 -6.01 -15.90 23.23
CA THR B 395 -7.35 -16.44 23.42
C THR B 395 -7.85 -17.12 22.15
N ALA B 396 -8.30 -18.36 22.29
CA ALA B 396 -8.84 -19.11 21.17
C ALA B 396 -10.32 -18.77 20.98
N LEU B 397 -10.77 -18.83 19.73
CA LEU B 397 -12.14 -18.46 19.41
C LEU B 397 -13.13 -19.38 20.11
N SER B 398 -12.93 -20.70 19.97
CA SER B 398 -13.86 -21.66 20.57
C SER B 398 -13.80 -21.61 22.10
N ARG B 399 -12.60 -21.49 22.66
CA ARG B 399 -12.49 -21.41 24.13
C ARG B 399 -13.17 -20.16 24.66
N SER B 400 -12.98 -19.02 24.00
CA SER B 400 -13.66 -17.81 24.41
C SER B 400 -15.17 -17.96 24.27
N ALA B 401 -15.63 -18.59 23.19
CA ALA B 401 -17.06 -18.78 22.98
C ALA B 401 -17.67 -19.64 24.08
N VAL B 402 -17.01 -20.74 24.44
CA VAL B 402 -17.57 -21.61 25.47
C VAL B 402 -17.50 -20.92 26.84
N GLN B 403 -16.43 -20.16 27.09
CA GLN B 403 -16.34 -19.44 28.36
C GLN B 403 -17.45 -18.41 28.49
N GLU B 404 -17.72 -17.68 27.41
CA GLU B 404 -18.79 -16.67 27.45
C GLU B 404 -20.16 -17.31 27.55
N SER B 405 -20.40 -18.38 26.77
CA SER B 405 -21.72 -19.02 26.77
C SER B 405 -22.02 -19.69 28.10
N THR B 406 -21.00 -20.27 28.74
CA THR B 406 -21.22 -20.94 30.01
C THR B 406 -21.54 -19.97 31.15
N GLY B 407 -21.37 -18.67 30.94
CA GLY B 407 -21.72 -17.69 31.95
C GLY B 407 -20.52 -17.04 32.61
N GLY B 408 -19.47 -16.78 31.85
CA GLY B 408 -18.30 -16.13 32.39
C GLY B 408 -18.50 -14.64 32.55
N LYS B 409 -18.70 -14.19 33.80
CA LYS B 409 -18.96 -12.79 34.06
C LYS B 409 -17.68 -11.95 34.12
N THR B 410 -16.54 -12.59 34.39
CA THR B 410 -15.27 -11.87 34.49
C THR B 410 -14.14 -12.88 34.33
N GLN B 411 -12.91 -12.44 34.62
CA GLN B 411 -11.72 -13.25 34.45
C GLN B 411 -11.50 -14.25 35.59
N ILE B 412 -12.32 -14.22 36.64
CA ILE B 412 -12.22 -15.23 37.67
C ILE B 412 -12.52 -16.60 37.10
N ALA B 413 -13.33 -16.67 36.04
CA ALA B 413 -13.49 -17.92 35.31
C ALA B 413 -12.17 -18.35 34.69
N GLY B 414 -11.39 -17.40 34.16
CA GLY B 414 -10.06 -17.72 33.70
C GLY B 414 -9.16 -18.23 34.80
N LEU B 415 -9.28 -17.64 36.00
CA LEU B 415 -8.52 -18.13 37.15
C LEU B 415 -8.92 -19.56 37.50
N ILE B 416 -10.21 -19.86 37.45
CA ILE B 416 -10.66 -21.22 37.74
C ILE B 416 -10.13 -22.20 36.70
N GLY B 417 -10.13 -21.80 35.43
CA GLY B 417 -9.52 -22.62 34.41
C GLY B 417 -8.05 -22.84 34.65
N ALA B 418 -7.34 -21.78 35.08
CA ALA B 418 -5.92 -21.89 35.35
C ALA B 418 -5.64 -22.85 36.50
N ILE B 419 -6.43 -22.78 37.57
CA ILE B 419 -6.19 -23.67 38.69
C ILE B 419 -6.59 -25.10 38.33
N ILE B 420 -7.59 -25.27 37.46
CA ILE B 420 -7.92 -26.61 36.97
C ILE B 420 -6.74 -27.18 36.18
N VAL B 421 -6.12 -26.36 35.33
CA VAL B 421 -4.93 -26.81 34.61
C VAL B 421 -3.81 -27.14 35.58
N LEU B 422 -3.67 -26.33 36.63
CA LEU B 422 -2.61 -26.57 37.61
C LEU B 422 -2.81 -27.91 38.32
N ILE B 423 -4.03 -28.19 38.76
CA ILE B 423 -4.29 -29.44 39.49
C ILE B 423 -4.17 -30.63 38.55
N VAL B 424 -4.59 -30.48 37.29
CA VAL B 424 -4.45 -31.59 36.36
C VAL B 424 -2.99 -31.84 36.02
N VAL B 425 -2.16 -30.80 36.04
CA VAL B 425 -0.73 -31.00 35.83
C VAL B 425 -0.10 -31.69 37.04
N LEU B 426 -0.47 -31.25 38.25
CA LEU B 426 0.24 -31.69 39.44
C LEU B 426 -0.23 -33.07 39.91
N ALA B 427 -1.53 -33.31 40.00
CA ALA B 427 -2.06 -34.47 40.70
C ALA B 427 -2.67 -35.51 39.76
N ILE B 428 -3.65 -35.12 38.95
CA ILE B 428 -4.42 -36.08 38.16
C ILE B 428 -3.83 -36.08 36.74
N GLY B 429 -2.91 -37.02 36.50
CA GLY B 429 -2.33 -37.18 35.18
C GLY B 429 -2.45 -38.60 34.65
N PHE B 430 -2.59 -39.57 35.56
CA PHE B 430 -2.58 -40.96 35.15
C PHE B 430 -3.85 -41.36 34.40
N LEU B 431 -4.98 -40.72 34.70
CA LEU B 431 -6.20 -41.01 33.97
C LEU B 431 -6.17 -40.43 32.56
N LEU B 432 -5.49 -39.30 32.38
CA LEU B 432 -5.34 -38.68 31.07
C LEU B 432 -4.17 -39.27 30.27
N ALA B 433 -3.28 -40.01 30.94
CA ALA B 433 -2.15 -40.61 30.24
C ALA B 433 -2.56 -41.56 29.11
N PRO B 434 -3.50 -42.51 29.30
CA PRO B 434 -3.86 -43.38 28.17
C PRO B 434 -4.88 -42.74 27.23
N LEU B 435 -4.45 -41.70 26.55
CA LEU B 435 -5.23 -41.05 25.50
C LEU B 435 -4.58 -41.34 24.15
N GLN B 436 -5.41 -41.69 23.15
CA GLN B 436 -4.89 -42.24 21.91
C GLN B 436 -4.06 -41.23 21.11
N LYS B 437 -4.14 -39.94 21.45
CA LYS B 437 -3.32 -38.88 20.86
C LYS B 437 -3.73 -38.60 19.42
N SER B 438 -4.62 -39.43 18.87
CA SER B 438 -5.23 -39.19 17.58
C SER B 438 -6.67 -38.72 17.68
N VAL B 439 -7.38 -39.15 18.72
CA VAL B 439 -8.70 -38.58 18.99
C VAL B 439 -8.57 -37.08 19.26
N LEU B 440 -7.45 -36.65 19.80
CA LEU B 440 -7.20 -35.21 19.95
C LEU B 440 -7.12 -34.53 18.59
N ALA B 441 -6.40 -35.14 17.65
CA ALA B 441 -6.29 -34.57 16.31
C ALA B 441 -7.65 -34.53 15.62
N ALA B 442 -8.44 -35.59 15.77
CA ALA B 442 -9.77 -35.59 15.16
C ALA B 442 -10.70 -34.56 15.82
N LEU B 443 -10.59 -34.40 17.14
CA LEU B 443 -11.36 -33.37 17.83
C LEU B 443 -11.00 -31.99 17.33
N ALA B 444 -9.69 -31.73 17.14
CA ALA B 444 -9.27 -30.48 16.55
C ALA B 444 -9.84 -30.32 15.14
N LEU B 445 -9.83 -31.39 14.36
CA LEU B 445 -10.52 -31.40 13.07
C LEU B 445 -12.03 -31.35 13.25
N GLY B 446 -12.55 -31.72 14.42
CA GLY B 446 -13.96 -31.71 14.68
C GLY B 446 -14.59 -30.34 14.56
N ASN B 447 -14.21 -29.42 15.46
CA ASN B 447 -14.73 -28.05 15.41
C ASN B 447 -13.94 -27.34 14.31
N LEU B 448 -14.35 -27.60 13.08
CA LEU B 448 -13.80 -26.90 11.92
C LEU B 448 -14.86 -26.58 10.88
N LYS B 449 -16.12 -26.96 11.08
CA LYS B 449 -17.15 -26.69 10.09
C LYS B 449 -17.40 -25.19 9.94
N GLY B 450 -17.63 -24.50 11.06
CA GLY B 450 -17.73 -23.05 11.02
C GLY B 450 -16.41 -22.37 10.74
N MET B 451 -15.30 -23.06 11.00
CA MET B 451 -13.98 -22.52 10.69
C MET B 451 -13.73 -22.48 9.20
N LEU B 452 -14.27 -23.46 8.46
CA LEU B 452 -14.07 -23.60 7.03
C LEU B 452 -15.25 -23.14 6.21
N MET B 453 -16.39 -22.80 6.83
CA MET B 453 -17.54 -22.31 6.09
C MET B 453 -17.23 -21.01 5.36
N GLN B 454 -16.17 -20.30 5.74
CA GLN B 454 -15.81 -19.06 5.08
C GLN B 454 -15.41 -19.25 3.62
N PHE B 455 -15.17 -20.50 3.19
CA PHE B 455 -14.97 -20.75 1.77
C PHE B 455 -16.16 -20.29 0.94
N ALA B 456 -17.35 -20.28 1.53
CA ALA B 456 -18.53 -19.79 0.83
C ALA B 456 -18.61 -18.27 0.92
N GLU B 457 -17.51 -17.60 0.57
CA GLU B 457 -17.45 -16.15 0.54
C GLU B 457 -16.86 -15.59 -0.73
N ILE B 458 -16.16 -16.40 -1.53
CA ILE B 458 -15.65 -15.92 -2.81
C ILE B 458 -16.81 -15.52 -3.72
N GLY B 459 -17.86 -16.33 -3.76
CA GLY B 459 -19.02 -15.99 -4.57
C GLY B 459 -19.71 -14.73 -4.09
N ARG B 460 -19.83 -14.57 -2.76
CA ARG B 460 -20.46 -13.36 -2.23
C ARG B 460 -19.64 -12.12 -2.56
N LEU B 461 -18.31 -12.21 -2.45
CA LEU B 461 -17.45 -11.05 -2.68
C LEU B 461 -17.26 -10.75 -4.17
N TRP B 462 -17.46 -11.74 -5.04
CA TRP B 462 -17.35 -11.49 -6.48
C TRP B 462 -18.42 -10.50 -6.95
N ARG B 463 -19.64 -10.62 -6.42
CA ARG B 463 -20.73 -9.74 -6.78
C ARG B 463 -20.85 -8.55 -5.83
N LYS B 464 -19.93 -8.39 -4.88
CA LYS B 464 -19.98 -7.32 -3.90
C LYS B 464 -19.06 -6.16 -4.27
N ASP B 465 -17.78 -6.43 -4.45
CA ASP B 465 -16.82 -5.36 -4.70
C ASP B 465 -15.93 -5.64 -5.90
N LYS B 466 -15.68 -6.92 -6.19
CA LYS B 466 -14.76 -7.41 -7.21
C LYS B 466 -13.31 -7.10 -6.87
N TYR B 467 -13.04 -6.40 -5.77
CA TYR B 467 -11.69 -6.18 -5.27
C TYR B 467 -11.44 -6.92 -3.96
N ASP B 468 -12.43 -6.97 -3.08
CA ASP B 468 -12.30 -7.78 -1.87
C ASP B 468 -12.24 -9.26 -2.19
N CYS B 469 -12.93 -9.71 -3.24
CA CYS B 469 -12.78 -11.09 -3.67
C CYS B 469 -11.37 -11.35 -4.17
N LEU B 470 -10.79 -10.40 -4.91
CA LEU B 470 -9.41 -10.54 -5.36
C LEU B 470 -8.46 -10.59 -4.18
N ILE B 471 -8.67 -9.73 -3.18
CA ILE B 471 -7.77 -9.72 -2.03
C ILE B 471 -7.91 -11.00 -1.23
N TRP B 472 -9.13 -11.55 -1.14
CA TRP B 472 -9.35 -12.83 -0.47
C TRP B 472 -8.64 -13.96 -1.19
N ILE B 473 -8.78 -14.02 -2.51
CA ILE B 473 -8.16 -15.09 -3.28
C ILE B 473 -6.65 -15.00 -3.19
N MET B 474 -6.10 -13.79 -3.33
CA MET B 474 -4.65 -13.63 -3.21
C MET B 474 -4.16 -13.96 -1.82
N THR B 475 -4.92 -13.59 -0.79
CA THR B 475 -4.53 -13.94 0.58
C THR B 475 -4.50 -15.45 0.76
N PHE B 476 -5.52 -16.15 0.27
CA PHE B 476 -5.56 -17.60 0.39
C PHE B 476 -4.41 -18.25 -0.35
N ILE B 477 -4.13 -17.79 -1.57
CA ILE B 477 -3.06 -18.38 -2.36
C ILE B 477 -1.71 -18.13 -1.69
N PHE B 478 -1.48 -16.90 -1.21
CA PHE B 478 -0.20 -16.57 -0.58
C PHE B 478 -0.01 -17.35 0.71
N THR B 479 -1.08 -17.51 1.51
CA THR B 479 -0.95 -18.22 2.77
C THR B 479 -0.90 -19.73 2.58
N ILE B 480 -1.33 -20.24 1.43
CA ILE B 480 -1.21 -21.67 1.17
C ILE B 480 0.06 -22.03 0.40
N VAL B 481 0.72 -21.06 -0.23
CA VAL B 481 1.96 -21.33 -0.96
C VAL B 481 3.15 -20.89 -0.14
N LEU B 482 3.20 -19.61 0.22
CA LEU B 482 4.31 -19.06 0.99
C LEU B 482 4.37 -19.59 2.41
N GLY B 483 3.33 -20.26 2.87
CA GLY B 483 3.27 -20.75 4.24
C GLY B 483 2.46 -19.83 5.13
N LEU B 484 2.31 -20.26 6.38
CA LEU B 484 1.52 -19.51 7.36
C LEU B 484 2.21 -18.22 7.79
N GLY B 485 3.48 -18.03 7.43
CA GLY B 485 4.25 -16.90 7.91
C GLY B 485 4.34 -15.77 6.91
N LEU B 486 5.43 -15.72 6.13
CA LEU B 486 5.62 -14.68 5.12
C LEU B 486 4.42 -14.52 4.21
N GLY B 487 3.55 -15.53 4.13
CA GLY B 487 2.30 -15.37 3.42
C GLY B 487 1.47 -14.22 3.95
N LEU B 488 1.45 -14.04 5.28
CA LEU B 488 0.71 -12.94 5.87
C LEU B 488 1.31 -11.59 5.46
N ALA B 489 2.63 -11.48 5.46
CA ALA B 489 3.27 -10.22 5.06
C ALA B 489 3.01 -9.91 3.60
N ALA B 490 3.11 -10.92 2.73
CA ALA B 490 2.81 -10.71 1.32
C ALA B 490 1.34 -10.33 1.13
N SER B 491 0.46 -10.95 1.92
CA SER B 491 -0.96 -10.64 1.83
C SER B 491 -1.24 -9.20 2.23
N VAL B 492 -0.62 -8.72 3.32
CA VAL B 492 -0.89 -7.35 3.73
C VAL B 492 -0.24 -6.37 2.76
N ALA B 493 0.89 -6.73 2.15
CA ALA B 493 1.47 -5.87 1.13
C ALA B 493 0.55 -5.75 -0.08
N PHE B 494 0.00 -6.88 -0.54
CA PHE B 494 -0.98 -6.83 -1.62
C PHE B 494 -2.23 -6.07 -1.22
N GLN B 495 -2.63 -6.17 0.05
CA GLN B 495 -3.76 -5.40 0.55
C GLN B 495 -3.50 -3.91 0.42
N LEU B 496 -2.32 -3.46 0.84
CA LEU B 496 -1.98 -2.05 0.69
C LEU B 496 -1.93 -1.64 -0.77
N LEU B 497 -1.43 -2.53 -1.63
CA LEU B 497 -1.43 -2.25 -3.07
C LEU B 497 -2.85 -2.15 -3.63
N THR B 498 -3.81 -2.84 -3.00
CA THR B 498 -5.18 -2.83 -3.50
C THR B 498 -5.80 -1.44 -3.47
N ILE B 499 -5.38 -0.59 -2.54
CA ILE B 499 -5.89 0.78 -2.50
C ILE B 499 -5.44 1.54 -3.75
N VAL B 500 -4.16 1.41 -4.10
CA VAL B 500 -3.67 2.01 -5.34
C VAL B 500 -4.39 1.43 -6.54
N PHE B 501 -4.67 0.12 -6.50
CA PHE B 501 -5.45 -0.50 -7.56
C PHE B 501 -6.82 0.17 -7.69
N ARG B 502 -7.45 0.46 -6.55
CA ARG B 502 -8.78 1.07 -6.57
C ARG B 502 -8.72 2.50 -7.09
N THR B 503 -7.64 3.24 -6.80
CA THR B 503 -7.52 4.63 -7.20
C THR B 503 -6.51 4.85 -8.31
N GLN B 504 -6.10 3.79 -9.01
CA GLN B 504 -5.13 3.95 -10.10
C GLN B 504 -5.77 4.64 -11.30
N PHE B 505 -7.00 4.26 -11.65
CA PHE B 505 -7.68 4.78 -12.84
C PHE B 505 -9.04 5.33 -12.41
N PRO B 506 -9.08 6.55 -11.91
CA PRO B 506 -10.36 7.14 -11.52
C PRO B 506 -11.28 7.30 -12.72
N LYS B 507 -12.58 7.12 -12.47
CA LYS B 507 -13.59 7.26 -13.51
C LYS B 507 -13.90 8.75 -13.72
N CYS B 508 -12.90 9.45 -14.27
CA CYS B 508 -13.04 10.86 -14.56
C CYS B 508 -14.11 11.09 -15.61
N SER B 509 -14.86 12.18 -15.47
CA SER B 509 -15.97 12.47 -16.37
C SER B 509 -16.01 13.98 -16.62
N THR B 510 -17.06 14.42 -17.30
CA THR B 510 -17.29 15.83 -17.58
C THR B 510 -18.64 16.23 -17.00
N LEU B 511 -18.69 17.39 -16.36
CA LEU B 511 -19.89 17.86 -15.68
C LEU B 511 -20.52 19.01 -16.43
N ALA B 512 -21.85 19.05 -16.42
CA ALA B 512 -22.60 20.13 -17.04
C ALA B 512 -23.87 20.36 -16.23
N ASN B 513 -24.48 21.52 -16.43
CA ASN B 513 -25.62 21.93 -15.62
C ASN B 513 -26.87 21.11 -15.97
N ILE B 514 -27.77 21.02 -15.00
CA ILE B 514 -29.06 20.35 -15.16
C ILE B 514 -30.15 21.29 -14.66
N GLY B 515 -31.17 21.50 -15.50
CA GLY B 515 -32.30 22.30 -15.11
C GLY B 515 -32.02 23.76 -14.88
N ARG B 516 -30.88 24.27 -15.37
CA ARG B 516 -30.50 25.67 -15.20
C ARG B 516 -30.50 26.09 -13.74
N THR B 517 -29.99 25.22 -12.87
CA THR B 517 -29.87 25.51 -11.45
C THR B 517 -28.49 25.05 -10.98
N ASN B 518 -28.29 25.05 -9.67
CA ASN B 518 -27.00 24.70 -9.09
C ASN B 518 -26.82 23.18 -8.89
N ILE B 519 -27.14 22.43 -9.94
CA ILE B 519 -26.99 20.98 -9.94
C ILE B 519 -26.14 20.61 -11.15
N TYR B 520 -25.04 19.91 -10.90
CA TYR B 520 -24.12 19.48 -11.95
C TYR B 520 -23.89 17.98 -11.83
N LYS B 521 -24.07 17.25 -12.93
CA LYS B 521 -23.89 15.81 -12.95
C LYS B 521 -23.10 15.44 -14.20
N ASN B 522 -22.90 14.13 -14.39
CA ASN B 522 -22.11 13.64 -15.50
C ASN B 522 -22.77 13.98 -16.83
N LYS B 523 -21.95 14.28 -17.83
CA LYS B 523 -22.47 14.73 -19.13
C LYS B 523 -23.19 13.60 -19.86
N LYS B 524 -22.71 12.36 -19.74
CA LYS B 524 -23.25 11.23 -20.49
C LYS B 524 -24.30 10.47 -19.69
N ASP B 525 -25.06 11.16 -18.84
CA ASP B 525 -26.03 10.48 -17.97
C ASP B 525 -27.45 11.02 -18.06
N TYR B 526 -27.67 12.24 -18.56
CA TYR B 526 -29.01 12.80 -18.61
C TYR B 526 -29.26 13.41 -19.99
N TYR B 527 -30.55 13.49 -20.35
CA TYR B 527 -30.96 13.98 -21.64
C TYR B 527 -31.08 15.51 -21.70
N ASP B 528 -31.33 16.15 -20.55
CA ASP B 528 -31.46 17.60 -20.50
C ASP B 528 -30.13 18.30 -20.23
N MET B 529 -29.03 17.69 -20.65
CA MET B 529 -27.71 18.25 -20.38
C MET B 529 -27.56 19.61 -21.04
N TYR B 530 -27.05 20.58 -20.28
CA TYR B 530 -26.73 21.90 -20.80
C TYR B 530 -25.33 22.27 -20.36
N GLU B 531 -24.51 22.69 -21.31
CA GLU B 531 -23.13 23.06 -21.04
C GLU B 531 -22.89 24.52 -21.39
N PRO B 532 -22.28 25.30 -20.51
CA PRO B 532 -21.98 26.69 -20.84
C PRO B 532 -20.99 26.79 -21.99
N GLU B 533 -21.06 27.91 -22.71
CA GLU B 533 -20.25 28.11 -23.90
C GLU B 533 -18.77 28.22 -23.51
N GLY B 534 -17.96 27.28 -23.99
CA GLY B 534 -16.53 27.34 -23.81
C GLY B 534 -16.05 27.00 -22.42
N VAL B 535 -16.91 26.46 -21.58
CA VAL B 535 -16.57 26.12 -20.20
C VAL B 535 -16.63 24.60 -20.07
N LYS B 536 -15.52 24.00 -19.67
CA LYS B 536 -15.41 22.54 -19.55
C LYS B 536 -15.11 22.20 -18.10
N ILE B 537 -16.09 21.60 -17.42
CA ILE B 537 -15.93 21.19 -16.03
C ILE B 537 -15.36 19.78 -15.99
N PHE B 538 -14.31 19.60 -15.21
CA PHE B 538 -13.65 18.30 -15.07
C PHE B 538 -13.65 17.91 -13.60
N ARG B 539 -14.05 16.66 -13.31
CA ARG B 539 -14.13 16.15 -11.96
C ARG B 539 -13.35 14.86 -11.86
N CYS B 540 -12.51 14.75 -10.83
CA CYS B 540 -11.73 13.54 -10.57
C CYS B 540 -12.23 12.87 -9.30
N PRO B 541 -13.04 11.82 -9.41
CA PRO B 541 -13.65 11.17 -8.22
C PRO B 541 -12.71 10.23 -7.49
N SER B 542 -11.49 10.67 -7.24
CA SER B 542 -10.51 9.90 -6.49
C SER B 542 -9.38 10.83 -6.07
N PRO B 543 -8.71 10.54 -4.95
CA PRO B 543 -7.58 11.38 -4.55
C PRO B 543 -6.49 11.37 -5.61
N ILE B 544 -5.88 12.52 -5.80
CA ILE B 544 -4.87 12.71 -6.84
C ILE B 544 -3.51 12.62 -6.14
N TYR B 545 -2.86 11.46 -6.26
CA TYR B 545 -1.53 11.29 -5.70
C TYR B 545 -0.58 10.78 -6.77
N PHE B 546 0.60 10.33 -6.37
CA PHE B 546 1.69 10.06 -7.31
C PHE B 546 1.31 9.03 -8.37
N ALA B 547 0.47 8.06 -8.04
CA ALA B 547 0.26 6.92 -8.91
C ALA B 547 -0.75 7.18 -10.01
N ASN B 548 -1.47 8.30 -9.98
CA ASN B 548 -2.46 8.55 -11.02
C ASN B 548 -2.48 10.00 -11.50
N ILE B 549 -1.41 10.76 -11.23
CA ILE B 549 -1.35 12.13 -11.74
C ILE B 549 -1.21 12.13 -13.26
N GLY B 550 -0.44 11.20 -13.80
CA GLY B 550 -0.34 11.09 -15.24
C GLY B 550 -1.66 10.71 -15.89
N PHE B 551 -2.38 9.77 -15.29
CA PHE B 551 -3.69 9.41 -15.81
C PHE B 551 -4.67 10.57 -15.70
N PHE B 552 -4.60 11.34 -14.62
CA PHE B 552 -5.45 12.52 -14.51
C PHE B 552 -5.13 13.53 -15.59
N ARG B 553 -3.84 13.74 -15.87
CA ARG B 553 -3.46 14.67 -16.93
C ARG B 553 -3.97 14.18 -18.28
N ARG B 554 -3.83 12.88 -18.56
CA ARG B 554 -4.30 12.35 -19.83
C ARG B 554 -5.82 12.46 -19.96
N LYS B 555 -6.55 12.18 -18.88
CA LYS B 555 -8.01 12.29 -18.93
C LYS B 555 -8.46 13.73 -19.10
N LEU B 556 -7.78 14.66 -18.41
CA LEU B 556 -8.08 16.07 -18.60
C LEU B 556 -7.79 16.50 -20.04
N ILE B 557 -6.69 15.99 -20.60
CA ILE B 557 -6.35 16.28 -21.99
C ILE B 557 -7.46 15.81 -22.91
N ASP B 558 -7.92 14.58 -22.71
CA ASP B 558 -8.97 14.02 -23.56
C ASP B 558 -10.28 14.78 -23.42
N ALA B 559 -10.66 15.13 -22.20
CA ALA B 559 -11.90 15.85 -21.97
C ALA B 559 -11.84 17.26 -22.57
N VAL B 560 -10.70 17.93 -22.43
CA VAL B 560 -10.57 19.28 -22.96
C VAL B 560 -10.55 19.25 -24.48
N GLY B 561 -9.87 18.28 -25.08
CA GLY B 561 -9.84 18.11 -26.51
C GLY B 561 -8.56 18.56 -27.19
N PHE B 562 -7.67 19.24 -26.48
CA PHE B 562 -6.42 19.70 -27.06
C PHE B 562 -5.34 19.70 -26.00
N SER B 563 -4.09 19.78 -26.45
CA SER B 563 -2.95 19.86 -25.55
C SER B 563 -2.56 21.32 -25.36
N PRO B 564 -2.68 21.89 -24.17
CA PRO B 564 -2.24 23.27 -23.96
C PRO B 564 -0.78 23.49 -24.26
N LEU B 565 0.08 22.50 -23.96
CA LEU B 565 1.49 22.65 -24.30
C LEU B 565 1.69 22.71 -25.81
N ARG B 566 0.97 21.87 -26.56
CA ARG B 566 1.06 21.93 -28.02
C ARG B 566 0.57 23.26 -28.54
N ILE B 567 -0.54 23.76 -28.00
CA ILE B 567 -1.08 25.04 -28.44
C ILE B 567 -0.09 26.17 -28.15
N LEU B 568 0.52 26.15 -26.96
CA LEU B 568 1.50 27.16 -26.61
C LEU B 568 2.71 27.10 -27.53
N ARG B 569 3.19 25.89 -27.84
CA ARG B 569 4.35 25.75 -28.71
C ARG B 569 4.06 26.28 -30.11
N LYS B 570 2.89 25.93 -30.65
CA LYS B 570 2.53 26.41 -31.99
C LYS B 570 2.34 27.92 -31.99
N ARG B 571 1.71 28.47 -30.95
CA ARG B 571 1.54 29.92 -30.86
C ARG B 571 2.88 30.62 -30.78
N ASN B 572 3.81 30.08 -30.00
CA ASN B 572 5.14 30.69 -29.90
C ASN B 572 5.88 30.62 -31.22
N LYS B 573 5.77 29.50 -31.93
CA LYS B 573 6.39 29.40 -33.25
C LYS B 573 5.81 30.43 -34.22
N ALA B 574 4.49 30.59 -34.21
CA ALA B 574 3.85 31.57 -35.08
C ALA B 574 4.28 32.99 -34.71
N LEU B 575 4.36 33.28 -33.41
CA LEU B 575 4.78 34.62 -32.99
C LEU B 575 6.23 34.88 -33.38
N ARG B 576 7.09 33.87 -33.27
CA ARG B 576 8.48 34.03 -33.70
C ARG B 576 8.57 34.30 -35.20
N LYS B 577 7.79 33.57 -36.00
CA LYS B 577 7.77 33.83 -37.44
C LYS B 577 7.25 35.22 -37.74
N ILE B 578 6.21 35.67 -37.02
CA ILE B 578 5.66 37.00 -37.22
C ILE B 578 6.70 38.06 -36.88
N ARG B 579 7.41 37.88 -35.77
CA ARG B 579 8.44 38.85 -35.39
C ARG B 579 9.58 38.86 -36.40
N LYS B 580 9.96 37.70 -36.92
CA LYS B 580 10.99 37.66 -37.96
C LYS B 580 10.54 38.41 -39.21
N LEU B 581 9.28 38.20 -39.61
CA LEU B 581 8.75 38.93 -40.77
C LEU B 581 8.74 40.44 -40.52
N GLN B 582 8.33 40.85 -39.32
CA GLN B 582 8.31 42.28 -38.99
C GLN B 582 9.72 42.87 -39.01
N LYS B 583 10.69 42.14 -38.48
CA LYS B 583 12.08 42.61 -38.55
C LYS B 583 12.55 42.71 -39.99
N GLN B 584 12.20 41.73 -40.82
CA GLN B 584 12.57 41.79 -42.23
C GLN B 584 11.89 42.96 -42.92
N GLY B 585 10.74 43.39 -42.43
CA GLY B 585 10.06 44.55 -42.98
C GLY B 585 8.97 44.20 -43.97
N LEU B 586 8.11 43.25 -43.61
CA LEU B 586 6.99 42.84 -44.45
C LEU B 586 5.62 43.10 -43.84
N LEU B 587 5.54 43.34 -42.53
CA LEU B 587 4.28 43.60 -41.86
C LEU B 587 4.34 44.96 -41.18
N GLN B 588 3.24 45.71 -41.28
CA GLN B 588 3.13 47.04 -40.70
C GLN B 588 2.16 47.00 -39.52
N VAL B 589 2.58 47.57 -38.39
CA VAL B 589 1.75 47.65 -37.19
C VAL B 589 1.24 49.08 -37.05
N THR B 590 -0.07 49.21 -36.87
CA THR B 590 -0.69 50.53 -36.75
C THR B 590 -1.20 50.77 -35.33
N GLY B 593 -5.52 46.59 -38.52
CA GLY B 593 -4.16 46.65 -39.02
C GLY B 593 -3.67 45.34 -39.60
N PHE B 594 -2.44 44.97 -39.24
CA PHE B 594 -1.80 43.75 -39.73
C PHE B 594 -1.76 43.73 -41.26
N ILE B 595 -1.49 44.89 -41.85
CA ILE B 595 -1.44 45.00 -43.31
C ILE B 595 -0.13 44.40 -43.82
N CYS B 596 -0.22 43.65 -44.92
CA CYS B 596 0.92 42.98 -45.51
C CYS B 596 1.20 43.57 -46.87
N THR B 597 2.48 43.86 -47.15
CA THR B 597 2.85 44.43 -48.43
C THR B 597 2.57 43.45 -49.58
N VAL B 598 2.85 42.18 -49.38
CA VAL B 598 2.62 41.16 -50.40
C VAL B 598 1.54 40.19 -49.95
N SER B 604 9.38 30.20 -45.73
CA SER B 604 10.67 29.90 -45.11
C SER B 604 10.48 29.34 -43.70
N ASP B 605 10.23 28.04 -43.62
CA ASP B 605 10.03 27.37 -42.33
C ASP B 605 11.37 27.22 -41.64
N GLU B 606 11.60 28.00 -40.59
CA GLU B 606 12.86 27.98 -39.85
C GLU B 606 12.73 26.95 -38.72
N GLU B 607 13.10 25.71 -39.03
CA GLU B 607 13.12 24.67 -38.01
C GLU B 607 14.23 24.96 -37.01
N LEU B 608 13.91 24.81 -35.72
CA LEU B 608 14.82 25.13 -34.65
C LEU B 608 15.55 23.87 -34.17
N ASP B 609 16.85 24.01 -33.93
CA ASP B 609 17.65 22.90 -33.44
C ASP B 609 17.43 22.70 -31.94
N ASN B 610 18.02 21.62 -31.42
CA ASN B 610 17.91 21.33 -30.00
C ASN B 610 18.66 22.38 -29.18
N ASN B 611 18.52 22.27 -27.86
CA ASN B 611 19.12 23.16 -26.87
C ASN B 611 18.61 24.59 -27.01
N GLN B 612 17.69 24.81 -27.95
CA GLN B 612 17.05 26.10 -28.13
C GLN B 612 15.54 26.03 -28.30
N ILE B 613 14.97 24.83 -28.43
CA ILE B 613 13.52 24.67 -28.52
C ILE B 613 12.81 25.09 -27.23
N GLU B 614 13.52 25.08 -26.11
CA GLU B 614 12.91 25.44 -24.82
C GLU B 614 12.34 26.86 -24.83
N VAL B 615 12.80 27.72 -25.73
CA VAL B 615 12.23 29.06 -25.83
C VAL B 615 10.79 29.05 -26.30
N LEU B 616 10.29 27.91 -26.81
CA LEU B 616 8.90 27.82 -27.23
C LEU B 616 7.94 27.64 -26.08
N ASP B 617 8.44 27.31 -24.88
CA ASP B 617 7.59 27.16 -23.71
C ASP B 617 7.48 28.44 -22.89
N GLN B 618 8.10 29.52 -23.34
CA GLN B 618 8.03 30.78 -22.62
C GLN B 618 6.62 31.37 -22.72
N PRO B 619 6.19 32.13 -21.72
CA PRO B 619 4.87 32.76 -21.79
C PRO B 619 4.78 33.75 -22.94
N ILE B 620 3.58 33.88 -23.50
CA ILE B 620 3.36 34.74 -24.65
C ILE B 620 3.20 36.18 -24.15
N ASN B 621 4.06 37.06 -24.63
CA ASN B 621 3.97 38.49 -24.33
C ASN B 621 4.04 39.27 -25.63
N THR B 622 3.09 40.18 -25.82
CA THR B 622 2.99 40.98 -27.04
C THR B 622 3.02 42.46 -26.73
N THR B 623 3.72 42.86 -25.65
CA THR B 623 3.79 44.27 -25.29
C THR B 623 4.50 45.09 -26.36
N ASP B 624 5.47 44.49 -27.05
CA ASP B 624 6.15 45.19 -28.13
C ASP B 624 5.25 45.44 -29.33
N LEU B 625 4.15 44.68 -29.46
CA LEU B 625 3.18 44.88 -30.53
C LEU B 625 2.00 45.70 -30.02
N PRO B 626 1.68 46.82 -30.67
CA PRO B 626 0.57 47.65 -30.18
C PRO B 626 -0.78 46.97 -30.27
N PHE B 627 -0.92 45.90 -31.04
CA PHE B 627 -2.20 45.24 -31.24
C PHE B 627 -2.48 44.26 -30.10
N HIS B 628 -3.63 43.57 -30.20
CA HIS B 628 -4.12 42.66 -29.18
C HIS B 628 -4.59 41.36 -29.81
N ILE B 629 -3.74 40.77 -30.66
CA ILE B 629 -4.11 39.56 -31.38
C ILE B 629 -4.47 38.46 -30.39
N ASP B 630 -5.58 37.78 -30.66
CA ASP B 630 -6.11 36.75 -29.77
C ASP B 630 -5.99 35.35 -30.34
N TRP B 631 -5.43 35.19 -31.53
CA TRP B 631 -5.27 33.89 -32.19
C TRP B 631 -6.62 33.18 -32.37
N ASN B 632 -7.70 33.94 -32.54
CA ASN B 632 -9.02 33.34 -32.63
C ASN B 632 -9.78 33.74 -33.90
N ASP B 633 -9.70 35.00 -34.29
CA ASP B 633 -10.49 35.48 -35.43
C ASP B 633 -9.81 35.14 -36.76
N ASP B 634 -8.60 35.67 -36.97
CA ASP B 634 -7.84 35.42 -38.18
C ASP B 634 -6.37 35.64 -37.85
N LEU B 635 -5.53 35.66 -38.88
CA LEU B 635 -4.09 35.72 -38.69
C LEU B 635 -3.43 36.02 -40.03
N PRO B 636 -2.26 36.67 -40.05
CA PRO B 636 -1.62 37.04 -41.31
C PRO B 636 -1.36 35.83 -42.22
N LEU B 637 -0.91 36.15 -43.43
CA LEU B 637 -0.90 35.18 -44.52
C LEU B 637 0.07 34.04 -44.25
N ASN B 638 -0.25 32.88 -44.83
CA ASN B 638 0.60 31.67 -44.85
C ASN B 638 1.11 31.30 -43.45
N ILE B 639 0.36 31.68 -42.41
CA ILE B 639 0.68 31.30 -41.04
C ILE B 639 -0.55 30.63 -40.46
N GLU B 640 -0.37 29.42 -39.93
CA GLU B 640 -1.49 28.61 -39.45
C GLU B 640 -1.34 28.35 -37.96
N VAL B 641 -2.43 28.58 -37.22
CA VAL B 641 -2.49 28.31 -35.79
C VAL B 641 -3.79 27.56 -35.51
N PRO B 642 -3.78 26.49 -34.73
CA PRO B 642 -5.03 25.80 -34.40
C PRO B 642 -5.99 26.72 -33.67
N LYS B 643 -7.27 26.61 -34.02
CA LYS B 643 -8.29 27.42 -33.39
C LYS B 643 -8.54 26.93 -31.97
N ILE B 644 -9.12 27.82 -31.15
CA ILE B 644 -9.40 27.50 -29.75
C ILE B 644 -10.87 27.81 -29.48
N SER B 645 -11.42 27.12 -28.48
CA SER B 645 -12.82 27.32 -28.12
C SER B 645 -13.03 27.35 -26.61
N LEU B 646 -11.97 27.37 -25.81
CA LEU B 646 -12.07 27.39 -24.36
C LEU B 646 -11.60 28.73 -23.83
N HIS B 647 -12.45 29.37 -23.02
CA HIS B 647 -12.06 30.56 -22.28
C HIS B 647 -11.95 30.31 -20.79
N SER B 648 -12.25 29.10 -20.32
CA SER B 648 -12.20 28.73 -18.92
C SER B 648 -12.44 27.25 -18.78
N LEU B 649 -11.91 26.68 -17.69
CA LEU B 649 -12.27 25.34 -17.26
C LEU B 649 -12.33 25.31 -15.74
N ILE B 650 -13.17 24.43 -15.20
CA ILE B 650 -13.38 24.30 -13.76
C ILE B 650 -13.03 22.87 -13.36
N LEU B 651 -11.96 22.72 -12.58
CA LEU B 651 -11.55 21.42 -12.06
C LEU B 651 -12.28 21.18 -10.75
N ASP B 652 -13.24 20.26 -10.75
CA ASP B 652 -13.97 19.92 -9.55
C ASP B 652 -13.08 19.05 -8.66
N PHE B 653 -12.80 19.52 -7.45
CA PHE B 653 -11.93 18.81 -6.51
C PHE B 653 -12.68 18.45 -5.24
N SER B 654 -14.00 18.26 -5.34
CA SER B 654 -14.79 17.89 -4.17
C SER B 654 -14.37 16.51 -3.64
N ALA B 655 -14.11 15.56 -4.55
CA ALA B 655 -13.72 14.22 -4.15
C ALA B 655 -12.22 14.09 -3.89
N VAL B 656 -11.43 15.09 -4.23
CA VAL B 656 -9.99 15.03 -3.99
C VAL B 656 -9.74 15.19 -2.50
N SER B 657 -9.14 14.19 -1.88
CA SER B 657 -8.92 14.18 -0.44
C SER B 657 -7.52 14.59 -0.03
N PHE B 658 -6.51 14.32 -0.85
CA PHE B 658 -5.15 14.67 -0.49
C PHE B 658 -4.29 14.76 -1.75
N LEU B 659 -3.16 15.45 -1.63
CA LEU B 659 -2.16 15.53 -2.67
C LEU B 659 -0.78 15.32 -2.06
N ASP B 660 0.15 14.86 -2.88
CA ASP B 660 1.54 14.73 -2.48
C ASP B 660 2.41 15.65 -3.35
N VAL B 661 3.74 15.52 -3.19
CA VAL B 661 4.65 16.41 -3.90
C VAL B 661 4.54 16.21 -5.41
N SER B 662 4.49 14.95 -5.85
CA SER B 662 4.41 14.69 -7.29
C SER B 662 3.13 15.25 -7.90
N SER B 663 2.00 15.02 -7.23
CA SER B 663 0.73 15.53 -7.74
C SER B 663 0.69 17.05 -7.71
N VAL B 664 1.24 17.67 -6.67
CA VAL B 664 1.29 19.12 -6.60
C VAL B 664 2.12 19.68 -7.76
N ARG B 665 3.27 19.05 -8.03
CA ARG B 665 4.11 19.48 -9.15
C ARG B 665 3.38 19.35 -10.48
N GLY B 666 2.71 18.21 -10.68
CA GLY B 666 1.98 18.02 -11.93
C GLY B 666 0.84 19.00 -12.10
N LEU B 667 0.10 19.25 -11.03
CA LEU B 667 -1.01 20.21 -11.09
C LEU B 667 -0.50 21.61 -11.34
N LYS B 668 0.63 21.97 -10.72
CA LYS B 668 1.22 23.28 -10.96
C LYS B 668 1.63 23.45 -12.41
N SER B 669 2.26 22.43 -12.99
CA SER B 669 2.62 22.51 -14.40
C SER B 669 1.39 22.61 -15.29
N ILE B 670 0.36 21.81 -14.98
CA ILE B 670 -0.86 21.82 -15.78
C ILE B 670 -1.50 23.20 -15.75
N LEU B 671 -1.72 23.73 -14.55
CA LEU B 671 -2.30 25.05 -14.42
C LEU B 671 -1.41 26.11 -15.05
N GLN B 672 -0.08 25.89 -15.02
CA GLN B 672 0.84 26.88 -15.57
C GLN B 672 0.65 27.03 -17.07
N GLU B 673 0.70 25.93 -17.83
CA GLU B 673 0.53 26.19 -19.27
C GLU B 673 -0.93 26.48 -19.61
N PHE B 674 -1.88 26.03 -18.79
CA PHE B 674 -3.27 26.41 -19.04
C PHE B 674 -3.46 27.92 -18.92
N ILE B 675 -2.90 28.53 -17.87
CA ILE B 675 -2.95 29.98 -17.75
C ILE B 675 -2.12 30.64 -18.86
N ARG B 676 -1.00 30.01 -19.24
CA ARG B 676 -0.13 30.61 -20.25
C ARG B 676 -0.79 30.68 -21.63
N ILE B 677 -1.66 29.73 -21.94
CA ILE B 677 -2.34 29.76 -23.24
C ILE B 677 -3.57 30.65 -23.14
N LYS B 678 -3.68 31.39 -22.04
CA LYS B 678 -4.71 32.41 -21.84
C LYS B 678 -6.12 31.79 -21.78
N VAL B 679 -6.26 30.76 -20.95
CA VAL B 679 -7.56 30.23 -20.56
C VAL B 679 -7.57 30.09 -19.05
N ASP B 680 -8.54 30.74 -18.40
CA ASP B 680 -8.58 30.77 -16.95
C ASP B 680 -8.86 29.39 -16.37
N VAL B 681 -8.38 29.16 -15.16
CA VAL B 681 -8.55 27.90 -14.46
C VAL B 681 -9.14 28.18 -13.08
N TYR B 682 -10.07 27.33 -12.66
CA TYR B 682 -10.73 27.47 -11.36
C TYR B 682 -10.85 26.11 -10.71
N ILE B 683 -10.65 26.07 -9.39
CA ILE B 683 -10.78 24.85 -8.61
C ILE B 683 -11.85 25.09 -7.55
N VAL B 684 -12.80 24.15 -7.46
CA VAL B 684 -13.94 24.28 -6.57
C VAL B 684 -14.06 23.03 -5.72
N GLY B 685 -14.92 23.12 -4.69
CA GLY B 685 -15.20 21.97 -3.85
C GLY B 685 -14.11 21.62 -2.86
N THR B 686 -13.27 22.57 -2.48
CA THR B 686 -12.18 22.33 -1.55
C THR B 686 -12.43 23.10 -0.25
N ASP B 687 -11.96 22.56 0.86
CA ASP B 687 -12.21 23.14 2.16
C ASP B 687 -10.98 23.89 2.69
N ASP B 688 -11.16 24.52 3.85
CA ASP B 688 -10.15 25.44 4.38
C ASP B 688 -8.86 24.73 4.72
N ASP B 689 -8.94 23.52 5.29
CA ASP B 689 -7.72 22.79 5.59
C ASP B 689 -6.98 22.38 4.33
N PHE B 690 -7.71 22.04 3.26
CA PHE B 690 -7.05 21.76 1.99
C PHE B 690 -6.36 23.00 1.45
N ILE B 691 -7.00 24.16 1.56
CA ILE B 691 -6.36 25.41 1.15
C ILE B 691 -5.09 25.65 1.96
N GLU B 692 -5.16 25.45 3.27
CA GLU B 692 -4.00 25.65 4.12
C GLU B 692 -2.86 24.71 3.76
N LYS B 693 -3.18 23.44 3.50
CA LYS B 693 -2.15 22.49 3.10
C LYS B 693 -1.53 22.87 1.76
N LEU B 694 -2.35 23.27 0.79
CA LEU B 694 -1.82 23.66 -0.51
C LEU B 694 -1.00 24.94 -0.44
N ASN B 695 -1.26 25.79 0.54
CA ASN B 695 -0.51 27.03 0.66
C ASN B 695 0.98 26.77 0.91
N ARG B 696 1.29 25.81 1.77
CA ARG B 696 2.69 25.49 2.07
C ARG B 696 3.24 24.44 1.12
N TYR B 697 3.08 24.69 -0.18
CA TYR B 697 3.56 23.78 -1.21
C TYR B 697 4.38 24.48 -2.30
N GLU B 698 4.65 25.77 -2.15
CA GLU B 698 5.22 26.57 -3.23
C GLU B 698 4.39 26.44 -4.50
N PHE B 699 3.07 26.37 -4.32
CA PHE B 699 2.13 26.19 -5.42
C PHE B 699 1.54 27.49 -5.93
N PHE B 700 1.52 28.54 -5.11
CA PHE B 700 0.96 29.83 -5.49
C PHE B 700 2.10 30.82 -5.74
N ASP B 701 2.04 31.49 -6.88
CA ASP B 701 3.04 32.50 -7.24
C ASP B 701 2.35 33.55 -8.09
N GLY B 702 3.14 34.36 -8.80
CA GLY B 702 2.59 35.42 -9.62
C GLY B 702 1.72 34.94 -10.76
N GLU B 703 1.85 33.67 -11.16
CA GLU B 703 1.05 33.12 -12.24
C GLU B 703 -0.15 32.33 -11.73
N VAL B 704 0.09 31.32 -10.90
CA VAL B 704 -1.00 30.52 -10.32
C VAL B 704 -1.39 31.23 -9.03
N LYS B 705 -2.26 32.22 -9.15
CA LYS B 705 -2.67 33.03 -8.01
C LYS B 705 -3.64 32.26 -7.13
N SER B 706 -3.87 32.80 -5.93
CA SER B 706 -4.78 32.21 -4.97
C SER B 706 -6.24 32.57 -5.22
N SER B 707 -6.52 33.39 -6.24
CA SER B 707 -7.88 33.78 -6.58
C SER B 707 -8.54 32.80 -7.53
N ILE B 708 -8.07 31.56 -7.57
CA ILE B 708 -8.63 30.55 -8.47
C ILE B 708 -9.56 29.57 -7.77
N PHE B 709 -9.55 29.55 -6.44
CA PHE B 709 -10.37 28.60 -5.69
C PHE B 709 -11.75 29.19 -5.43
N PHE B 710 -12.78 28.40 -5.70
CA PHE B 710 -14.16 28.83 -5.53
C PHE B 710 -14.90 27.86 -4.63
N LEU B 711 -16.03 28.32 -4.09
CA LEU B 711 -16.79 27.51 -3.13
C LEU B 711 -17.42 26.30 -3.79
N THR B 712 -18.27 26.52 -4.79
CA THR B 712 -19.01 25.46 -5.45
C THR B 712 -18.77 25.57 -6.96
N ILE B 713 -19.37 24.66 -7.73
CA ILE B 713 -19.30 24.77 -9.17
C ILE B 713 -20.14 25.93 -9.67
N HIS B 714 -21.34 26.09 -9.12
CA HIS B 714 -22.31 27.03 -9.69
C HIS B 714 -21.87 28.47 -9.55
N ASP B 715 -21.33 28.85 -8.39
CA ASP B 715 -20.85 30.23 -8.25
C ASP B 715 -19.62 30.49 -9.10
N ALA B 716 -18.80 29.46 -9.34
CA ALA B 716 -17.70 29.60 -10.28
C ALA B 716 -18.23 29.88 -11.69
N VAL B 717 -19.26 29.14 -12.11
CA VAL B 717 -19.85 29.39 -13.42
C VAL B 717 -20.46 30.78 -13.48
N LEU B 718 -21.11 31.21 -12.39
CA LEU B 718 -21.74 32.53 -12.37
C LEU B 718 -20.71 33.65 -12.45
N HIS B 719 -19.62 33.54 -11.69
CA HIS B 719 -18.53 34.50 -11.80
C HIS B 719 -17.93 34.49 -13.19
N ILE B 720 -17.84 33.31 -13.80
CA ILE B 720 -17.32 33.20 -15.15
C ILE B 720 -18.18 33.98 -16.12
N LEU B 721 -19.51 33.81 -16.01
CA LEU B 721 -20.43 34.52 -16.88
C LEU B 721 -20.36 36.03 -16.64
N MET B 722 -20.29 36.45 -15.38
CA MET B 722 -20.19 37.88 -15.08
C MET B 722 -18.91 38.48 -15.65
N LYS B 723 -17.79 37.76 -15.52
CA LYS B 723 -16.53 38.25 -16.07
C LYS B 723 -16.59 38.35 -17.59
N LYS B 724 -17.18 37.35 -18.24
CA LYS B 724 -17.28 37.38 -19.69
C LYS B 724 -18.19 38.52 -20.16
N ASP B 725 -19.32 38.72 -19.49
CA ASP B 725 -20.25 39.79 -19.84
C ASP B 725 -21.17 40.11 -18.68
#